data_9NHM
#
_entry.id   9NHM
#
_cell.length_a   1.00
_cell.length_b   1.00
_cell.length_c   1.00
_cell.angle_alpha   90.00
_cell.angle_beta   90.00
_cell.angle_gamma   90.00
#
_symmetry.space_group_name_H-M   'P 1'
#
loop_
_entity.id
_entity.type
_entity.pdbx_description
1 polymer 'RUu-V1V2V3-1 pAb heavy chain'
2 polymer 'RUu-V1V2V3-1 pAb light chain'
3 polymer 'BG505-CH505 Envelope glycoprotein gp120'
4 polymer 'BG505-CH505 Transmembrane protein gp41'
5 branched 2-acetamido-2-deoxy-beta-D-glucopyranose-(1-4)-2-acetamido-2-deoxy-beta-D-glucopyranose-(1-4)-2-acetamido-2-deoxy-beta-D-glucopyranose
6 branched beta-D-mannopyranose-(1-4)-2-acetamido-2-deoxy-beta-D-glucopyranose-(1-4)-2-acetamido-2-deoxy-beta-D-glucopyranose
7 branched 2-acetamido-2-deoxy-beta-D-glucopyranose-(1-4)-2-acetamido-2-deoxy-beta-D-glucopyranose
8 non-polymer 2-acetamido-2-deoxy-beta-D-glucopyranose
#
loop_
_entity_poly.entity_id
_entity_poly.type
_entity_poly.pdbx_seq_one_letter_code
_entity_poly.pdbx_strand_id
1 'polypeptide(L)'
;(UNK)(UNK)(UNK)(UNK)(UNK)(UNK)(UNK)(UNK)(UNK)(UNK)(UNK)(UNK)(UNK)(UNK)(UNK)(UNK)
(UNK)(UNK)(UNK)(UNK)(UNK)C(UNK)(UNK)(UNK)(UNK)(UNK)(UNK)(UNK)(UNK)(UNK)(UNK)
(UNK)(UNK)W(UNK)(UNK)(UNK)(UNK)(UNK)(UNK)(UNK)(UNK)(UNK)(UNK)(UNK)(UNK)(UNK)
(UNK)(UNK)(UNK)(UNK)(UNK)(UNK)(UNK)(UNK)(UNK)(UNK)(UNK)(UNK)(UNK)(UNK)(UNK)(UNK)
(UNK)(UNK)(UNK)(UNK)(UNK)(UNK)(UNK)(UNK)(UNK)(UNK)(UNK)(UNK)(UNK)(UNK)(UNK)(UNK)
(UNK)(UNK)(UNK)(UNK)(UNK)(UNK)(UNK)(UNK)(UNK)(UNK)(UNK)(UNK)(UNK)C(UNK)(UNK)
(UNK)(UNK)(UNK)(UNK)(UNK)(UNK)(UNK)(UNK)(UNK)(UNK)(UNK)(UNK)(UNK)(UNK)(UNK)(UNK)
(UNK)(UNK)W(UNK)(UNK)(UNK)(UNK)(UNK)(UNK)(UNK)
;
H
2 'polypeptide(L)'
;(UNK)(UNK)(UNK)(UNK)(UNK)(UNK)(UNK)(UNK)(UNK)(UNK)(UNK)(UNK)(UNK)(UNK)(UNK)(UNK)
(UNK)(UNK)(UNK)(UNK)C(UNK)(UNK)(UNK)(UNK)(UNK)(UNK)(UNK)(UNK)(UNK)(UNK)(UNK)
(UNK)(UNK)(UNK)W(UNK)(UNK)(UNK)(UNK)(UNK)(UNK)(UNK)(UNK)(UNK)(UNK)(UNK)(UNK)
(UNK)(UNK)(UNK)(UNK)(UNK)(UNK)(UNK)(UNK)(UNK)(UNK)(UNK)(UNK)(UNK)(UNK)(UNK)(UNK)
(UNK)(UNK)(UNK)(UNK)(UNK)(UNK)(UNK)(UNK)(UNK)(UNK)(UNK)(UNK)(UNK)(UNK)(UNK)(UNK)
(UNK)(UNK)(UNK)(UNK)(UNK)(UNK)C(UNK)(UNK)(UNK)(UNK)(UNK)(UNK)(UNK)(UNK)(UNK)F
(UNK)(UNK)(UNK)(UNK)(UNK)
;
L
3 'polypeptide(L)'
;MDAMKRGLCCVLLLCGAVFVSPSQEIHARFRRGARAENLWVTVYYGVPVWKDAETTLFCASDAKAYETEKHNVWATHCCV
PTDPNPQEIVLENVTENFNMWKNNMVEQMHEDIISLWDQSLKPCVKLTPLCVTLNCTNATASNSSIIEGMKNCSFNITTE
LRDKREKKNALFYKLDIVQLDGNSSQYRLINCNTSAITQACPKVSFEPIPIHYCAPAGFAILKCNNKTFTGTGPCNNVST
VQCTHGIKPVVSTQLLLNGSLAEGEIIIRSENITDNGKTILVHLNESVKIECTRPNNKTRTSIRIGPGQAFYATGQVIGD
IREAYCNISESTWNETLGKVVKQLRKHFPHKNITFQPSSGGDLEVTTHSFNCGGEFFYCNTSGLFNSTWISNTSVQGSNS
TGSNDSITLPCRIKQIINMWQEVGRAMYAPPIQGNITCVSNITGLILTRDGGKNNTETFRPGGGDMRDNWRSELYKYKVV
KIEPLGVAPTACKRRVVGRRRRRR
;
C,A,E
4 'polypeptide(L)'
;AVGIGAVFLGFLGAAGSTMGAASMTLTVQARNLLSGIVQQQSNLLRAPECQQHLLKDTHWGIKQLQARVLAVEHYLRDQQ
LLGIWGCSGKLICTTNVPWNSTWSNKTLSEIWDNMTWLQWDKEISNYTQIIYGLLEESQNQQEKNETDNLTCD
;
D,B,F
#
# COMPACT_ATOMS: atom_id res chain seq x y z
N UNK A 1 -28.09 -32.27 -24.30
CA UNK A 1 -28.22 -33.53 -23.59
C UNK A 1 -27.06 -34.45 -23.99
N UNK A 2 -26.36 -35.04 -22.98
CA UNK A 2 -25.24 -35.97 -23.20
C UNK A 2 -25.69 -37.21 -23.96
N UNK A 3 -26.91 -37.68 -23.66
CA UNK A 3 -27.47 -38.84 -24.35
C UNK A 3 -26.43 -39.94 -24.44
N UNK A 4 -25.78 -40.23 -23.32
CA UNK A 4 -24.70 -41.18 -23.36
C UNK A 4 -25.16 -42.60 -23.62
N UNK A 5 -24.34 -43.33 -24.37
CA UNK A 5 -24.53 -44.72 -24.69
C UNK A 5 -23.84 -45.63 -23.70
N UNK A 6 -24.63 -46.36 -22.92
CA UNK A 6 -24.05 -47.21 -21.89
C UNK A 6 -23.18 -48.27 -22.54
N UNK A 7 -21.99 -48.49 -21.98
CA UNK A 7 -21.07 -49.48 -22.52
C UNK A 7 -21.40 -50.90 -22.08
N UNK A 8 -21.99 -51.02 -20.89
CA UNK A 8 -22.34 -52.29 -20.25
C UNK A 8 -21.12 -53.14 -19.90
N UNK A 9 -21.36 -54.25 -19.21
CA UNK A 9 -20.33 -55.16 -18.75
C UNK A 9 -20.92 -56.54 -18.56
N UNK A 10 -20.06 -57.57 -18.54
CA UNK A 10 -20.49 -58.93 -18.25
C UNK A 10 -20.82 -59.07 -16.78
N UNK A 11 -21.75 -59.95 -16.44
CA UNK A 11 -22.05 -60.24 -15.05
C UNK A 11 -20.95 -61.12 -14.47
N UNK A 12 -20.69 -60.98 -13.18
CA UNK A 12 -19.72 -61.84 -12.51
C UNK A 12 -20.33 -62.45 -11.27
N UNK A 13 -19.87 -63.65 -10.94
CA UNK A 13 -20.37 -64.34 -9.78
C UNK A 13 -19.73 -63.83 -8.51
N UNK A 14 -20.11 -62.61 -8.12
CA UNK A 14 -19.51 -61.97 -6.96
C UNK A 14 -18.01 -61.98 -7.10
N UNK A 15 -17.54 -61.53 -8.25
CA UNK A 15 -16.13 -61.57 -8.53
C UNK A 15 -15.68 -60.44 -9.43
N UNK A 16 -14.39 -60.15 -9.33
CA UNK A 16 -13.70 -59.13 -10.13
C UNK A 16 -14.29 -57.72 -9.96
N UNK A 17 -14.47 -57.00 -11.07
CA UNK A 17 -14.93 -55.61 -11.03
C UNK A 17 -15.34 -55.11 -12.42
N UNK A 18 -16.03 -53.97 -12.45
CA UNK A 18 -16.35 -53.31 -13.72
C UNK A 18 -16.44 -51.78 -13.58
N UNK A 19 -16.18 -51.10 -14.70
CA UNK A 19 -16.30 -49.65 -14.86
C UNK A 19 -16.76 -49.35 -16.27
N UNK A 20 -17.94 -49.85 -16.63
CA UNK A 20 -18.34 -49.77 -18.03
C UNK A 20 -18.47 -48.36 -18.59
N UNK A 21 -19.03 -47.46 -17.78
CA UNK A 21 -19.28 -46.07 -18.15
C UNK A 21 -20.25 -46.01 -19.35
N CYS A 22 -20.55 -44.78 -19.85
CA CYS A 22 -21.40 -44.50 -20.99
C CYS A 22 -20.68 -43.48 -21.88
N UNK A 23 -20.72 -43.68 -23.19
CA UNK A 23 -20.05 -42.72 -24.08
C UNK A 23 -20.96 -41.56 -24.44
N UNK A 24 -20.53 -40.34 -24.15
CA UNK A 24 -21.32 -39.14 -24.39
C UNK A 24 -21.51 -38.90 -25.88
N UNK A 25 -22.66 -38.32 -26.25
CA UNK A 25 -22.97 -37.97 -27.63
C UNK A 25 -22.26 -36.69 -28.04
N UNK A 26 -21.87 -35.91 -27.04
CA UNK A 26 -21.19 -34.65 -27.26
C UNK A 26 -20.31 -34.34 -26.07
N UNK A 27 -19.18 -33.69 -26.36
CA UNK A 27 -18.20 -33.25 -25.39
C UNK A 27 -17.66 -34.41 -24.58
N UNK A 28 -16.79 -34.06 -23.65
CA UNK A 28 -16.19 -34.98 -22.74
C UNK A 28 -15.78 -34.18 -21.55
N UNK A 29 -15.77 -34.77 -20.37
CA UNK A 29 -15.38 -33.99 -19.23
C UNK A 29 -16.30 -32.77 -19.18
N UNK A 30 -15.81 -31.63 -19.61
CA UNK A 30 -16.55 -30.38 -19.58
C UNK A 30 -17.05 -30.13 -18.18
N UNK A 31 -18.34 -29.83 -18.03
CA UNK A 31 -18.89 -29.54 -16.71
C UNK A 31 -20.33 -29.99 -16.60
N UNK A 32 -20.57 -31.27 -16.90
CA UNK A 32 -21.90 -31.86 -16.84
C UNK A 32 -21.78 -33.38 -16.87
N UNK A 33 -21.68 -34.00 -15.70
CA UNK A 33 -21.50 -35.44 -15.64
C UNK A 33 -22.00 -35.99 -14.30
N UNK A 34 -22.37 -37.27 -14.28
CA UNK A 34 -22.82 -37.96 -13.07
C UNK A 34 -22.81 -39.50 -13.25
N TRP A 35 -22.72 -40.26 -12.15
CA TRP A 35 -22.83 -41.73 -12.20
C TRP A 35 -23.76 -42.27 -11.09
N UNK A 36 -24.62 -43.23 -11.42
CA UNK A 36 -25.54 -43.75 -10.42
C UNK A 36 -25.83 -45.23 -10.53
N UNK A 37 -26.19 -45.79 -9.39
CA UNK A 37 -26.61 -47.16 -9.28
C UNK A 37 -28.02 -47.24 -9.79
N UNK A 38 -28.45 -48.41 -10.23
CA UNK A 38 -29.83 -48.51 -10.61
C UNK A 38 -30.39 -49.85 -10.19
N UNK A 39 -31.63 -49.85 -9.73
CA UNK A 39 -32.28 -51.07 -9.31
C UNK A 39 -33.76 -50.85 -9.18
N UNK A 40 -34.53 -51.94 -9.16
CA UNK A 40 -35.96 -51.84 -8.85
C UNK A 40 -36.10 -51.82 -7.34
N UNK A 41 -35.54 -50.78 -6.76
CA UNK A 41 -35.44 -50.54 -5.35
C UNK A 41 -35.40 -49.06 -5.05
N UNK A 42 -36.50 -48.36 -5.32
CA UNK A 42 -36.56 -46.91 -5.14
C UNK A 42 -35.43 -46.19 -5.89
N UNK A 43 -35.17 -46.64 -7.10
CA UNK A 43 -34.14 -46.09 -7.99
C UNK A 43 -32.73 -46.15 -7.42
N UNK A 44 -32.46 -47.06 -6.49
CA UNK A 44 -31.14 -47.24 -5.91
C UNK A 44 -30.58 -45.94 -5.31
N UNK A 45 -29.37 -45.55 -5.74
CA UNK A 45 -28.73 -44.36 -5.18
C UNK A 45 -27.67 -43.78 -6.08
N UNK A 46 -27.38 -42.50 -5.90
CA UNK A 46 -26.26 -41.91 -6.63
C UNK A 46 -25.02 -42.67 -6.22
N UNK A 47 -24.17 -42.99 -7.18
CA UNK A 47 -22.98 -43.76 -6.89
C UNK A 47 -21.77 -42.88 -6.81
N UNK A 48 -21.71 -41.88 -7.69
CA UNK A 48 -20.57 -40.99 -7.67
C UNK A 48 -20.85 -39.64 -8.27
N UNK A 49 -20.19 -38.68 -7.70
CA UNK A 49 -20.19 -37.32 -8.17
C UNK A 49 -19.12 -37.20 -9.21
N UNK A 50 -19.30 -37.91 -10.30
CA UNK A 50 -18.34 -37.87 -11.38
C UNK A 50 -18.76 -36.68 -12.23
N UNK A 51 -18.61 -35.50 -11.62
CA UNK A 51 -19.13 -34.22 -12.08
C UNK A 51 -18.39 -33.50 -13.17
N UNK A 52 -17.17 -33.92 -13.46
CA UNK A 52 -16.30 -33.16 -14.34
C UNK A 52 -16.21 -31.79 -13.70
N UNK A 53 -16.24 -30.68 -14.44
CA UNK A 53 -16.15 -29.37 -13.79
C UNK A 53 -14.94 -29.30 -12.86
N UNK A 54 -13.83 -29.89 -13.29
CA UNK A 54 -12.59 -29.94 -12.52
C UNK A 54 -12.77 -30.57 -11.12
N UNK A 55 -13.69 -31.53 -10.93
CA UNK A 55 -13.87 -32.14 -9.63
C UNK A 55 -14.50 -33.54 -9.67
N UNK A 56 -14.29 -34.32 -8.61
CA UNK A 56 -14.99 -35.58 -8.49
C UNK A 56 -15.04 -36.04 -7.03
N UNK A 57 -16.08 -36.78 -6.71
CA UNK A 57 -16.24 -37.39 -5.38
C UNK A 57 -17.15 -38.62 -5.43
N UNK A 58 -17.06 -39.48 -4.42
CA UNK A 58 -17.97 -40.61 -4.30
C UNK A 58 -19.31 -40.14 -3.77
N UNK A 59 -20.39 -40.90 -4.01
CA UNK A 59 -21.70 -40.53 -3.47
C UNK A 59 -22.14 -41.58 -2.46
N UNK A 60 -23.43 -41.59 -2.10
CA UNK A 60 -23.91 -42.47 -1.03
C UNK A 60 -24.27 -43.92 -1.37
N UNK A 61 -24.25 -44.36 -2.64
CA UNK A 61 -24.66 -45.75 -2.89
C UNK A 61 -23.84 -46.77 -2.12
N UNK A 62 -22.55 -46.53 -1.94
CA UNK A 62 -21.70 -47.45 -1.19
C UNK A 62 -20.50 -46.71 -0.63
N UNK A 63 -20.13 -47.01 0.60
CA UNK A 63 -18.98 -46.33 1.21
C UNK A 63 -17.66 -46.59 0.50
N UNK A 64 -17.46 -47.82 0.03
CA UNK A 64 -16.20 -48.14 -0.62
C UNK A 64 -16.35 -49.25 -1.65
N UNK A 65 -17.29 -49.11 -2.58
CA UNK A 65 -17.48 -50.17 -3.58
C UNK A 65 -16.77 -49.83 -4.88
N UNK A 66 -16.63 -48.54 -5.14
CA UNK A 66 -16.06 -48.04 -6.37
C UNK A 66 -15.53 -46.64 -6.17
N UNK A 67 -14.57 -46.23 -6.98
CA UNK A 67 -14.08 -44.86 -6.93
C UNK A 67 -14.41 -44.11 -8.20
N UNK A 68 -14.78 -42.84 -8.10
CA UNK A 68 -15.09 -42.10 -9.33
C UNK A 68 -13.87 -42.14 -10.25
N UNK A 69 -14.10 -42.38 -11.55
CA UNK A 69 -13.02 -42.40 -12.51
C UNK A 69 -13.51 -41.89 -13.87
N UNK A 70 -12.61 -41.31 -14.67
CA UNK A 70 -13.04 -40.82 -15.97
C UNK A 70 -11.92 -40.72 -16.98
N UNK A 71 -12.29 -40.73 -18.25
CA UNK A 71 -11.34 -40.48 -19.31
C UNK A 71 -11.95 -39.56 -20.34
N UNK A 72 -11.41 -38.35 -20.43
CA UNK A 72 -11.97 -37.39 -21.37
C UNK A 72 -11.84 -37.93 -22.78
N UNK A 73 -10.76 -38.64 -23.02
CA UNK A 73 -10.45 -39.23 -24.31
C UNK A 73 -11.51 -40.21 -24.78
N UNK A 74 -12.20 -40.85 -23.84
CA UNK A 74 -13.21 -41.84 -24.15
C UNK A 74 -14.59 -41.24 -24.16
N UNK A 75 -14.70 -39.96 -23.82
CA UNK A 75 -15.98 -39.30 -23.63
C UNK A 75 -16.78 -40.11 -22.64
N UNK A 76 -16.14 -40.63 -21.59
CA UNK A 76 -16.91 -41.47 -20.68
C UNK A 76 -16.38 -41.46 -19.25
N UNK A 77 -17.28 -41.75 -18.31
CA UNK A 77 -16.93 -41.85 -16.90
C UNK A 77 -17.82 -42.84 -16.16
N UNK A 78 -17.28 -43.41 -15.11
CA UNK A 78 -17.95 -44.35 -14.21
C UNK A 78 -17.20 -44.42 -12.93
N UNK A 79 -17.82 -44.88 -11.87
CA UNK A 79 -17.00 -45.18 -10.75
C UNK A 79 -16.45 -46.55 -11.05
N UNK A 80 -15.19 -46.76 -10.74
CA UNK A 80 -14.55 -48.03 -10.97
C UNK A 80 -14.65 -48.91 -9.77
N UNK A 81 -15.34 -50.02 -9.94
CA UNK A 81 -15.61 -50.96 -8.88
C UNK A 81 -14.39 -51.77 -8.53
N UNK A 82 -14.42 -52.30 -7.34
CA UNK A 82 -13.41 -53.22 -6.87
C UNK A 82 -14.05 -54.20 -5.93
N UNK A 83 -13.45 -55.38 -5.78
CA UNK A 83 -13.95 -56.35 -4.81
C UNK A 83 -15.44 -56.62 -5.00
N UNK A 84 -15.84 -56.99 -6.21
CA UNK A 84 -17.24 -57.23 -6.49
C UNK A 84 -17.80 -58.30 -5.58
N UNK A 85 -19.07 -58.13 -5.27
CA UNK A 85 -19.81 -59.01 -4.38
C UNK A 85 -21.23 -59.15 -4.90
N UNK A 86 -21.94 -60.17 -4.45
CA UNK A 86 -23.30 -60.43 -4.91
C UNK A 86 -24.23 -59.26 -4.66
N UNK A 87 -23.98 -58.49 -3.62
CA UNK A 87 -24.79 -57.33 -3.26
C UNK A 87 -24.80 -56.28 -4.38
N UNK A 88 -23.78 -56.30 -5.23
CA UNK A 88 -23.58 -55.36 -6.32
C UNK A 88 -24.26 -55.84 -7.61
N UNK A 89 -24.92 -56.99 -7.56
CA UNK A 89 -25.52 -57.57 -8.75
C UNK A 89 -26.79 -56.80 -9.13
N UNK A 90 -26.57 -55.66 -9.74
CA UNK A 90 -27.60 -54.70 -10.08
C UNK A 90 -27.23 -53.86 -11.30
N UNK A 91 -28.21 -53.10 -11.75
CA UNK A 91 -28.11 -52.16 -12.85
C UNK A 91 -27.31 -50.91 -12.47
N UNK A 92 -26.90 -50.19 -13.50
CA UNK A 92 -26.20 -48.91 -13.34
C UNK A 92 -26.59 -47.98 -14.48
N UNK A 93 -26.47 -46.67 -14.25
CA UNK A 93 -26.86 -45.68 -15.24
C UNK A 93 -26.03 -44.40 -15.15
N CYS A 94 -26.02 -43.62 -16.25
CA CYS A 94 -25.31 -42.33 -16.39
C CYS A 94 -26.33 -41.18 -16.50
N UNK A 95 -25.91 -40.00 -16.07
CA UNK A 95 -26.72 -38.76 -16.16
C UNK A 95 -25.78 -37.59 -16.24
N UNK A 96 -26.27 -36.41 -16.59
CA UNK A 96 -25.35 -35.28 -16.67
C UNK A 96 -25.92 -33.98 -16.14
N UNK A 97 -26.26 -33.92 -14.84
CA UNK A 97 -26.77 -32.65 -14.34
C UNK A 97 -25.67 -31.62 -14.56
N UNK A 98 -26.03 -30.46 -15.06
CA UNK A 98 -25.05 -29.41 -15.29
C UNK A 98 -24.44 -28.93 -13.99
N UNK A 99 -23.17 -28.57 -14.05
CA UNK A 99 -22.48 -28.02 -12.90
C UNK A 99 -22.98 -26.61 -12.60
N UNK A 100 -22.83 -26.21 -11.34
CA UNK A 100 -23.15 -24.86 -10.89
C UNK A 100 -22.34 -24.53 -9.65
N UNK A 101 -22.16 -23.25 -9.41
CA UNK A 101 -21.48 -22.78 -8.22
C UNK A 101 -22.52 -22.55 -7.13
N UNK A 102 -22.29 -23.11 -5.95
CA UNK A 102 -23.25 -22.95 -4.86
C UNK A 102 -22.56 -22.82 -3.52
N UNK A 103 -21.63 -21.89 -3.39
CA UNK A 103 -20.87 -21.75 -2.15
C UNK A 103 -20.02 -23.00 -1.91
N UNK A 104 -20.09 -23.54 -0.69
CA UNK A 104 -19.31 -24.72 -0.33
C UNK A 104 -19.84 -25.97 -1.02
N UNK A 105 -18.92 -26.87 -1.36
CA UNK A 105 -19.27 -28.14 -1.97
C UNK A 105 -20.12 -27.91 -3.22
N UNK A 106 -21.25 -28.60 -3.32
CA UNK A 106 -22.10 -28.47 -4.49
C UNK A 106 -23.51 -28.94 -4.18
N UNK A 107 -24.45 -28.53 -5.02
CA UNK A 107 -25.82 -29.01 -4.91
C UNK A 107 -26.33 -29.29 -6.30
N UNK A 108 -27.05 -30.39 -6.49
CA UNK A 108 -27.57 -30.67 -7.83
C UNK A 108 -28.89 -29.97 -8.06
N UNK A 109 -28.87 -28.64 -8.02
CA UNK A 109 -30.09 -27.90 -8.25
C UNK A 109 -30.60 -28.19 -9.65
N UNK A 110 -29.66 -28.37 -10.58
CA UNK A 110 -29.99 -28.73 -11.94
C UNK A 110 -30.48 -30.15 -11.94
N UNK A 111 -31.48 -30.43 -12.74
CA UNK A 111 -32.02 -31.78 -12.82
C UNK A 111 -31.03 -32.75 -13.44
N UNK A 112 -31.17 -34.04 -13.09
CA UNK A 112 -30.32 -35.07 -13.67
C UNK A 112 -30.79 -35.39 -15.06
N UNK A 113 -30.44 -34.48 -15.95
CA UNK A 113 -30.76 -34.47 -17.34
C UNK A 113 -29.95 -35.51 -18.06
N UNK A 114 -30.42 -35.88 -19.24
CA UNK A 114 -29.70 -36.81 -20.10
C UNK A 114 -29.46 -38.17 -19.50
N TRP A 115 -30.48 -38.79 -18.92
CA TRP A 115 -30.25 -40.13 -18.44
C TRP A 115 -29.99 -41.06 -19.61
N UNK A 116 -28.99 -41.89 -19.43
CA UNK A 116 -28.54 -42.88 -20.39
C UNK A 116 -29.48 -44.06 -20.44
N UNK A 117 -29.38 -44.82 -21.51
CA UNK A 117 -30.15 -46.05 -21.69
C UNK A 117 -29.89 -47.03 -20.56
N UNK A 118 -28.71 -46.91 -19.97
CA UNK A 118 -28.23 -47.71 -18.86
C UNK A 118 -27.95 -49.15 -19.26
N UNK A 119 -27.46 -49.91 -18.30
CA UNK A 119 -27.07 -51.29 -18.52
C UNK A 119 -27.12 -52.07 -17.23
N UNK A 120 -27.10 -53.39 -17.31
CA UNK A 120 -27.05 -54.16 -16.09
C UNK A 120 -26.23 -55.41 -16.28
N UNK A 121 -25.61 -55.85 -15.19
CA UNK A 121 -24.80 -57.06 -15.21
C UNK A 121 -24.94 -57.84 -13.91
N UNK A 122 -26.18 -58.25 -13.57
CA UNK A 122 -26.55 -58.91 -12.32
C UNK A 122 -26.42 -60.42 -12.49
N UNK B 1 -29.75 -36.98 5.03
CA UNK B 1 -30.94 -36.66 4.27
C UNK B 1 -31.75 -37.95 4.09
N UNK B 2 -33.06 -37.80 3.79
CA UNK B 2 -34.01 -38.88 3.54
C UNK B 2 -35.16 -38.38 2.71
N UNK B 3 -35.73 -39.30 1.95
CA UNK B 3 -36.88 -39.01 1.13
C UNK B 3 -37.77 -40.21 1.10
N UNK B 4 -39.05 -39.96 1.10
CA UNK B 4 -40.10 -40.95 1.00
C UNK B 4 -41.35 -40.19 0.73
N UNK B 5 -42.36 -40.80 0.14
CA UNK B 5 -43.63 -40.10 -0.01
C UNK B 5 -44.74 -41.14 -0.04
N UNK B 6 -45.91 -40.80 0.50
CA UNK B 6 -47.03 -41.75 0.51
C UNK B 6 -47.80 -41.77 -0.80
N UNK B 7 -47.14 -42.25 -1.84
CA UNK B 7 -47.69 -42.25 -3.20
C UNK B 7 -47.96 -43.65 -3.71
N UNK B 8 -48.16 -44.59 -2.80
CA UNK B 8 -48.44 -45.97 -3.15
C UNK B 8 -49.82 -46.11 -3.75
N UNK B 9 -49.97 -47.05 -4.69
CA UNK B 9 -51.27 -47.38 -5.28
C UNK B 9 -51.99 -46.17 -5.83
N UNK B 10 -51.26 -45.31 -6.52
CA UNK B 10 -51.84 -44.10 -7.08
C UNK B 10 -52.55 -44.39 -8.39
N UNK B 11 -53.63 -45.14 -8.30
CA UNK B 11 -54.41 -45.53 -9.46
C UNK B 11 -55.44 -44.45 -9.73
N UNK B 12 -55.18 -43.61 -10.72
CA UNK B 12 -56.03 -42.47 -10.97
C UNK B 12 -55.91 -41.96 -12.39
N UNK B 13 -56.90 -41.17 -12.78
CA UNK B 13 -56.91 -40.48 -14.06
C UNK B 13 -57.66 -39.16 -13.91
N UNK B 14 -57.32 -38.20 -14.76
CA UNK B 14 -57.92 -36.85 -14.85
C UNK B 14 -57.51 -35.95 -13.67
N UNK B 15 -57.76 -36.42 -12.46
CA UNK B 15 -57.39 -35.70 -11.26
C UNK B 15 -55.98 -36.07 -10.84
N UNK B 16 -55.11 -35.08 -10.84
CA UNK B 16 -53.73 -35.26 -10.48
C UNK B 16 -53.52 -35.25 -8.99
N UNK B 17 -52.50 -35.96 -8.54
CA UNK B 17 -52.12 -35.99 -7.16
C UNK B 17 -50.70 -36.48 -7.01
N UNK B 18 -50.08 -36.13 -5.90
CA UNK B 18 -48.79 -36.67 -5.51
C UNK B 18 -48.69 -36.55 -4.03
N UNK B 19 -47.90 -37.38 -3.43
CA UNK B 19 -47.67 -37.23 -2.02
C UNK B 19 -46.46 -36.36 -1.81
N UNK B 20 -46.49 -35.61 -0.74
CA UNK B 20 -45.35 -34.80 -0.35
C UNK B 20 -44.25 -35.69 0.15
N CYS B 21 -42.98 -35.31 -0.10
CA CYS B 21 -41.81 -36.03 0.39
C CYS B 21 -41.48 -35.73 1.85
N UNK B 22 -40.83 -36.70 2.48
CA UNK B 22 -40.39 -36.60 3.87
C UNK B 22 -39.55 -35.37 4.11
N UNK B 23 -38.71 -35.01 3.14
CA UNK B 23 -37.88 -33.82 3.28
C UNK B 23 -37.18 -33.81 4.61
N UNK B 24 -36.47 -34.90 4.97
CA UNK B 24 -35.81 -34.91 6.28
C UNK B 24 -34.83 -33.75 6.33
N UNK B 25 -34.22 -33.48 5.19
CA UNK B 25 -33.34 -32.37 4.98
C UNK B 25 -34.15 -31.42 4.14
N UNK B 26 -34.26 -30.15 4.54
CA UNK B 26 -35.07 -29.23 3.76
C UNK B 26 -34.56 -29.10 2.33
N UNK B 27 -33.23 -29.17 2.17
CA UNK B 27 -32.60 -29.08 0.87
C UNK B 27 -33.02 -27.80 0.16
N UNK B 28 -33.12 -26.71 0.91
CA UNK B 28 -33.54 -25.47 0.31
C UNK B 28 -32.80 -24.29 0.89
N UNK B 29 -31.47 -24.37 0.98
CA UNK B 29 -30.70 -23.24 1.50
C UNK B 29 -30.88 -22.05 0.59
N UNK B 30 -30.96 -22.35 -0.70
CA UNK B 30 -31.19 -21.37 -1.73
C UNK B 30 -31.76 -22.07 -2.94
N UNK B 31 -32.81 -21.49 -3.49
CA UNK B 31 -33.46 -21.98 -4.71
C UNK B 31 -33.97 -23.41 -4.66
N UNK B 32 -34.44 -23.90 -3.51
CA UNK B 32 -35.03 -25.24 -3.45
C UNK B 32 -34.19 -26.33 -4.13
N UNK B 33 -32.97 -26.60 -3.68
CA UNK B 33 -32.12 -27.59 -4.35
C UNK B 33 -32.54 -29.02 -4.07
N UNK B 34 -33.62 -29.38 -4.74
CA UNK B 34 -34.29 -30.67 -4.71
C UNK B 34 -34.94 -30.90 -6.06
N UNK B 35 -35.12 -32.16 -6.47
CA UNK B 35 -35.73 -32.40 -7.77
C UNK B 35 -36.51 -33.70 -7.87
N TRP B 36 -37.41 -33.74 -8.85
CA TRP B 36 -38.25 -34.88 -9.19
C TRP B 36 -37.99 -35.44 -10.58
N UNK B 37 -38.12 -36.75 -10.71
CA UNK B 37 -37.99 -37.44 -11.99
C UNK B 37 -38.89 -38.65 -11.98
N UNK B 38 -39.22 -39.15 -13.16
CA UNK B 38 -40.08 -40.32 -13.24
C UNK B 38 -39.71 -41.19 -14.41
N UNK B 39 -40.10 -42.47 -14.32
CA UNK B 39 -39.80 -43.39 -15.41
C UNK B 39 -40.94 -44.36 -15.68
N UNK B 40 -41.22 -44.49 -16.95
CA UNK B 40 -42.19 -45.41 -17.49
C UNK B 40 -41.61 -46.80 -17.39
N UNK B 41 -42.44 -47.81 -17.51
CA UNK B 41 -41.88 -49.14 -17.47
C UNK B 41 -40.90 -49.28 -18.61
N UNK B 42 -39.76 -49.94 -18.35
CA UNK B 42 -38.73 -50.17 -19.36
C UNK B 42 -38.26 -48.87 -20.00
N UNK B 43 -37.99 -47.88 -19.15
CA UNK B 43 -37.54 -46.59 -19.63
C UNK B 43 -36.63 -45.90 -18.63
N UNK B 44 -35.79 -45.02 -19.16
CA UNK B 44 -34.91 -44.19 -18.35
C UNK B 44 -35.75 -43.15 -17.66
N UNK B 45 -35.29 -42.69 -16.52
CA UNK B 45 -35.97 -41.62 -15.83
C UNK B 45 -35.78 -40.32 -16.56
N UNK B 46 -36.72 -39.41 -16.38
CA UNK B 46 -36.59 -38.08 -16.94
C UNK B 46 -37.10 -37.08 -15.93
N UNK B 47 -36.52 -35.89 -15.97
CA UNK B 47 -36.92 -34.86 -15.03
C UNK B 47 -38.37 -34.52 -15.18
N UNK B 48 -39.02 -34.36 -14.05
CA UNK B 48 -40.42 -33.97 -14.01
C UNK B 48 -40.52 -32.53 -13.55
N UNK B 49 -39.69 -32.21 -12.55
CA UNK B 49 -39.66 -30.89 -11.93
C UNK B 49 -38.34 -30.66 -11.24
N UNK B 50 -37.97 -29.41 -11.08
CA UNK B 50 -36.77 -29.08 -10.31
C UNK B 50 -37.02 -27.79 -9.59
N UNK B 51 -36.64 -27.71 -8.33
CA UNK B 51 -36.88 -26.51 -7.53
C UNK B 51 -38.37 -26.15 -7.58
N UNK B 52 -39.20 -27.20 -7.52
CA UNK B 52 -40.66 -27.17 -7.57
C UNK B 52 -41.21 -26.53 -8.85
N UNK B 53 -40.44 -26.49 -9.92
CA UNK B 53 -40.88 -25.93 -11.17
C UNK B 53 -40.94 -26.99 -12.24
N UNK B 54 -41.89 -26.88 -13.16
CA UNK B 54 -41.96 -27.90 -14.20
C UNK B 54 -40.62 -27.99 -14.88
N UNK B 55 -40.15 -29.20 -15.11
CA UNK B 55 -38.85 -29.36 -15.72
C UNK B 55 -38.89 -28.82 -17.14
N UNK B 56 -37.78 -28.23 -17.54
CA UNK B 56 -37.70 -27.71 -18.88
C UNK B 56 -37.81 -28.85 -19.85
N UNK B 57 -38.56 -28.60 -20.92
CA UNK B 57 -38.75 -29.54 -22.00
C UNK B 57 -39.31 -30.87 -21.53
N UNK B 58 -40.05 -30.87 -20.42
CA UNK B 58 -40.66 -32.09 -19.94
C UNK B 58 -42.13 -32.13 -20.30
N UNK B 59 -43.00 -31.56 -19.47
CA UNK B 59 -44.41 -31.62 -19.79
C UNK B 59 -45.17 -30.46 -19.19
N UNK B 60 -46.29 -30.14 -19.83
CA UNK B 60 -47.22 -29.15 -19.32
C UNK B 60 -47.89 -29.65 -18.05
N UNK B 61 -48.11 -30.96 -17.99
CA UNK B 61 -48.78 -31.55 -16.85
C UNK B 61 -47.81 -31.77 -15.71
N UNK B 62 -47.32 -30.68 -15.15
CA UNK B 62 -46.37 -30.75 -14.06
C UNK B 62 -46.57 -29.56 -13.14
N UNK B 63 -46.42 -29.83 -11.86
CA UNK B 63 -46.56 -28.82 -10.84
C UNK B 63 -45.93 -29.32 -9.55
N UNK B 64 -45.65 -28.42 -8.62
CA UNK B 64 -45.22 -28.89 -7.32
C UNK B 64 -45.50 -27.83 -6.28
N UNK B 65 -45.73 -28.29 -5.06
CA UNK B 65 -45.93 -27.39 -3.94
C UNK B 65 -44.67 -26.60 -3.58
N UNK B 66 -44.85 -25.36 -3.17
CA UNK B 66 -43.72 -24.54 -2.75
C UNK B 66 -43.34 -24.85 -1.31
N UNK B 67 -42.74 -26.01 -1.12
CA UNK B 67 -42.38 -26.51 0.20
C UNK B 67 -41.19 -27.44 0.13
N UNK B 68 -40.44 -27.58 1.22
CA UNK B 68 -39.39 -28.61 1.13
C UNK B 68 -40.09 -29.95 0.97
N UNK B 69 -41.16 -30.14 1.73
CA UNK B 69 -41.98 -31.33 1.65
C UNK B 69 -43.02 -31.09 0.59
N UNK B 70 -42.56 -30.94 -0.62
CA UNK B 70 -43.46 -30.67 -1.72
C UNK B 70 -43.99 -31.93 -2.29
N UNK B 71 -45.21 -31.85 -2.80
CA UNK B 71 -45.84 -32.90 -3.56
C UNK B 71 -45.87 -32.49 -5.01
N UNK B 72 -45.23 -33.25 -5.88
CA UNK B 72 -45.21 -32.90 -7.30
C UNK B 72 -46.43 -33.44 -8.01
N UNK B 73 -47.59 -32.94 -7.63
CA UNK B 73 -48.81 -33.39 -8.25
C UNK B 73 -48.77 -32.91 -9.67
N UNK B 74 -49.26 -33.70 -10.60
CA UNK B 74 -49.27 -33.20 -11.95
C UNK B 74 -50.24 -32.04 -12.02
N UNK B 75 -50.03 -31.14 -12.94
CA UNK B 75 -51.02 -30.08 -13.07
C UNK B 75 -52.37 -30.70 -13.43
N UNK B 76 -52.34 -31.78 -14.21
CA UNK B 76 -53.51 -32.51 -14.62
C UNK B 76 -53.11 -33.94 -14.84
N UNK B 77 -54.06 -34.87 -14.70
CA UNK B 77 -53.78 -36.28 -14.96
C UNK B 77 -54.64 -36.77 -16.10
N UNK B 78 -54.93 -35.87 -17.03
CA UNK B 78 -55.76 -36.18 -18.18
C UNK B 78 -55.19 -37.33 -19.01
N UNK B 79 -53.87 -37.44 -19.07
CA UNK B 79 -53.21 -38.49 -19.83
C UNK B 79 -53.11 -39.80 -19.07
N UNK B 80 -53.49 -39.81 -17.79
CA UNK B 80 -53.30 -41.00 -16.97
C UNK B 80 -51.82 -41.35 -17.03
N UNK B 81 -51.48 -42.51 -17.61
CA UNK B 81 -50.08 -42.93 -17.72
C UNK B 81 -49.32 -42.94 -16.40
N UNK B 82 -49.90 -43.54 -15.36
CA UNK B 82 -49.20 -43.59 -14.09
C UNK B 82 -47.88 -44.32 -14.26
N UNK B 83 -46.87 -43.81 -13.59
CA UNK B 83 -45.54 -44.38 -13.63
C UNK B 83 -44.84 -44.03 -12.35
N UNK B 84 -43.83 -44.79 -12.01
CA UNK B 84 -43.09 -44.50 -10.81
C UNK B 84 -42.45 -43.14 -10.84
N UNK B 85 -42.54 -42.42 -9.72
CA UNK B 85 -41.90 -41.12 -9.62
C UNK B 85 -41.32 -40.91 -8.25
N UNK B 86 -40.22 -40.18 -8.19
CA UNK B 86 -39.55 -39.92 -6.94
C UNK B 86 -38.81 -38.60 -6.91
N CYS B 87 -38.61 -38.07 -5.69
CA CYS B 87 -37.84 -36.88 -5.38
C CYS B 87 -36.45 -37.31 -4.90
N UNK B 88 -35.51 -36.40 -5.05
CA UNK B 88 -34.19 -36.61 -4.49
C UNK B 88 -33.72 -35.40 -3.73
N UNK B 89 -33.01 -35.66 -2.64
CA UNK B 89 -32.44 -34.58 -1.82
C UNK B 89 -31.17 -34.08 -2.46
N UNK B 90 -31.33 -33.40 -3.58
CA UNK B 90 -30.28 -32.93 -4.48
C UNK B 90 -29.22 -32.10 -3.79
N UNK B 91 -29.61 -31.33 -2.79
CA UNK B 91 -28.70 -30.50 -2.01
C UNK B 91 -27.62 -31.33 -1.32
N UNK B 92 -27.92 -32.57 -1.00
CA UNK B 92 -27.02 -33.45 -0.27
C UNK B 92 -26.16 -34.28 -1.21
N UNK B 93 -24.91 -34.58 -0.81
CA UNK B 93 -24.15 -35.53 -1.61
C UNK B 93 -24.92 -36.85 -1.56
N UNK B 94 -25.47 -37.10 -0.39
CA UNK B 94 -26.32 -38.24 -0.15
C UNK B 94 -27.73 -37.86 -0.56
N UNK B 95 -27.93 -37.70 -1.86
CA UNK B 95 -29.20 -37.23 -2.35
C UNK B 95 -30.19 -38.33 -2.35
N UNK B 96 -30.71 -38.61 -1.16
CA UNK B 96 -31.60 -39.71 -0.88
C UNK B 96 -32.80 -39.67 -1.78
N PHE B 97 -33.20 -40.85 -2.27
CA PHE B 97 -34.33 -40.99 -3.18
C PHE B 97 -35.58 -41.51 -2.49
N UNK B 98 -36.73 -40.99 -2.93
CA UNK B 98 -38.03 -41.47 -2.47
C UNK B 98 -38.30 -42.84 -3.09
N UNK B 99 -39.31 -43.53 -2.57
CA UNK B 99 -39.72 -44.90 -2.91
C UNK B 99 -39.98 -45.18 -4.39
N UNK B 100 -40.29 -44.16 -5.17
CA UNK B 100 -40.59 -44.30 -6.59
C UNK B 100 -41.82 -45.15 -6.83
N UNK B 101 -42.90 -44.78 -6.14
CA UNK B 101 -44.19 -45.42 -6.28
C UNK B 101 -44.90 -44.85 -7.51
N UNK B 102 -45.82 -45.64 -8.15
CA UNK B 102 -46.64 -45.25 -9.32
C UNK B 102 -47.35 -43.91 -9.12
N GLU C 37 -1.91 61.46 6.36
CA GLU C 37 -3.29 60.94 6.44
C GLU C 37 -3.69 60.44 7.85
N ASN C 38 -2.71 60.26 8.77
CA ASN C 38 -2.85 59.73 10.15
C ASN C 38 -3.47 58.34 10.19
N LEU C 39 -3.06 57.51 9.26
CA LEU C 39 -3.53 56.14 9.20
C LEU C 39 -2.35 55.23 9.40
N TRP C 40 -2.58 54.13 10.09
CA TRP C 40 -1.60 53.11 10.39
C TRP C 40 -2.17 51.78 10.00
N VAL C 41 -1.30 50.84 9.74
CA VAL C 41 -1.79 49.55 9.33
C VAL C 41 -2.44 48.79 10.47
N THR C 42 -3.66 48.30 10.26
CA THR C 42 -4.33 47.46 11.24
C THR C 42 -4.38 46.08 10.68
N VAL C 43 -3.98 45.13 11.50
CA VAL C 43 -3.97 43.75 11.11
C VAL C 43 -5.19 43.06 11.62
N TYR C 44 -5.88 42.37 10.74
CA TYR C 44 -7.08 41.64 11.11
C TYR C 44 -6.97 40.16 10.79
N TYR C 45 -7.44 39.33 11.69
CA TYR C 45 -7.46 37.91 11.42
C TYR C 45 -8.88 37.39 11.55
N GLY C 46 -9.33 36.65 10.55
CA GLY C 46 -10.69 36.14 10.51
C GLY C 46 -11.47 36.87 9.42
N VAL C 47 -10.74 37.37 8.45
CA VAL C 47 -11.25 38.10 7.30
C VAL C 47 -11.94 37.17 6.31
N PRO C 48 -13.19 37.42 5.90
CA PRO C 48 -13.99 36.58 5.02
C PRO C 48 -13.62 36.66 3.56
N VAL C 49 -12.40 36.27 3.22
CA VAL C 49 -11.97 36.27 1.83
C VAL C 49 -11.38 34.94 1.41
N TRP C 50 -11.30 34.73 0.11
CA TRP C 50 -10.80 33.49 -0.42
C TRP C 50 -10.20 33.60 -1.81
N LYS C 51 -9.50 32.53 -2.21
CA LYS C 51 -8.92 32.40 -3.54
C LYS C 51 -9.23 31.07 -4.22
N ASP C 52 -9.24 31.07 -5.54
CA ASP C 52 -9.44 29.83 -6.27
C ASP C 52 -8.35 28.87 -5.85
N ALA C 53 -8.67 27.62 -5.58
CA ALA C 53 -7.60 26.73 -5.18
C ALA C 53 -7.84 25.29 -5.55
N GLU C 54 -6.75 24.56 -5.66
CA GLU C 54 -6.87 23.14 -5.94
C GLU C 54 -6.24 22.36 -4.81
N THR C 55 -7.03 21.54 -4.16
CA THR C 55 -6.53 20.75 -3.06
C THR C 55 -7.05 19.35 -3.17
N THR C 56 -6.69 18.55 -2.19
CA THR C 56 -7.13 17.18 -2.13
C THR C 56 -8.41 17.12 -1.32
N LEU C 57 -9.45 16.56 -1.91
CA LEU C 57 -10.69 16.42 -1.21
C LEU C 57 -10.77 15.00 -0.75
N PHE C 58 -11.49 14.77 0.32
CA PHE C 58 -11.63 13.42 0.79
C PHE C 58 -13.07 13.00 0.66
N CYS C 59 -13.31 11.69 0.43
CA CYS C 59 -14.66 11.16 0.28
C CYS C 59 -15.20 10.63 1.61
N ALA C 60 -16.51 10.62 1.70
CA ALA C 60 -17.22 10.07 2.83
C ALA C 60 -18.47 9.30 2.40
N SER C 61 -18.84 8.29 3.21
CA SER C 61 -20.00 7.37 3.11
C SER C 61 -21.21 7.96 2.36
N HIS C 71 -18.41 -5.81 2.02
CA HIS C 71 -17.86 -6.33 0.77
C HIS C 71 -17.91 -5.30 -0.43
N ASN C 72 -18.57 -4.14 -0.24
CA ASN C 72 -18.67 -3.05 -1.22
C ASN C 72 -17.39 -2.22 -1.23
N VAL C 73 -16.84 -2.04 -2.41
CA VAL C 73 -15.57 -1.36 -2.58
C VAL C 73 -15.62 0.12 -2.21
N TRP C 74 -16.74 0.76 -2.45
CA TRP C 74 -16.88 2.17 -2.22
C TRP C 74 -17.03 2.42 -0.76
N ALA C 75 -17.81 1.55 -0.14
CA ALA C 75 -18.07 1.68 1.28
C ALA C 75 -16.80 1.42 2.08
N THR C 76 -15.97 0.51 1.58
CA THR C 76 -14.72 0.17 2.21
C THR C 76 -13.73 1.31 2.13
N HIS C 77 -13.61 1.92 0.95
CA HIS C 77 -12.68 3.03 0.79
C HIS C 77 -13.14 4.34 1.46
N CYS C 78 -14.40 4.77 1.20
CA CYS C 78 -14.98 6.02 1.71
C CYS C 78 -15.63 5.66 3.03
N CYS C 79 -14.76 5.27 3.96
CA CYS C 79 -15.09 4.79 5.28
C CYS C 79 -15.42 5.92 6.23
N VAL C 80 -15.10 7.12 5.82
CA VAL C 80 -15.29 8.32 6.59
C VAL C 80 -16.78 8.65 6.63
N PRO C 81 -17.37 8.89 7.81
CA PRO C 81 -18.76 9.28 7.98
C PRO C 81 -19.06 10.60 7.31
N THR C 82 -20.28 10.75 6.83
CA THR C 82 -20.74 11.99 6.25
C THR C 82 -21.24 12.89 7.34
N ASP C 83 -21.45 14.16 7.01
CA ASP C 83 -22.03 15.12 7.94
C ASP C 83 -23.55 14.86 7.99
N PRO C 84 -24.13 14.43 9.12
CA PRO C 84 -25.55 14.13 9.24
C PRO C 84 -26.42 15.39 9.14
N ASN C 85 -25.80 16.56 9.36
CA ASN C 85 -26.55 17.81 9.33
C ASN C 85 -25.77 18.90 8.60
N PRO C 86 -25.65 18.84 7.26
CA PRO C 86 -24.83 19.73 6.47
C PRO C 86 -25.23 21.16 6.68
N GLN C 87 -24.24 22.04 6.72
CA GLN C 87 -24.50 23.45 6.91
C GLN C 87 -24.41 24.18 5.60
N GLU C 88 -25.07 25.33 5.51
CA GLU C 88 -24.98 26.13 4.31
C GLU C 88 -25.09 27.61 4.63
N ILE C 89 -24.21 28.40 4.01
CA ILE C 89 -24.22 29.85 4.22
C ILE C 89 -24.70 30.54 2.97
N VAL C 90 -25.70 31.40 3.11
CA VAL C 90 -26.31 32.10 1.98
C VAL C 90 -25.46 33.14 1.26
N LEU C 91 -24.39 33.60 1.88
CA LEU C 91 -23.48 34.57 1.30
C LEU C 91 -24.19 35.77 0.71
N GLU C 92 -24.70 36.60 1.60
CA GLU C 92 -25.48 37.74 1.22
C GLU C 92 -24.65 38.64 0.30
N ASN C 93 -25.24 39.07 -0.81
CA ASN C 93 -24.58 39.97 -1.77
C ASN C 93 -23.22 39.45 -2.28
N VAL C 94 -23.13 38.16 -2.55
CA VAL C 94 -21.87 37.62 -3.07
C VAL C 94 -22.06 36.98 -4.42
N THR C 95 -21.24 37.40 -5.36
CA THR C 95 -21.29 36.79 -6.67
C THR C 95 -19.98 36.06 -6.84
N GLU C 96 -19.98 35.07 -7.73
CA GLU C 96 -18.76 34.31 -7.98
C GLU C 96 -18.70 33.73 -9.38
N ASN C 97 -17.50 33.51 -9.88
CA ASN C 97 -17.28 32.87 -11.19
C ASN C 97 -17.01 31.39 -11.12
N PHE C 98 -17.88 30.65 -11.77
CA PHE C 98 -17.79 29.19 -11.82
C PHE C 98 -17.43 28.75 -13.22
N ASN C 99 -16.68 27.67 -13.32
CA ASN C 99 -16.34 27.17 -14.64
C ASN C 99 -16.28 25.66 -14.64
N MET C 100 -17.37 25.00 -15.02
CA MET C 100 -17.38 23.57 -14.89
C MET C 100 -16.41 22.88 -15.81
N TRP C 101 -16.14 23.48 -16.95
CA TRP C 101 -15.29 22.84 -17.91
C TRP C 101 -13.85 22.76 -17.48
N LYS C 102 -13.46 23.61 -16.54
CA LYS C 102 -12.11 23.66 -16.06
C LYS C 102 -12.04 23.27 -14.59
N ASN C 103 -13.11 22.64 -14.09
CA ASN C 103 -13.21 22.29 -12.69
C ASN C 103 -12.38 21.08 -12.38
N ASN C 104 -11.36 21.27 -11.55
CA ASN C 104 -10.38 20.25 -11.23
C ASN C 104 -10.96 19.10 -10.44
N MET C 105 -12.15 19.29 -9.86
CA MET C 105 -12.77 18.23 -9.11
C MET C 105 -13.18 17.11 -10.02
N VAL C 106 -13.43 17.41 -11.28
CA VAL C 106 -13.87 16.36 -12.16
C VAL C 106 -12.69 15.43 -12.34
N GLU C 107 -11.52 16.04 -12.57
CA GLU C 107 -10.34 15.25 -12.79
C GLU C 107 -9.94 14.54 -11.51
N GLN C 108 -10.12 15.17 -10.36
CA GLN C 108 -9.73 14.50 -9.13
C GLN C 108 -10.62 13.29 -8.89
N MET C 109 -11.92 13.41 -9.20
CA MET C 109 -12.82 12.28 -9.01
C MET C 109 -12.38 11.16 -9.93
N HIS C 110 -11.91 11.52 -11.14
CA HIS C 110 -11.42 10.51 -12.06
C HIS C 110 -10.24 9.79 -11.42
N GLU C 111 -9.29 10.53 -10.88
CA GLU C 111 -8.16 9.82 -10.31
C GLU C 111 -8.60 8.89 -9.18
N ASP C 112 -9.57 9.31 -8.38
CA ASP C 112 -10.01 8.43 -7.32
C ASP C 112 -10.69 7.18 -7.83
N ILE C 113 -11.45 7.26 -8.93
CA ILE C 113 -12.10 6.05 -9.37
C ILE C 113 -11.10 5.08 -9.93
N ILE C 114 -10.08 5.59 -10.61
CA ILE C 114 -9.11 4.70 -11.18
C ILE C 114 -8.33 4.04 -10.06
N SER C 115 -7.92 4.84 -9.08
CA SER C 115 -7.15 4.31 -7.98
C SER C 115 -7.92 3.29 -7.19
N LEU C 116 -9.20 3.55 -6.91
CA LEU C 116 -9.95 2.58 -6.14
C LEU C 116 -10.12 1.30 -6.91
N TRP C 117 -10.39 1.43 -8.20
CA TRP C 117 -10.57 0.28 -9.03
C TRP C 117 -9.33 -0.59 -8.95
N ASP C 118 -8.16 0.03 -9.09
CA ASP C 118 -6.93 -0.73 -9.07
C ASP C 118 -6.69 -1.38 -7.72
N GLN C 119 -7.02 -0.71 -6.62
CA GLN C 119 -6.77 -1.36 -5.35
C GLN C 119 -7.60 -2.61 -5.23
N SER C 120 -8.84 -2.53 -5.70
CA SER C 120 -9.75 -3.66 -5.64
C SER C 120 -9.32 -4.80 -6.55
N LEU C 121 -8.93 -4.49 -7.78
CA LEU C 121 -8.55 -5.50 -8.75
C LEU C 121 -7.17 -6.10 -8.58
N LYS C 122 -6.22 -5.34 -8.07
CA LYS C 122 -4.88 -5.87 -7.92
C LYS C 122 -4.79 -7.25 -7.22
N PRO C 123 -5.29 -7.47 -5.99
CA PRO C 123 -5.19 -8.73 -5.27
C PRO C 123 -6.20 -9.78 -5.71
N CYS C 124 -6.12 -10.21 -6.98
CA CYS C 124 -7.05 -11.15 -7.63
C CYS C 124 -6.31 -12.04 -8.61
N VAL C 125 -7.03 -13.04 -9.12
CA VAL C 125 -6.55 -14.04 -10.05
C VAL C 125 -6.21 -13.53 -11.43
N LYS C 126 -5.06 -13.93 -11.94
CA LYS C 126 -4.63 -13.53 -13.28
C LYS C 126 -5.15 -14.59 -14.24
N LEU C 127 -5.59 -14.19 -15.43
CA LEU C 127 -6.04 -15.17 -16.39
C LEU C 127 -5.06 -15.39 -17.52
N THR C 128 -3.85 -14.93 -17.35
CA THR C 128 -2.84 -15.11 -18.36
C THR C 128 -2.53 -16.59 -18.61
N PRO C 129 -2.67 -17.54 -17.63
CA PRO C 129 -2.51 -18.96 -17.83
C PRO C 129 -3.50 -19.51 -18.86
N LEU C 130 -4.56 -18.75 -19.15
CA LEU C 130 -5.55 -19.19 -20.12
C LEU C 130 -5.31 -18.70 -21.57
N CYS C 131 -4.21 -17.94 -21.85
CA CYS C 131 -3.89 -17.44 -23.18
C CYS C 131 -3.26 -18.55 -24.01
N VAL C 132 -4.13 -19.46 -24.40
CA VAL C 132 -3.82 -20.66 -25.16
C VAL C 132 -4.71 -20.72 -26.38
N THR C 133 -4.39 -21.60 -27.30
CA THR C 133 -5.22 -21.77 -28.47
C THR C 133 -6.52 -22.42 -28.08
N LEU C 134 -7.61 -21.87 -28.58
CA LEU C 134 -8.92 -22.38 -28.32
C LEU C 134 -9.41 -23.13 -29.56
N ASN C 135 -9.83 -24.40 -29.39
CA ASN C 135 -10.39 -25.23 -30.46
C ASN C 135 -11.91 -25.06 -30.40
N CYS C 136 -12.46 -24.17 -31.27
CA CYS C 136 -13.85 -23.76 -31.17
C CYS C 136 -14.69 -24.35 -32.29
N THR C 137 -15.91 -24.62 -31.93
CA THR C 137 -16.96 -25.07 -32.82
C THR C 137 -18.02 -23.98 -32.87
N ASN C 138 -19.18 -24.32 -33.43
CA ASN C 138 -20.31 -23.42 -33.64
C ASN C 138 -21.02 -23.16 -32.30
N ALA C 139 -22.06 -22.30 -32.34
CA ALA C 139 -22.89 -21.93 -31.22
C ALA C 139 -23.74 -23.12 -30.75
N THR C 140 -23.92 -23.22 -29.45
CA THR C 140 -24.70 -24.28 -28.84
C THR C 140 -25.70 -23.69 -27.90
N ALA C 141 -26.61 -24.51 -27.40
CA ALA C 141 -27.61 -24.07 -26.43
C ALA C 141 -28.24 -25.23 -25.72
N SER C 142 -29.00 -24.95 -24.68
CA SER C 142 -29.76 -26.03 -24.08
C SER C 142 -30.77 -26.61 -25.08
N ASN C 143 -30.86 -27.93 -25.08
CA ASN C 143 -31.74 -28.74 -25.90
C ASN C 143 -31.64 -28.45 -27.40
N SER C 144 -32.77 -28.37 -28.09
CA SER C 144 -32.77 -28.18 -29.53
C SER C 144 -32.70 -26.72 -29.93
N SER C 145 -31.59 -26.09 -29.62
CA SER C 145 -31.45 -24.68 -29.92
C SER C 145 -30.00 -24.26 -30.07
N ILE C 146 -29.78 -23.05 -30.60
CA ILE C 146 -28.45 -22.45 -30.76
C ILE C 146 -28.37 -21.03 -30.20
N ILE C 147 -27.38 -20.69 -29.36
CA ILE C 147 -27.30 -19.29 -28.96
C ILE C 147 -26.36 -18.51 -29.83
N GLU C 148 -26.94 -17.68 -30.69
CA GLU C 148 -26.13 -16.87 -31.55
C GLU C 148 -25.41 -15.91 -30.65
N GLY C 149 -24.13 -15.75 -30.86
CA GLY C 149 -23.36 -14.83 -30.03
C GLY C 149 -22.46 -15.57 -29.07
N MET C 150 -22.70 -16.87 -28.91
CA MET C 150 -21.87 -17.71 -28.06
C MET C 150 -21.19 -18.78 -28.87
N LYS C 151 -20.00 -19.16 -28.47
CA LYS C 151 -19.32 -20.28 -29.10
C LYS C 151 -18.83 -21.28 -28.04
N ASN C 152 -18.88 -22.59 -28.38
CA ASN C 152 -18.37 -23.69 -27.55
C ASN C 152 -16.88 -23.94 -27.88
N CYS C 153 -15.97 -23.61 -26.93
CA CYS C 153 -14.52 -23.72 -27.13
C CYS C 153 -13.84 -24.66 -26.14
N SER C 154 -12.93 -25.46 -26.67
CA SER C 154 -12.10 -26.38 -25.91
C SER C 154 -10.68 -25.88 -25.81
N PHE C 155 -10.09 -26.00 -24.64
CA PHE C 155 -8.72 -25.51 -24.52
C PHE C 155 -7.83 -26.38 -23.65
N ASN C 156 -6.50 -26.29 -23.87
CA ASN C 156 -5.44 -27.00 -23.16
C ASN C 156 -4.94 -26.17 -21.96
N ILE C 157 -5.24 -26.65 -20.74
CA ILE C 157 -4.90 -26.00 -19.47
C ILE C 157 -3.99 -26.90 -18.64
N THR C 158 -2.91 -26.32 -18.14
CA THR C 158 -1.96 -27.05 -17.32
C THR C 158 -2.57 -27.22 -15.93
N THR C 159 -2.43 -28.40 -15.34
CA THR C 159 -3.03 -28.62 -14.02
C THR C 159 -2.10 -28.02 -12.99
N GLU C 160 -2.52 -28.06 -11.74
CA GLU C 160 -1.75 -27.48 -10.67
C GLU C 160 -0.36 -28.10 -10.48
N LEU C 161 -0.09 -29.27 -11.07
CA LEU C 161 1.22 -29.87 -10.87
C LEU C 161 2.25 -29.47 -11.94
N ARG C 162 1.89 -28.58 -12.85
CA ARG C 162 2.86 -28.12 -13.83
C ARG C 162 3.52 -29.23 -14.62
N ASP C 163 2.76 -30.26 -14.97
CA ASP C 163 3.27 -31.39 -15.73
C ASP C 163 2.12 -32.04 -16.46
N LYS C 164 1.13 -32.47 -15.72
CA LYS C 164 -0.09 -33.04 -16.26
C LYS C 164 -0.84 -31.90 -16.92
N ARG C 165 -1.47 -32.21 -18.04
CA ARG C 165 -2.27 -31.23 -18.76
C ARG C 165 -3.63 -31.84 -19.03
N GLU C 166 -4.66 -31.01 -19.01
CA GLU C 166 -6.02 -31.43 -19.27
C GLU C 166 -6.75 -30.52 -20.23
N LYS C 167 -7.82 -31.03 -20.83
CA LYS C 167 -8.62 -30.16 -21.66
C LYS C 167 -9.89 -29.79 -20.91
N LYS C 168 -10.36 -28.58 -21.14
CA LYS C 168 -11.60 -28.08 -20.56
C LYS C 168 -12.47 -27.43 -21.59
N ASN C 169 -13.77 -27.44 -21.36
CA ASN C 169 -14.71 -26.78 -22.25
C ASN C 169 -15.37 -25.61 -21.54
N ALA C 170 -15.62 -24.55 -22.30
CA ALA C 170 -16.35 -23.38 -21.79
C ALA C 170 -17.04 -22.64 -22.91
N LEU C 171 -18.09 -21.90 -22.57
CA LEU C 171 -18.72 -21.09 -23.58
C LEU C 171 -18.21 -19.68 -23.46
N PHE C 172 -18.03 -19.03 -24.60
CA PHE C 172 -17.60 -17.65 -24.63
C PHE C 172 -18.44 -16.81 -25.55
N TYR C 173 -18.50 -15.51 -25.28
CA TYR C 173 -19.16 -14.60 -26.19
C TYR C 173 -18.28 -14.35 -27.38
N LYS C 174 -18.87 -14.20 -28.55
CA LYS C 174 -18.09 -13.90 -29.74
C LYS C 174 -17.29 -12.63 -29.60
N LEU C 175 -17.82 -11.66 -28.87
CA LEU C 175 -17.17 -10.38 -28.73
C LEU C 175 -15.90 -10.44 -27.91
N ASP C 176 -15.70 -11.53 -27.16
CA ASP C 176 -14.52 -11.70 -26.33
C ASP C 176 -13.49 -12.63 -26.99
N ILE C 177 -13.77 -13.08 -28.22
CA ILE C 177 -12.92 -14.04 -28.92
C ILE C 177 -12.40 -13.55 -30.26
N VAL C 178 -11.12 -13.73 -30.52
CA VAL C 178 -10.55 -13.32 -31.79
C VAL C 178 -9.97 -14.50 -32.56
N GLN C 179 -10.31 -14.57 -33.83
CA GLN C 179 -9.86 -15.66 -34.70
C GLN C 179 -8.38 -15.55 -35.00
N LEU C 180 -7.66 -16.69 -34.98
CA LEU C 180 -6.24 -16.67 -35.27
C LEU C 180 -5.87 -16.52 -36.73
N ASP C 181 -6.65 -17.10 -37.64
CA ASP C 181 -6.35 -16.98 -39.07
C ASP C 181 -7.63 -17.16 -39.86
N GLY C 182 -7.55 -17.05 -41.17
CA GLY C 182 -8.73 -17.22 -42.00
C GLY C 182 -9.03 -18.70 -42.17
N ASN C 183 -10.27 -19.02 -42.45
CA ASN C 183 -10.65 -20.41 -42.70
C ASN C 183 -10.16 -21.31 -41.58
N SER C 184 -10.31 -20.86 -40.34
CA SER C 184 -9.82 -21.63 -39.23
C SER C 184 -10.69 -21.60 -38.00
N SER C 185 -10.72 -22.75 -37.35
CA SER C 185 -11.44 -23.04 -36.13
C SER C 185 -10.66 -22.67 -34.89
N GLN C 186 -9.43 -22.21 -35.08
CA GLN C 186 -8.61 -21.87 -33.94
C GLN C 186 -8.71 -20.39 -33.59
N TYR C 187 -8.95 -20.14 -32.31
CA TYR C 187 -9.17 -18.82 -31.74
C TYR C 187 -8.35 -18.56 -30.49
N ARG C 188 -8.25 -17.31 -30.11
CA ARG C 188 -7.63 -16.93 -28.84
C ARG C 188 -8.51 -15.91 -28.14
N LEU C 189 -8.32 -15.72 -26.85
CA LEU C 189 -9.10 -14.72 -26.15
C LEU C 189 -8.69 -13.34 -26.61
N ILE C 190 -9.67 -12.45 -26.71
CA ILE C 190 -9.40 -11.10 -27.10
C ILE C 190 -8.47 -10.48 -26.09
N ASN C 191 -7.54 -9.72 -26.58
CA ASN C 191 -6.49 -9.02 -25.86
C ASN C 191 -5.32 -9.87 -25.29
N CYS C 192 -5.19 -11.20 -25.61
CA CYS C 192 -3.99 -12.00 -25.21
C CYS C 192 -2.78 -11.58 -26.04
N ASN C 193 -3.04 -10.80 -27.07
CA ASN C 193 -1.97 -10.25 -27.90
C ASN C 193 -1.62 -8.79 -27.55
N THR C 194 -2.27 -8.16 -26.52
CA THR C 194 -2.04 -6.75 -26.14
C THR C 194 -1.77 -6.53 -24.67
N SER C 195 -2.39 -7.33 -23.80
CA SER C 195 -2.28 -7.09 -22.37
C SER C 195 -2.61 -8.27 -21.48
N ALA C 196 -2.22 -8.18 -20.21
CA ALA C 196 -2.64 -9.19 -19.27
C ALA C 196 -4.12 -9.03 -19.00
N ILE C 197 -4.81 -10.14 -18.87
CA ILE C 197 -6.22 -10.11 -18.54
C ILE C 197 -6.34 -10.64 -17.14
N THR C 198 -7.00 -9.89 -16.27
CA THR C 198 -7.16 -10.37 -14.91
C THR C 198 -8.62 -10.62 -14.63
N GLN C 199 -8.91 -11.40 -13.61
CA GLN C 199 -10.28 -11.70 -13.24
C GLN C 199 -10.70 -10.90 -12.05
N ALA C 200 -11.86 -10.30 -12.13
CA ALA C 200 -12.35 -9.57 -10.97
C ALA C 200 -12.72 -10.60 -9.91
N CYS C 201 -12.46 -10.30 -8.63
CA CYS C 201 -12.83 -11.17 -7.52
C CYS C 201 -14.36 -11.07 -7.27
N PRO C 202 -15.12 -12.17 -7.29
CA PRO C 202 -16.56 -12.24 -7.06
C PRO C 202 -16.99 -11.71 -5.69
N LYS C 203 -16.03 -11.67 -4.78
CA LYS C 203 -16.23 -11.23 -3.41
C LYS C 203 -16.48 -9.74 -3.27
N VAL C 204 -16.15 -8.95 -4.29
CA VAL C 204 -16.29 -7.51 -4.16
C VAL C 204 -17.33 -6.90 -5.05
N SER C 205 -18.15 -6.08 -4.44
CA SER C 205 -19.19 -5.36 -5.14
C SER C 205 -18.73 -3.99 -5.54
N PHE C 206 -19.06 -3.61 -6.76
CA PHE C 206 -18.73 -2.30 -7.27
C PHE C 206 -19.96 -1.41 -7.40
N GLU C 207 -21.06 -1.86 -6.80
CA GLU C 207 -22.29 -1.10 -6.88
C GLU C 207 -22.11 0.33 -6.38
N PRO C 208 -22.40 1.35 -7.19
CA PRO C 208 -22.26 2.74 -6.82
C PRO C 208 -23.08 3.08 -5.58
N ILE C 209 -22.49 3.85 -4.68
CA ILE C 209 -23.20 4.30 -3.51
C ILE C 209 -22.94 5.78 -3.58
N PRO C 210 -23.71 6.65 -2.95
CA PRO C 210 -23.45 8.06 -3.00
C PRO C 210 -22.10 8.31 -2.37
N ILE C 211 -21.30 9.13 -3.00
CA ILE C 211 -20.03 9.52 -2.44
C ILE C 211 -20.06 11.00 -2.18
N HIS C 212 -19.73 11.40 -0.96
CA HIS C 212 -19.72 12.82 -0.66
C HIS C 212 -18.30 13.32 -0.58
N TYR C 213 -17.97 14.42 -1.27
CA TYR C 213 -16.61 14.94 -1.13
C TYR C 213 -16.61 16.11 -0.18
N CYS C 214 -15.59 16.18 0.71
CA CYS C 214 -15.42 17.21 1.73
C CYS C 214 -14.08 17.89 1.62
N ALA C 215 -14.10 19.21 1.75
CA ALA C 215 -12.88 19.98 1.73
C ALA C 215 -12.14 19.80 3.04
N PRO C 216 -10.80 19.82 3.04
CA PRO C 216 -9.94 19.79 4.21
C PRO C 216 -9.96 21.11 4.93
N ALA C 217 -9.50 21.12 6.16
CA ALA C 217 -9.46 22.37 6.88
C ALA C 217 -8.68 23.42 6.12
N GLY C 218 -9.21 24.63 6.12
CA GLY C 218 -8.60 25.76 5.42
C GLY C 218 -9.25 25.99 4.07
N PHE C 219 -10.10 25.06 3.66
CA PHE C 219 -10.81 25.11 2.40
C PHE C 219 -12.31 24.99 2.56
N ALA C 220 -13.01 25.50 1.56
CA ALA C 220 -14.46 25.42 1.55
C ALA C 220 -14.94 25.25 0.13
N ILE C 221 -16.15 24.75 -0.02
CA ILE C 221 -16.69 24.55 -1.35
C ILE C 221 -17.83 25.51 -1.59
N LEU C 222 -17.75 26.25 -2.68
CA LEU C 222 -18.81 27.17 -2.98
C LEU C 222 -19.74 26.50 -3.95
N LYS C 223 -21.02 26.78 -3.82
CA LYS C 223 -22.00 26.24 -4.73
C LYS C 223 -22.77 27.31 -5.45
N CYS C 224 -23.12 27.06 -6.73
CA CYS C 224 -24.02 27.92 -7.49
C CYS C 224 -25.42 27.35 -7.37
N ASN C 225 -26.28 28.11 -6.71
CA ASN C 225 -27.65 27.67 -6.46
C ASN C 225 -28.76 28.47 -7.17
N ASN C 226 -28.39 29.27 -8.21
CA ASN C 226 -29.28 30.14 -8.97
C ASN C 226 -30.28 29.37 -9.86
N LYS C 227 -29.91 28.15 -10.35
CA LYS C 227 -30.66 27.32 -11.29
C LYS C 227 -30.54 27.99 -12.65
N THR C 228 -30.79 27.25 -13.71
CA THR C 228 -30.61 27.79 -15.05
C THR C 228 -29.22 28.45 -15.16
N PHE C 229 -28.22 27.82 -14.57
CA PHE C 229 -26.87 28.36 -14.59
C PHE C 229 -26.27 28.21 -15.95
N THR C 230 -26.54 27.05 -16.52
CA THR C 230 -26.07 26.53 -17.80
C THR C 230 -24.58 26.24 -17.80
N GLY C 231 -23.80 27.05 -18.50
CA GLY C 231 -22.37 26.83 -18.65
C GLY C 231 -21.53 27.62 -17.68
N THR C 232 -20.44 28.18 -18.17
CA THR C 232 -19.53 28.89 -17.29
C THR C 232 -19.98 30.32 -17.12
N GLY C 233 -19.44 31.00 -16.13
CA GLY C 233 -19.77 32.41 -15.96
C GLY C 233 -20.10 32.75 -14.51
N PRO C 234 -20.49 34.00 -14.24
CA PRO C 234 -20.83 34.46 -12.94
C PRO C 234 -22.13 33.83 -12.52
N CYS C 235 -22.26 33.56 -11.22
CA CYS C 235 -23.43 33.06 -10.55
C CYS C 235 -23.76 34.10 -9.51
N ASN C 236 -25.00 34.57 -9.54
CA ASN C 236 -25.41 35.61 -8.61
C ASN C 236 -26.15 35.14 -7.34
N ASN C 237 -26.23 33.82 -7.11
CA ASN C 237 -26.83 33.17 -5.96
C ASN C 237 -25.92 31.99 -5.58
N VAL C 238 -24.97 32.26 -4.67
CA VAL C 238 -23.85 31.40 -4.30
C VAL C 238 -23.89 31.10 -2.84
N SER C 239 -23.60 29.86 -2.45
CA SER C 239 -23.59 29.53 -1.03
C SER C 239 -22.36 28.74 -0.64
N THR C 240 -22.05 28.70 0.64
CA THR C 240 -20.89 27.92 1.10
C THR C 240 -21.23 26.70 1.90
N VAL C 241 -20.62 25.59 1.50
CA VAL C 241 -20.78 24.31 2.18
C VAL C 241 -19.42 23.69 2.44
N GLN C 242 -19.36 22.70 3.33
CA GLN C 242 -18.08 22.00 3.51
C GLN C 242 -17.94 20.72 2.64
N CYS C 243 -19.09 20.04 2.37
CA CYS C 243 -19.20 18.78 1.64
C CYS C 243 -20.21 18.90 0.51
N THR C 244 -20.01 18.13 -0.55
CA THR C 244 -20.91 18.07 -1.70
C THR C 244 -22.04 17.13 -1.37
N HIS C 245 -23.05 17.14 -2.23
CA HIS C 245 -24.14 16.20 -2.12
C HIS C 245 -23.56 14.87 -2.52
N GLY C 246 -24.24 13.78 -2.20
CA GLY C 246 -23.65 12.54 -2.59
C GLY C 246 -23.85 12.36 -4.07
N ILE C 247 -22.80 11.91 -4.74
CA ILE C 247 -22.86 11.60 -6.14
C ILE C 247 -22.55 10.14 -6.34
N LYS C 248 -23.44 9.40 -6.98
CA LYS C 248 -23.12 8.01 -7.22
C LYS C 248 -22.20 7.94 -8.43
N PRO C 249 -21.12 7.18 -8.39
CA PRO C 249 -20.15 6.98 -9.45
C PRO C 249 -20.67 6.02 -10.50
N VAL C 250 -21.72 6.43 -11.17
CA VAL C 250 -22.33 5.62 -12.20
C VAL C 250 -21.61 5.89 -13.50
N VAL C 251 -21.19 4.84 -14.17
CA VAL C 251 -20.44 4.95 -15.41
C VAL C 251 -21.27 4.48 -16.58
N SER C 252 -21.40 5.34 -17.57
CA SER C 252 -22.19 5.10 -18.77
C SER C 252 -21.66 5.96 -19.90
N THR C 253 -22.25 5.83 -21.09
CA THR C 253 -21.82 6.56 -22.26
C THR C 253 -22.86 7.50 -22.85
N GLN C 254 -23.69 7.00 -23.74
CA GLN C 254 -24.65 7.86 -24.44
C GLN C 254 -25.76 8.41 -23.56
N LEU C 255 -26.16 7.63 -22.57
CA LEU C 255 -27.21 8.05 -21.66
C LEU C 255 -26.60 8.13 -20.28
N LEU C 256 -26.85 9.22 -19.58
CA LEU C 256 -26.35 9.38 -18.23
C LEU C 256 -27.44 8.96 -17.29
N LEU C 257 -27.10 7.98 -16.48
CA LEU C 257 -28.06 7.39 -15.58
C LEU C 257 -27.83 7.75 -14.11
N ASN C 258 -28.93 7.76 -13.33
CA ASN C 258 -29.05 7.89 -11.88
C ASN C 258 -28.39 9.17 -11.30
N GLY C 259 -28.47 10.32 -12.01
CA GLY C 259 -27.97 11.61 -11.55
C GLY C 259 -29.13 12.40 -10.98
N SER C 260 -28.92 13.66 -10.76
CA SER C 260 -29.97 14.51 -10.24
C SER C 260 -30.71 15.09 -11.43
N LEU C 261 -31.90 15.62 -11.22
CA LEU C 261 -32.59 16.27 -12.33
C LEU C 261 -32.45 17.75 -12.28
N ALA C 262 -32.51 18.36 -13.44
CA ALA C 262 -32.43 19.79 -13.53
C ALA C 262 -33.65 20.41 -12.90
N GLU C 263 -33.47 21.50 -12.19
CA GLU C 263 -34.62 22.20 -11.67
C GLU C 263 -35.02 23.16 -12.76
N GLY C 264 -36.30 23.45 -12.89
CA GLY C 264 -36.68 24.37 -13.95
C GLY C 264 -36.68 23.60 -15.25
N GLU C 265 -36.28 24.25 -16.33
CA GLU C 265 -36.34 23.65 -17.67
C GLU C 265 -35.13 22.80 -17.98
N ILE C 266 -35.13 22.18 -19.16
CA ILE C 266 -34.00 21.36 -19.58
C ILE C 266 -32.82 22.27 -19.86
N ILE C 267 -31.67 21.89 -19.32
CA ILE C 267 -30.49 22.71 -19.47
C ILE C 267 -29.47 22.13 -20.41
N ILE C 268 -29.06 22.94 -21.36
CA ILE C 268 -28.07 22.49 -22.29
C ILE C 268 -26.74 23.14 -21.96
N ARG C 269 -25.76 22.31 -21.67
CA ARG C 269 -24.46 22.82 -21.27
C ARG C 269 -23.38 22.45 -22.27
N SER C 270 -22.59 23.42 -22.65
CA SER C 270 -21.54 23.19 -23.63
C SER C 270 -20.45 24.22 -23.45
N GLU C 271 -19.33 24.01 -24.13
CA GLU C 271 -18.26 25.00 -24.15
C GLU C 271 -18.19 25.48 -25.60
N ASN C 272 -18.67 26.72 -25.92
CA ASN C 272 -18.76 27.22 -27.31
C ASN C 272 -19.65 26.29 -28.17
N ILE C 273 -20.98 26.32 -27.93
CA ILE C 273 -22.02 25.42 -28.49
C ILE C 273 -22.06 25.41 -30.02
N THR C 274 -21.48 26.42 -30.64
CA THR C 274 -21.47 26.49 -32.08
C THR C 274 -20.46 25.51 -32.70
N ASP C 275 -19.56 24.96 -31.87
CA ASP C 275 -18.57 23.99 -32.33
C ASP C 275 -19.21 22.63 -32.53
N ASN C 276 -18.58 21.78 -33.32
CA ASN C 276 -19.04 20.42 -33.53
C ASN C 276 -18.58 19.52 -32.39
N GLY C 277 -17.44 19.89 -31.84
CA GLY C 277 -16.83 19.16 -30.73
C GLY C 277 -17.33 19.83 -29.49
N LYS C 278 -16.57 19.79 -28.41
CA LYS C 278 -17.07 20.41 -27.20
C LYS C 278 -18.43 19.84 -26.83
N THR C 279 -18.41 18.55 -26.56
CA THR C 279 -19.57 17.73 -26.30
C THR C 279 -20.57 18.41 -25.39
N ILE C 280 -21.82 18.34 -25.83
CA ILE C 280 -22.97 18.93 -25.20
C ILE C 280 -23.60 18.01 -24.18
N LEU C 281 -23.80 18.52 -22.99
CA LEU C 281 -24.43 17.74 -21.96
C LEU C 281 -25.84 18.26 -21.77
N VAL C 282 -26.83 17.41 -21.98
CA VAL C 282 -28.19 17.86 -21.83
C VAL C 282 -28.74 17.31 -20.54
N HIS C 283 -29.13 18.20 -19.64
CA HIS C 283 -29.59 17.80 -18.34
C HIS C 283 -31.09 17.91 -18.27
N LEU C 284 -31.75 16.78 -18.11
CA LEU C 284 -33.20 16.73 -18.17
C LEU C 284 -33.77 17.14 -16.81
N ASN C 285 -34.98 17.77 -16.80
CA ASN C 285 -35.73 18.14 -15.60
C ASN C 285 -36.74 17.05 -15.14
N GLU C 286 -36.92 15.99 -15.95
CA GLU C 286 -37.80 14.85 -15.74
C GLU C 286 -37.01 13.63 -16.13
N SER C 287 -37.13 12.56 -15.38
CA SER C 287 -36.43 11.33 -15.69
C SER C 287 -37.16 10.45 -16.68
N VAL C 288 -36.41 9.57 -17.33
CA VAL C 288 -37.02 8.56 -18.17
C VAL C 288 -36.66 7.18 -17.64
N LYS C 289 -37.65 6.37 -17.38
CA LYS C 289 -37.40 5.04 -16.85
C LYS C 289 -36.90 4.11 -17.93
N ILE C 290 -35.81 3.40 -17.64
CA ILE C 290 -35.30 2.40 -18.57
C ILE C 290 -35.14 1.07 -17.87
N GLU C 291 -35.75 0.03 -18.43
CA GLU C 291 -35.64 -1.31 -17.84
C GLU C 291 -34.87 -2.26 -18.76
N CYS C 292 -33.73 -2.78 -18.28
CA CYS C 292 -32.82 -3.64 -19.05
C CYS C 292 -32.78 -5.04 -18.48
N THR C 293 -32.72 -6.02 -19.36
CA THR C 293 -32.69 -7.38 -18.90
C THR C 293 -32.01 -8.39 -19.79
N ARG C 294 -31.57 -9.46 -19.13
CA ARG C 294 -30.99 -10.63 -19.72
C ARG C 294 -31.79 -11.85 -19.29
N PRO C 295 -32.86 -12.20 -20.01
CA PRO C 295 -33.85 -13.19 -19.64
C PRO C 295 -33.44 -14.64 -19.90
N ASN C 296 -32.38 -15.07 -19.27
CA ASN C 296 -31.92 -16.45 -19.40
C ASN C 296 -31.17 -16.84 -18.15
N ASN C 297 -31.12 -18.16 -17.82
CA ASN C 297 -30.46 -18.70 -16.63
C ASN C 297 -29.08 -19.26 -16.95
N LYS C 298 -28.01 -18.54 -16.56
CA LYS C 298 -26.63 -18.91 -16.81
C LYS C 298 -26.11 -19.70 -15.60
N THR C 299 -25.11 -20.55 -15.82
CA THR C 299 -24.48 -21.25 -14.72
C THR C 299 -23.00 -20.96 -14.74
N ARG C 300 -22.33 -21.23 -13.64
CA ARG C 300 -20.91 -20.98 -13.53
C ARG C 300 -20.13 -22.20 -13.11
N THR C 301 -19.00 -22.39 -13.76
CA THR C 301 -18.13 -23.50 -13.43
C THR C 301 -16.80 -23.01 -12.91
N SER C 302 -16.39 -23.55 -11.77
CA SER C 302 -15.13 -23.14 -11.20
C SER C 302 -14.03 -24.06 -11.70
N ILE C 303 -13.10 -23.49 -12.43
CA ILE C 303 -12.00 -24.24 -12.98
C ILE C 303 -10.75 -23.90 -12.23
N ARG C 304 -10.11 -24.88 -11.66
CA ARG C 304 -8.90 -24.55 -10.94
C ARG C 304 -7.86 -24.24 -11.99
N ILE C 305 -7.13 -23.14 -11.84
CA ILE C 305 -6.11 -22.86 -12.83
C ILE C 305 -4.72 -22.85 -12.23
N GLY C 306 -4.63 -22.87 -10.90
CA GLY C 306 -3.32 -22.86 -10.28
C GLY C 306 -3.35 -23.00 -8.76
N PRO C 307 -2.20 -22.89 -8.10
CA PRO C 307 -1.98 -23.07 -6.68
C PRO C 307 -2.58 -21.93 -5.90
N GLY C 308 -3.90 -21.99 -5.73
CA GLY C 308 -4.69 -20.98 -5.05
C GLY C 308 -5.51 -20.11 -6.01
N GLN C 309 -5.61 -20.52 -7.28
CA GLN C 309 -6.36 -19.73 -8.25
C GLN C 309 -7.41 -20.52 -9.02
N ALA C 310 -8.49 -19.84 -9.36
CA ALA C 310 -9.54 -20.43 -10.17
C ALA C 310 -10.15 -19.41 -11.09
N PHE C 311 -10.63 -19.92 -12.20
CA PHE C 311 -11.30 -19.19 -13.24
C PHE C 311 -12.76 -19.51 -13.28
N TYR C 312 -13.57 -18.51 -13.51
CA TYR C 312 -14.98 -18.80 -13.62
C TYR C 312 -15.45 -18.83 -15.05
N ALA C 313 -15.83 -20.00 -15.48
CA ALA C 313 -16.25 -20.27 -16.85
C ALA C 313 -17.74 -20.23 -16.98
N THR C 314 -18.21 -19.91 -18.18
CA THR C 314 -19.63 -19.97 -18.48
C THR C 314 -20.02 -21.37 -18.95
N GLY C 315 -21.05 -21.92 -18.30
CA GLY C 315 -21.55 -23.25 -18.62
C GLY C 315 -22.83 -23.19 -19.42
N GLN C 316 -23.65 -24.22 -19.32
CA GLN C 316 -24.84 -24.24 -20.16
C GLN C 316 -25.86 -23.18 -19.76
N VAL C 317 -26.52 -22.62 -20.77
CA VAL C 317 -27.52 -21.59 -20.53
C VAL C 317 -28.93 -22.12 -20.76
N ILE C 318 -29.75 -21.95 -19.74
CA ILE C 318 -31.11 -22.42 -19.63
C ILE C 318 -32.20 -21.39 -19.96
N GLY C 319 -33.17 -21.78 -20.78
CA GLY C 319 -34.27 -20.89 -21.11
C GLY C 319 -34.30 -20.50 -22.57
N ASP C 320 -35.16 -19.55 -22.89
CA ASP C 320 -35.32 -19.09 -24.26
C ASP C 320 -34.13 -18.24 -24.61
N ILE C 321 -33.88 -18.07 -25.89
CA ILE C 321 -32.75 -17.28 -26.28
C ILE C 321 -33.21 -15.96 -26.84
N ARG C 322 -33.09 -14.91 -26.03
CA ARG C 322 -33.58 -13.61 -26.45
C ARG C 322 -32.50 -12.56 -26.38
N GLU C 323 -31.26 -12.99 -26.22
CA GLU C 323 -30.10 -12.11 -26.09
C GLU C 323 -30.28 -11.23 -24.85
N ALA C 324 -30.38 -9.92 -25.06
CA ALA C 324 -30.56 -8.95 -23.99
C ALA C 324 -31.26 -7.76 -24.62
N TYR C 325 -31.98 -7.01 -23.80
CA TYR C 325 -32.65 -5.83 -24.34
C TYR C 325 -33.01 -4.81 -23.27
N CYS C 326 -33.33 -3.55 -23.70
CA CYS C 326 -33.84 -2.49 -22.81
C CYS C 326 -35.15 -1.90 -23.31
N ASN C 327 -36.10 -1.73 -22.37
CA ASN C 327 -37.44 -1.19 -22.60
C ASN C 327 -37.56 0.27 -22.16
N ILE C 328 -37.90 1.15 -23.12
CA ILE C 328 -38.10 2.60 -22.96
C ILE C 328 -39.52 2.96 -23.43
N SER C 329 -40.30 3.67 -22.62
CA SER C 329 -41.65 4.03 -23.04
C SER C 329 -41.56 4.92 -24.27
N GLU C 330 -42.43 4.70 -25.26
CA GLU C 330 -42.30 5.45 -26.49
C GLU C 330 -42.71 6.89 -26.37
N SER C 331 -43.84 7.14 -25.71
CA SER C 331 -44.30 8.50 -25.63
C SER C 331 -43.41 9.32 -24.75
N THR C 332 -42.80 8.67 -23.76
CA THR C 332 -41.93 9.40 -22.87
C THR C 332 -40.71 9.81 -23.64
N TRP C 333 -40.13 8.90 -24.41
CA TRP C 333 -38.96 9.27 -25.18
C TRP C 333 -39.25 10.35 -26.21
N ASN C 334 -40.37 10.22 -27.00
CA ASN C 334 -40.75 11.15 -28.05
C ASN C 334 -40.96 12.57 -27.49
N GLU C 335 -41.64 12.71 -26.31
CA GLU C 335 -41.89 14.00 -25.67
C GLU C 335 -40.61 14.56 -25.09
N THR C 336 -39.77 13.70 -24.50
CA THR C 336 -38.54 14.17 -23.90
C THR C 336 -37.63 14.72 -24.97
N LEU C 337 -37.52 14.01 -26.08
CA LEU C 337 -36.64 14.48 -27.11
C LEU C 337 -37.17 15.77 -27.70
N GLY C 338 -38.49 15.88 -27.87
CA GLY C 338 -39.04 17.11 -28.42
C GLY C 338 -38.74 18.30 -27.52
N LYS C 339 -38.81 18.12 -26.20
CA LYS C 339 -38.50 19.20 -25.28
C LYS C 339 -37.03 19.62 -25.43
N VAL C 340 -36.14 18.65 -25.65
CA VAL C 340 -34.74 18.97 -25.83
C VAL C 340 -34.59 19.82 -27.06
N VAL C 341 -35.30 19.47 -28.12
CA VAL C 341 -35.24 20.23 -29.35
C VAL C 341 -35.73 21.64 -29.15
N LYS C 342 -36.82 21.80 -28.41
CA LYS C 342 -37.28 23.15 -28.17
C LYS C 342 -36.20 23.97 -27.50
N GLN C 343 -35.42 23.37 -26.60
CA GLN C 343 -34.35 24.12 -25.98
C GLN C 343 -33.19 24.32 -26.97
N LEU C 344 -32.92 23.37 -27.87
CA LEU C 344 -31.86 23.57 -28.85
C LEU C 344 -32.19 24.77 -29.73
N ARG C 345 -33.47 24.97 -29.98
CA ARG C 345 -33.94 26.10 -30.79
C ARG C 345 -33.70 27.46 -30.11
N LYS C 346 -33.27 27.47 -28.85
CA LYS C 346 -32.93 28.71 -28.17
C LYS C 346 -31.46 29.06 -28.40
N HIS C 347 -30.69 28.09 -28.93
CA HIS C 347 -29.27 28.27 -29.20
C HIS C 347 -29.04 28.34 -30.69
N PHE C 348 -29.94 27.73 -31.43
CA PHE C 348 -29.84 27.70 -32.87
C PHE C 348 -31.11 28.33 -33.45
N PRO C 349 -31.06 28.96 -34.62
CA PRO C 349 -32.19 29.52 -35.36
C PRO C 349 -33.07 28.38 -35.77
N HIS C 350 -34.27 28.66 -36.25
CA HIS C 350 -35.05 27.53 -36.72
C HIS C 350 -34.18 26.87 -37.78
N LYS C 351 -33.93 25.58 -37.58
CA LYS C 351 -33.05 24.77 -38.41
C LYS C 351 -33.59 23.35 -38.58
N ASN C 352 -33.01 22.62 -39.54
CA ASN C 352 -33.31 21.23 -39.86
C ASN C 352 -32.64 20.31 -38.83
N ILE C 353 -33.23 20.30 -37.60
CA ILE C 353 -32.73 19.53 -36.45
C ILE C 353 -33.09 18.07 -36.59
N THR C 354 -32.09 17.24 -36.44
CA THR C 354 -32.26 15.81 -36.57
C THR C 354 -31.28 15.00 -35.73
N PHE C 355 -31.71 13.82 -35.37
CA PHE C 355 -30.90 12.91 -34.58
C PHE C 355 -30.62 11.62 -35.30
N GLN C 356 -29.36 11.25 -35.22
CA GLN C 356 -28.86 10.02 -35.81
C GLN C 356 -28.00 9.23 -34.82
N PRO C 357 -27.84 7.91 -35.00
CA PRO C 357 -26.94 7.02 -34.27
C PRO C 357 -25.49 7.41 -34.53
N SER C 358 -24.58 7.00 -33.64
CA SER C 358 -23.17 7.29 -33.84
C SER C 358 -22.68 6.81 -35.19
N SER C 359 -21.84 7.62 -35.80
CA SER C 359 -21.28 7.36 -37.11
C SER C 359 -20.22 6.27 -37.16
N GLY C 360 -19.67 5.88 -36.02
CA GLY C 360 -18.63 4.86 -36.09
C GLY C 360 -17.89 4.60 -34.78
N GLY C 361 -16.93 3.69 -34.85
CA GLY C 361 -16.14 3.28 -33.71
C GLY C 361 -16.65 1.94 -33.18
N ASP C 362 -16.04 1.44 -32.12
CA ASP C 362 -16.42 0.15 -31.58
C ASP C 362 -17.54 0.31 -30.57
N LEU C 363 -17.92 -0.79 -29.92
CA LEU C 363 -19.07 -0.76 -29.03
C LEU C 363 -18.91 0.22 -27.88
N GLU C 364 -17.69 0.47 -27.45
CA GLU C 364 -17.46 1.36 -26.33
C GLU C 364 -17.94 2.78 -26.62
N VAL C 365 -17.99 3.16 -27.90
CA VAL C 365 -18.45 4.50 -28.25
C VAL C 365 -19.73 4.50 -29.08
N THR C 366 -20.11 3.36 -29.66
CA THR C 366 -21.33 3.34 -30.45
C THR C 366 -22.54 2.88 -29.67
N THR C 367 -22.35 2.23 -28.52
CA THR C 367 -23.45 1.73 -27.71
C THR C 367 -23.56 2.38 -26.35
N HIS C 368 -24.57 1.96 -25.63
CA HIS C 368 -24.79 2.37 -24.27
C HIS C 368 -24.07 1.39 -23.36
N SER C 369 -22.92 1.81 -22.81
CA SER C 369 -22.05 0.93 -22.02
C SER C 369 -22.53 0.88 -20.58
N PHE C 370 -23.64 0.20 -20.43
CA PHE C 370 -24.39 0.03 -19.20
C PHE C 370 -23.86 -1.10 -18.33
N ASN C 371 -23.55 -0.84 -17.06
CA ASN C 371 -23.01 -1.90 -16.19
C ASN C 371 -24.00 -2.92 -15.62
N CYS C 372 -25.30 -2.54 -15.53
CA CYS C 372 -26.43 -3.32 -15.04
C CYS C 372 -26.10 -4.07 -13.74
N GLY C 373 -26.09 -5.41 -13.81
CA GLY C 373 -25.85 -6.28 -12.67
C GLY C 373 -24.40 -6.74 -12.49
N GLY C 374 -23.47 -6.27 -13.31
CA GLY C 374 -22.08 -6.73 -13.25
C GLY C 374 -21.59 -7.39 -14.53
N GLU C 375 -22.49 -7.74 -15.43
CA GLU C 375 -22.08 -8.25 -16.73
C GLU C 375 -22.14 -7.01 -17.56
N PHE C 376 -21.36 -6.88 -18.62
CA PHE C 376 -21.45 -5.59 -19.28
C PHE C 376 -22.30 -5.57 -20.49
N PHE C 377 -23.23 -4.63 -20.49
CA PHE C 377 -24.18 -4.45 -21.56
C PHE C 377 -23.70 -3.38 -22.51
N TYR C 378 -23.84 -3.66 -23.78
CA TYR C 378 -23.54 -2.76 -24.87
C TYR C 378 -24.77 -2.66 -25.74
N CYS C 379 -25.71 -1.75 -25.38
CA CYS C 379 -27.03 -1.68 -25.97
C CYS C 379 -27.08 -0.70 -27.13
N ASN C 380 -27.80 -1.10 -28.17
CA ASN C 380 -27.92 -0.33 -29.41
C ASN C 380 -28.96 0.79 -29.26
N THR C 381 -28.49 2.05 -29.36
CA THR C 381 -29.28 3.27 -29.19
C THR C 381 -29.90 3.70 -30.51
N SER C 382 -29.62 2.95 -31.57
CA SER C 382 -30.28 3.27 -32.80
C SER C 382 -31.74 3.01 -32.55
N GLY C 383 -32.60 3.84 -33.07
CA GLY C 383 -34.03 3.67 -32.87
C GLY C 383 -34.48 4.55 -31.70
N LEU C 384 -33.52 5.07 -30.96
CA LEU C 384 -33.78 5.94 -29.84
C LEU C 384 -33.41 7.33 -30.38
N PHE C 385 -32.18 7.43 -30.84
CA PHE C 385 -31.71 8.67 -31.47
C PHE C 385 -31.92 8.62 -32.97
N ASN C 386 -33.20 8.63 -33.36
CA ASN C 386 -33.72 8.53 -34.73
C ASN C 386 -34.93 9.45 -34.87
N SER C 387 -34.70 10.71 -35.30
CA SER C 387 -35.78 11.70 -35.47
C SER C 387 -35.43 12.85 -36.38
N THR C 388 -36.47 13.48 -36.91
CA THR C 388 -36.32 14.73 -37.65
C THR C 388 -37.33 15.71 -37.07
N TRP C 389 -36.96 17.02 -37.03
CA TRP C 389 -37.80 18.09 -36.46
C TRP C 389 -37.82 19.30 -37.38
N ASP C 405 -46.65 1.65 -27.84
CA ASP C 405 -46.58 2.12 -26.45
C ASP C 405 -45.14 2.20 -25.91
N SER C 406 -44.25 1.28 -26.36
CA SER C 406 -42.85 1.17 -25.95
C SER C 406 -41.98 0.70 -27.07
N ILE C 407 -40.69 0.95 -26.92
CA ILE C 407 -39.70 0.52 -27.87
C ILE C 407 -38.66 -0.29 -27.15
N THR C 408 -37.94 -1.11 -27.88
CA THR C 408 -36.88 -1.85 -27.26
C THR C 408 -35.58 -1.66 -27.97
N LEU C 409 -34.52 -1.70 -27.20
CA LEU C 409 -33.19 -1.61 -27.74
C LEU C 409 -32.59 -3.00 -27.69
N PRO C 410 -32.09 -3.58 -28.78
CA PRO C 410 -31.43 -4.87 -28.77
C PRO C 410 -30.14 -4.59 -28.05
N CYS C 411 -29.56 -5.57 -27.33
CA CYS C 411 -28.33 -5.35 -26.56
C CYS C 411 -27.40 -6.57 -26.54
N ARG C 412 -26.10 -6.29 -26.60
CA ARG C 412 -25.08 -7.31 -26.56
C ARG C 412 -24.40 -7.38 -25.20
N ILE C 413 -23.86 -8.54 -24.85
CA ILE C 413 -23.19 -8.75 -23.57
C ILE C 413 -21.74 -9.16 -23.70
N LYS C 414 -20.87 -8.59 -22.85
CA LYS C 414 -19.46 -8.95 -22.83
C LYS C 414 -18.91 -9.27 -21.45
N GLN C 415 -17.86 -10.10 -21.42
CA GLN C 415 -17.14 -10.36 -20.19
C GLN C 415 -15.76 -9.70 -20.12
N ILE C 416 -15.08 -9.44 -21.25
CA ILE C 416 -13.75 -8.84 -21.14
C ILE C 416 -13.79 -7.39 -21.56
N ILE C 417 -13.49 -6.52 -20.62
CA ILE C 417 -13.55 -5.11 -20.91
C ILE C 417 -12.25 -4.39 -20.56
N ASN C 418 -12.05 -3.22 -21.15
CA ASN C 418 -10.84 -2.44 -20.93
C ASN C 418 -11.05 -1.19 -20.07
N MET C 419 -12.17 -1.17 -19.37
CA MET C 419 -12.57 -0.11 -18.45
C MET C 419 -12.48 1.30 -19.04
N TRP C 420 -11.79 2.22 -18.36
CA TRP C 420 -11.72 3.60 -18.81
C TRP C 420 -10.63 3.81 -19.83
N GLN C 421 -10.76 3.13 -20.95
CA GLN C 421 -9.78 3.20 -22.01
C GLN C 421 -8.38 2.95 -21.48
N GLU C 422 -8.22 1.91 -20.64
CA GLU C 422 -6.92 1.62 -20.08
C GLU C 422 -6.02 1.07 -21.17
N VAL C 423 -6.65 0.31 -22.09
CA VAL C 423 -6.04 -0.30 -23.28
C VAL C 423 -5.01 -1.38 -23.01
N GLY C 424 -4.00 -1.05 -22.21
CA GLY C 424 -2.91 -1.95 -21.87
C GLY C 424 -3.27 -2.84 -20.69
N ARG C 425 -4.51 -2.74 -20.23
CA ARG C 425 -5.03 -3.51 -19.12
C ARG C 425 -6.40 -4.03 -19.52
N ALA C 426 -6.79 -5.19 -18.98
CA ALA C 426 -8.11 -5.76 -19.26
C ALA C 426 -8.63 -6.52 -18.07
N MET C 427 -9.95 -6.55 -17.94
CA MET C 427 -10.58 -7.27 -16.86
C MET C 427 -11.69 -8.20 -17.34
N TYR C 428 -11.74 -9.38 -16.72
CA TYR C 428 -12.75 -10.37 -17.00
C TYR C 428 -13.79 -10.43 -15.90
N ALA C 429 -15.03 -10.29 -16.31
CA ALA C 429 -16.14 -10.34 -15.41
C ALA C 429 -16.66 -11.77 -15.31
N PRO C 430 -16.64 -12.40 -14.12
CA PRO C 430 -17.13 -13.73 -13.91
C PRO C 430 -18.58 -13.64 -14.31
N PRO C 431 -19.18 -14.70 -14.82
CA PRO C 431 -20.55 -14.74 -15.25
C PRO C 431 -21.47 -14.67 -14.07
N ILE C 432 -22.67 -14.13 -14.28
CA ILE C 432 -23.67 -14.11 -13.23
C ILE C 432 -24.71 -15.18 -13.42
N GLN C 433 -24.81 -16.06 -12.44
CA GLN C 433 -25.71 -17.18 -12.53
C GLN C 433 -27.16 -16.73 -12.42
N GLY C 434 -28.05 -17.42 -13.12
CA GLY C 434 -29.46 -17.06 -13.10
C GLY C 434 -29.67 -15.92 -14.11
N ASN C 435 -30.80 -15.17 -14.01
CA ASN C 435 -31.18 -14.09 -14.92
C ASN C 435 -30.95 -12.72 -14.25
N ILE C 436 -30.90 -11.62 -15.07
CA ILE C 436 -30.72 -10.23 -14.60
C ILE C 436 -31.78 -9.23 -15.05
N THR C 437 -32.30 -8.45 -14.11
CA THR C 437 -33.20 -7.33 -14.43
C THR C 437 -32.67 -6.08 -13.71
N CYS C 438 -32.51 -4.95 -14.44
CA CYS C 438 -32.02 -3.66 -13.95
C CYS C 438 -32.95 -2.53 -14.35
N VAL C 439 -33.24 -1.66 -13.40
CA VAL C 439 -34.04 -0.48 -13.70
C VAL C 439 -33.29 0.76 -13.34
N SER C 440 -33.10 1.63 -14.30
CA SER C 440 -32.34 2.86 -14.07
C SER C 440 -33.15 4.10 -14.49
N ASN C 441 -32.71 5.27 -14.00
CA ASN C 441 -33.28 6.59 -14.29
C ASN C 441 -32.38 7.36 -15.27
N ILE C 442 -32.87 7.68 -16.50
CA ILE C 442 -32.10 8.47 -17.47
C ILE C 442 -32.27 9.90 -17.04
N THR C 443 -31.15 10.55 -16.69
CA THR C 443 -31.21 11.90 -16.17
C THR C 443 -30.56 12.90 -17.12
N GLY C 444 -29.81 12.41 -18.08
CA GLY C 444 -29.22 13.33 -19.04
C GLY C 444 -28.72 12.62 -20.27
N LEU C 445 -28.48 13.40 -21.30
CA LEU C 445 -28.03 12.87 -22.58
C LEU C 445 -26.71 13.46 -23.01
N ILE C 446 -25.92 12.70 -23.74
CA ILE C 446 -24.72 13.28 -24.32
C ILE C 446 -24.82 13.38 -25.82
N LEU C 447 -24.56 14.59 -26.34
CA LEU C 447 -24.63 14.86 -27.78
C LEU C 447 -23.41 15.58 -28.37
N THR C 448 -23.13 15.29 -29.64
CA THR C 448 -22.12 16.00 -30.41
C THR C 448 -22.77 16.47 -31.72
N ARG C 449 -22.13 17.39 -32.45
CA ARG C 449 -22.74 17.88 -33.69
C ARG C 449 -21.95 17.53 -34.94
N ASP C 450 -22.67 17.40 -36.08
CA ASP C 450 -22.15 17.13 -37.42
C ASP C 450 -21.42 18.36 -37.98
N GLU C 457 -28.91 20.79 -38.79
CA GLU C 457 -28.36 20.63 -37.45
C GLU C 457 -28.55 19.16 -37.02
N THR C 458 -27.61 18.29 -37.48
CA THR C 458 -27.57 16.86 -37.14
C THR C 458 -26.75 16.63 -35.91
N PHE C 459 -27.38 15.94 -34.97
CA PHE C 459 -26.79 15.56 -33.71
C PHE C 459 -26.69 14.07 -33.61
N ARG C 460 -25.65 13.63 -32.93
CA ARG C 460 -25.47 12.21 -32.67
C ARG C 460 -25.06 12.09 -31.23
N PRO C 461 -25.38 11.00 -30.53
CA PRO C 461 -24.96 10.76 -29.17
C PRO C 461 -23.47 10.96 -28.93
N GLY C 462 -22.65 10.62 -29.89
CA GLY C 462 -21.24 10.81 -29.69
C GLY C 462 -20.84 10.08 -28.43
N GLY C 463 -20.14 10.79 -27.57
CA GLY C 463 -19.68 10.25 -26.30
C GLY C 463 -18.62 11.16 -25.74
N GLY C 464 -18.25 10.92 -24.49
CA GLY C 464 -17.25 11.75 -23.84
C GLY C 464 -15.97 10.99 -23.53
N ASP C 465 -15.27 11.48 -22.51
CA ASP C 465 -14.01 11.00 -21.97
C ASP C 465 -14.22 10.26 -20.67
N MET C 466 -15.46 9.86 -20.49
CA MET C 466 -15.99 9.16 -19.34
C MET C 466 -15.92 10.00 -18.08
N ARG C 467 -15.77 11.32 -18.24
CA ARG C 467 -15.76 12.24 -17.11
C ARG C 467 -17.00 13.11 -17.08
N ASP C 468 -17.87 12.92 -18.06
CA ASP C 468 -19.07 13.73 -18.20
C ASP C 468 -20.14 13.29 -17.26
N ASN C 469 -19.92 12.12 -16.68
CA ASN C 469 -20.83 11.54 -15.74
C ASN C 469 -20.51 12.01 -14.35
N TRP C 470 -19.51 12.89 -14.25
CA TRP C 470 -19.11 13.50 -13.02
C TRP C 470 -19.33 14.98 -13.18
N ARG C 471 -18.90 15.52 -14.31
CA ARG C 471 -19.07 16.94 -14.55
C ARG C 471 -20.54 17.33 -14.47
N SER C 472 -21.44 16.46 -14.93
CA SER C 472 -22.85 16.76 -14.90
C SER C 472 -23.41 16.93 -13.49
N GLU C 473 -22.70 16.47 -12.46
CA GLU C 473 -23.12 16.66 -11.07
C GLU C 473 -22.23 17.69 -10.36
N LEU C 474 -20.95 17.74 -10.74
CA LEU C 474 -19.97 18.61 -10.09
C LEU C 474 -19.94 20.04 -10.59
N TYR C 475 -20.66 20.31 -11.66
CA TYR C 475 -20.70 21.63 -12.28
C TYR C 475 -21.10 22.77 -11.37
N LYS C 476 -21.80 22.48 -10.28
CA LYS C 476 -22.23 23.56 -9.42
C LYS C 476 -21.26 23.82 -8.29
N TYR C 477 -20.17 23.07 -8.22
CA TYR C 477 -19.27 23.25 -7.09
C TYR C 477 -17.90 23.80 -7.46
N LYS C 478 -17.35 24.66 -6.59
CA LYS C 478 -16.00 25.19 -6.74
C LYS C 478 -15.20 25.13 -5.44
N VAL C 479 -13.91 24.84 -5.53
CA VAL C 479 -13.08 24.83 -4.31
C VAL C 479 -12.29 26.10 -4.12
N VAL C 480 -12.38 26.67 -2.92
CA VAL C 480 -11.61 27.87 -2.62
C VAL C 480 -10.82 27.74 -1.34
N LYS C 481 -9.68 28.40 -1.30
CA LYS C 481 -8.82 28.46 -0.14
C LYS C 481 -9.22 29.65 0.67
N ILE C 482 -9.33 29.48 1.96
CA ILE C 482 -9.70 30.58 2.80
C ILE C 482 -8.45 31.30 3.24
N GLU C 483 -8.47 32.63 3.14
CA GLU C 483 -7.34 33.45 3.50
C GLU C 483 -7.71 34.46 4.58
N PRO C 484 -7.77 34.04 5.85
CA PRO C 484 -8.26 34.80 6.99
C PRO C 484 -7.39 35.97 7.41
N LEU C 485 -6.17 36.05 6.94
CA LEU C 485 -5.31 37.14 7.36
C LEU C 485 -5.27 38.28 6.36
N GLY C 486 -5.38 39.51 6.84
CA GLY C 486 -5.27 40.65 5.93
C GLY C 486 -5.11 41.97 6.66
N VAL C 487 -4.88 43.02 5.90
CA VAL C 487 -4.66 44.33 6.49
C VAL C 487 -5.47 45.41 5.82
N ALA C 488 -5.66 46.51 6.54
CA ALA C 488 -6.29 47.72 6.04
C ALA C 488 -5.84 48.88 6.92
N PRO C 489 -5.76 50.12 6.46
CA PRO C 489 -5.45 51.26 7.28
C PRO C 489 -6.56 51.66 8.19
N THR C 490 -6.22 52.13 9.38
CA THR C 490 -7.15 52.69 10.32
C THR C 490 -6.53 53.90 11.02
N ALA C 491 -7.36 54.79 11.57
CA ALA C 491 -6.80 55.92 12.31
C ALA C 491 -6.52 55.59 13.77
N CYS C 492 -5.59 54.65 14.01
CA CYS C 492 -5.16 54.17 15.32
C CYS C 492 -3.72 53.64 15.30
N LYS C 493 -2.85 54.33 16.02
CA LYS C 493 -1.45 53.97 16.15
C LYS C 493 -1.28 53.04 17.35
N ARG C 494 -0.39 52.06 17.26
CA ARG C 494 -0.16 51.21 18.42
C ARG C 494 0.39 51.99 19.60
N ARG C 495 -0.21 51.76 20.76
CA ARG C 495 0.27 52.34 22.00
C ARG C 495 1.31 51.41 22.61
N VAL C 496 2.44 51.97 23.07
CA VAL C 496 3.55 51.23 23.69
C VAL C 496 3.86 51.93 25.02
N GLY D 10 -22.55 32.53 10.24
CA GLY D 10 -21.95 31.60 9.31
C GLY D 10 -20.49 32.01 9.03
N PHE D 11 -19.63 31.01 8.74
CA PHE D 11 -18.18 31.14 8.50
C PHE D 11 -17.75 32.23 7.49
N LEU D 12 -18.38 32.27 6.34
CA LEU D 12 -18.15 33.32 5.34
C LEU D 12 -19.36 34.25 5.23
N GLY D 13 -20.19 34.27 6.26
CA GLY D 13 -21.36 35.09 6.21
C GLY D 13 -20.89 36.52 6.17
N ALA D 14 -21.69 37.37 5.55
CA ALA D 14 -21.40 38.79 5.39
C ALA D 14 -20.15 39.02 4.55
N ALA D 15 -19.72 38.04 3.77
CA ALA D 15 -18.58 38.25 2.87
C ALA D 15 -18.88 39.36 1.88
N GLY D 16 -20.13 39.54 1.50
CA GLY D 16 -20.49 40.58 0.54
C GLY D 16 -20.81 41.93 1.21
N SER D 17 -20.65 42.01 2.53
CA SER D 17 -20.95 43.23 3.26
C SER D 17 -19.73 44.11 3.31
N THR D 18 -19.94 45.38 3.57
CA THR D 18 -18.80 46.25 3.66
C THR D 18 -18.10 46.09 5.00
N MET D 19 -16.88 46.63 5.07
CA MET D 19 -15.99 46.44 6.22
C MET D 19 -16.58 46.79 7.55
N GLY D 20 -17.44 47.80 7.59
CA GLY D 20 -18.01 48.23 8.85
C GLY D 20 -18.71 47.09 9.58
N ALA D 21 -19.31 46.17 8.82
CA ALA D 21 -19.99 45.02 9.41
C ALA D 21 -19.21 43.74 9.16
N ALA D 22 -18.55 43.66 8.01
CA ALA D 22 -17.86 42.45 7.59
C ALA D 22 -16.76 42.11 8.55
N SER D 23 -16.15 43.13 9.13
CA SER D 23 -15.08 42.98 10.09
C SER D 23 -15.49 42.37 11.46
N MET D 24 -16.82 42.30 11.77
CA MET D 24 -17.38 41.79 13.03
C MET D 24 -17.67 40.31 12.87
N ILE D 62 -2.40 7.45 1.59
CA ILE D 62 -1.32 8.39 1.90
C ILE D 62 -1.75 9.89 1.85
N LYS D 63 -2.84 10.19 1.12
CA LYS D 63 -3.41 11.52 0.92
C LYS D 63 -3.78 12.18 2.24
N GLN D 64 -4.22 11.37 3.19
CA GLN D 64 -4.61 11.85 4.48
C GLN D 64 -3.42 12.40 5.25
N LEU D 65 -2.21 11.85 5.06
CA LEU D 65 -1.12 12.42 5.83
C LEU D 65 -0.71 13.69 5.18
N GLN D 66 -0.78 13.75 3.87
CA GLN D 66 -0.40 14.98 3.22
C GLN D 66 -1.35 16.09 3.62
N ALA D 67 -2.64 15.78 3.68
CA ALA D 67 -3.59 16.79 4.06
C ALA D 67 -3.41 17.24 5.49
N ARG D 68 -3.11 16.32 6.40
CA ARG D 68 -2.92 16.73 7.77
C ARG D 68 -1.70 17.60 7.91
N VAL D 69 -0.63 17.28 7.19
CA VAL D 69 0.57 18.07 7.28
C VAL D 69 0.32 19.45 6.75
N LEU D 70 -0.38 19.57 5.63
CA LEU D 70 -0.62 20.88 5.10
C LEU D 70 -1.49 21.68 6.05
N ALA D 71 -2.49 21.05 6.67
CA ALA D 71 -3.32 21.82 7.57
C ALA D 71 -2.48 22.40 8.68
N VAL D 72 -1.51 21.61 9.17
CA VAL D 72 -0.63 22.11 10.21
C VAL D 72 0.25 23.22 9.70
N GLU D 73 0.84 23.05 8.52
CA GLU D 73 1.70 24.11 8.03
C GLU D 73 0.96 25.42 7.82
N HIS D 74 -0.29 25.36 7.35
CA HIS D 74 -1.00 26.61 7.14
C HIS D 74 -1.29 27.25 8.48
N TYR D 75 -1.67 26.44 9.47
CA TYR D 75 -1.94 26.94 10.79
C TYR D 75 -0.73 27.62 11.38
N LEU D 76 0.42 26.94 11.32
CA LEU D 76 1.60 27.49 11.92
C LEU D 76 2.05 28.75 11.22
N ARG D 77 1.92 28.82 9.90
CA ARG D 77 2.32 30.06 9.25
C ARG D 77 1.48 31.22 9.72
N ASP D 78 0.16 31.03 9.88
CA ASP D 78 -0.59 32.18 10.33
C ASP D 78 -0.22 32.55 11.74
N GLN D 79 0.04 31.57 12.61
CA GLN D 79 0.36 31.94 13.96
C GLN D 79 1.72 32.61 14.06
N GLN D 80 2.69 32.14 13.27
CA GLN D 80 3.99 32.75 13.34
C GLN D 80 3.92 34.15 12.83
N LEU D 81 3.21 34.35 11.73
CA LEU D 81 3.17 35.64 11.10
C LEU D 81 2.40 36.64 11.95
N LEU D 82 1.34 36.22 12.62
CA LEU D 82 0.71 37.17 13.50
C LEU D 82 1.62 37.50 14.68
N GLY D 83 2.27 36.48 15.25
CA GLY D 83 3.08 36.73 16.41
C GLY D 83 4.26 37.63 16.14
N ILE D 84 4.89 37.48 14.99
CA ILE D 84 6.09 38.20 14.62
C ILE D 84 5.80 39.68 14.38
N TRP D 85 4.53 40.05 14.26
CA TRP D 85 4.11 41.42 14.05
C TRP D 85 3.52 42.03 15.30
N GLY D 86 3.46 41.26 16.39
CA GLY D 86 2.82 41.75 17.61
C GLY D 86 1.32 41.42 17.84
N CYS D 87 0.67 40.50 17.06
CA CYS D 87 -0.74 40.12 17.21
C CYS D 87 -0.84 38.76 17.90
N SER D 88 0.20 38.31 18.59
CA SER D 88 0.03 37.03 19.22
C SER D 88 -1.08 37.13 20.23
N GLY D 89 -2.03 36.20 20.18
CA GLY D 89 -3.13 36.20 21.15
C GLY D 89 -4.27 37.16 20.82
N LYS D 90 -4.23 37.83 19.68
CA LYS D 90 -5.24 38.80 19.29
C LYS D 90 -5.78 38.55 17.90
N LEU D 91 -7.04 38.89 17.69
CA LEU D 91 -7.59 38.81 16.35
C LEU D 91 -7.33 40.08 15.59
N ILE D 92 -7.28 41.17 16.33
CA ILE D 92 -7.02 42.46 15.73
C ILE D 92 -5.94 43.16 16.53
N CYS D 93 -4.91 43.75 15.88
CA CYS D 93 -3.93 44.57 16.60
C CYS D 93 -3.47 45.65 15.65
N THR D 94 -2.85 46.66 16.23
CA THR D 94 -2.33 47.75 15.45
C THR D 94 -0.84 47.79 15.60
N THR D 95 -0.22 48.55 14.71
CA THR D 95 1.23 48.75 14.64
C THR D 95 1.61 50.20 14.58
N ASN D 96 2.91 50.42 14.47
CA ASN D 96 3.47 51.75 14.35
C ASN D 96 3.86 52.09 12.90
N VAL D 97 3.57 51.17 11.99
CA VAL D 97 3.83 51.36 10.58
C VAL D 97 2.69 52.18 10.01
N PRO D 98 2.96 53.35 9.40
CA PRO D 98 2.00 54.25 8.82
C PRO D 98 1.52 53.69 7.53
N TRP D 99 0.37 54.13 7.10
CA TRP D 99 -0.10 53.80 5.78
C TRP D 99 0.63 54.79 4.86
N ASN D 100 1.30 54.29 3.79
CA ASN D 100 2.10 55.12 2.88
C ASN D 100 1.29 56.01 1.92
N SER D 101 0.00 55.68 1.65
CA SER D 101 -0.95 56.37 0.72
C SER D 101 -0.69 56.02 -0.74
N THR D 102 0.41 55.33 -0.99
CA THR D 102 0.77 54.96 -2.34
C THR D 102 0.19 53.59 -2.63
N TRP D 103 -0.04 52.82 -1.58
CA TRP D 103 -0.61 51.49 -1.67
C TRP D 103 -2.04 51.67 -2.13
N SER D 104 -2.66 52.69 -1.58
CA SER D 104 -3.99 53.16 -1.92
C SER D 104 -4.11 54.58 -1.43
N ASN D 105 -4.57 55.50 -2.33
CA ASN D 105 -4.72 56.94 -2.06
C ASN D 105 -6.17 57.34 -1.68
N LYS D 106 -7.05 56.35 -1.39
CA LYS D 106 -8.46 56.57 -1.03
C LYS D 106 -8.72 57.13 0.35
N THR D 107 -9.76 57.93 0.45
CA THR D 107 -10.20 58.48 1.70
C THR D 107 -10.98 57.42 2.45
N LEU D 108 -10.22 56.44 2.91
CA LEU D 108 -10.68 55.21 3.53
C LEU D 108 -11.35 55.43 4.85
N SER D 109 -11.11 56.56 5.49
CA SER D 109 -11.82 56.77 6.72
C SER D 109 -13.34 56.80 6.46
N GLU D 110 -13.77 57.12 5.21
CA GLU D 110 -15.19 57.08 4.90
C GLU D 110 -15.49 55.87 4.02
N ILE D 111 -14.56 55.57 3.08
CA ILE D 111 -14.67 54.45 2.11
C ILE D 111 -14.72 53.11 2.80
N TRP D 112 -14.11 52.99 3.96
CA TRP D 112 -14.16 51.78 4.75
C TRP D 112 -15.57 51.20 4.76
N ASP D 113 -16.61 52.02 4.86
CA ASP D 113 -17.94 51.46 4.97
C ASP D 113 -18.66 51.23 3.64
N ASN D 114 -18.01 51.47 2.50
CA ASN D 114 -18.63 51.22 1.21
C ASN D 114 -17.82 50.25 0.33
N MET D 115 -16.87 49.53 0.95
CA MET D 115 -16.07 48.54 0.25
C MET D 115 -16.10 47.24 1.06
N THR D 116 -15.99 46.11 0.36
CA THR D 116 -15.96 44.80 0.99
C THR D 116 -14.53 44.32 1.18
N TRP D 117 -14.34 43.25 1.96
CA TRP D 117 -13.00 42.72 2.13
C TRP D 117 -12.49 42.06 0.86
N LEU D 118 -13.38 41.50 0.07
CA LEU D 118 -12.93 40.85 -1.14
C LEU D 118 -12.38 41.87 -2.12
N GLN D 119 -13.06 43.01 -2.24
CA GLN D 119 -12.59 44.01 -3.17
C GLN D 119 -11.30 44.64 -2.69
N TRP D 120 -11.22 44.86 -1.39
CA TRP D 120 -10.06 45.45 -0.78
C TRP D 120 -8.85 44.55 -0.95
N ASP D 121 -9.04 43.26 -0.73
CA ASP D 121 -7.93 42.35 -0.86
C ASP D 121 -7.36 42.44 -2.26
N LYS D 122 -8.22 42.57 -3.27
CA LYS D 122 -7.69 42.74 -4.60
C LYS D 122 -6.98 44.08 -4.75
N GLU D 123 -7.57 45.15 -4.23
CA GLU D 123 -7.06 46.52 -4.40
C GLU D 123 -5.63 46.70 -3.97
N ILE D 124 -5.23 46.08 -2.87
CA ILE D 124 -3.86 46.25 -2.41
C ILE D 124 -3.05 44.98 -2.46
N SER D 125 -3.43 44.02 -3.31
CA SER D 125 -2.68 42.75 -3.29
C SER D 125 -1.19 42.90 -3.65
N ASN D 126 -0.80 43.92 -4.46
CA ASN D 126 0.57 44.20 -4.91
C ASN D 126 1.50 44.70 -3.80
N TYR D 127 0.95 45.09 -2.62
CA TYR D 127 1.69 45.65 -1.50
C TYR D 127 1.74 44.67 -0.36
N THR D 128 1.31 43.43 -0.58
CA THR D 128 1.26 42.49 0.52
C THR D 128 2.60 42.26 1.19
N GLN D 129 3.63 42.07 0.40
CA GLN D 129 4.94 41.78 0.97
C GLN D 129 5.56 43.01 1.55
N ILE D 130 5.26 44.16 0.96
CA ILE D 130 5.82 45.39 1.45
C ILE D 130 5.28 45.67 2.82
N ILE D 131 3.98 45.55 2.98
CA ILE D 131 3.39 45.83 4.24
C ILE D 131 3.85 44.83 5.26
N TYR D 132 3.87 43.56 4.89
CA TYR D 132 4.28 42.58 5.87
C TYR D 132 5.71 42.82 6.29
N GLY D 133 6.59 43.18 5.35
CA GLY D 133 7.98 43.42 5.71
C GLY D 133 8.09 44.59 6.69
N LEU D 134 7.30 45.63 6.47
CA LEU D 134 7.34 46.76 7.38
C LEU D 134 6.84 46.37 8.75
N LEU D 135 5.81 45.52 8.80
CA LEU D 135 5.28 45.11 10.08
C LEU D 135 6.32 44.30 10.85
N GLU D 136 7.08 43.46 10.14
CA GLU D 136 8.12 42.68 10.80
C GLU D 136 9.20 43.59 11.36
N GLU D 137 9.58 44.61 10.58
CA GLU D 137 10.62 45.52 11.03
C GLU D 137 10.18 46.29 12.24
N SER D 138 8.92 46.71 12.25
CA SER D 138 8.41 47.49 13.35
C SER D 138 8.45 46.70 14.63
N GLN D 139 8.03 45.44 14.58
CA GLN D 139 8.04 44.66 15.79
C GLN D 139 9.45 44.40 16.26
N ASN D 140 10.38 44.20 15.33
CA ASN D 140 11.73 43.91 15.76
C ASN D 140 12.34 45.16 16.37
N GLN D 141 12.06 46.32 15.81
CA GLN D 141 12.64 47.52 16.38
C GLN D 141 12.06 47.78 17.77
N GLN D 142 10.77 47.51 17.96
CA GLN D 142 10.21 47.76 19.28
C GLN D 142 10.94 46.93 20.32
N GLU D 143 11.24 45.67 20.00
CA GLU D 143 11.95 44.85 20.96
C GLU D 143 13.37 45.38 21.20
N LYS D 144 14.02 45.87 20.15
CA LYS D 144 15.36 46.42 20.36
C LYS D 144 15.35 47.64 21.28
N ASN D 145 14.29 48.50 21.21
CA ASN D 145 14.15 49.67 22.08
C ASN D 145 13.88 49.25 23.54
N GLU D 146 13.07 48.17 23.77
CA GLU D 146 12.73 47.61 25.10
C GLU D 146 13.95 47.20 25.88
N THR D 147 14.91 46.59 25.20
CA THR D 147 16.12 46.12 25.85
C THR D 147 17.31 47.03 25.66
N ASP D 148 17.09 48.28 25.26
CA ASP D 148 18.19 49.22 25.12
C ASP D 148 18.81 49.40 26.48
N ASN D 149 20.11 49.16 26.58
CA ASN D 149 20.79 49.22 27.85
C ASN D 149 20.83 50.60 28.48
N LEU D 150 20.75 51.66 27.69
CA LEU D 150 20.86 53.00 28.27
C LEU D 150 19.65 53.33 29.14
N THR D 151 18.47 53.04 28.64
CA THR D 151 17.21 53.26 29.34
C THR D 151 16.35 52.02 29.14
N CYS D 152 16.68 50.91 29.83
CA CYS D 152 16.07 49.60 29.64
C CYS D 152 14.70 49.51 30.32
N ASP D 153 13.72 48.99 29.56
CA ASP D 153 12.35 48.83 30.00
C ASP D 153 12.03 49.85 31.11
N TRP E 40 -15.61 29.39 41.08
CA TRP E 40 -14.98 29.92 39.86
C TRP E 40 -14.21 28.78 39.18
N VAL E 41 -14.26 28.70 37.82
CA VAL E 41 -13.59 27.60 37.10
C VAL E 41 -12.10 27.88 36.88
N THR E 42 -11.25 27.05 37.44
CA THR E 42 -9.83 27.22 37.25
C THR E 42 -9.39 26.21 36.26
N VAL E 43 -8.64 26.65 35.29
CA VAL E 43 -8.16 25.78 34.25
C VAL E 43 -6.71 25.44 34.48
N TYR E 44 -6.40 24.15 34.41
CA TYR E 44 -5.07 23.66 34.65
C TYR E 44 -4.54 22.90 33.43
N TYR E 45 -3.26 23.07 33.13
CA TYR E 45 -2.60 22.31 32.08
C TYR E 45 -1.36 21.57 32.57
N GLY E 46 -1.28 20.27 32.26
CA GLY E 46 -0.18 19.41 32.70
C GLY E 46 -0.64 18.49 33.82
N VAL E 47 -1.95 18.40 33.99
CA VAL E 47 -2.65 17.62 35.00
C VAL E 47 -2.38 16.12 34.89
N PRO E 48 -2.02 15.43 35.99
CA PRO E 48 -1.66 14.02 36.04
C PRO E 48 -2.83 13.06 35.93
N VAL E 49 -3.44 13.06 34.76
CA VAL E 49 -4.57 12.20 34.42
C VAL E 49 -4.33 11.44 33.13
N TRP E 50 -4.79 10.20 33.09
CA TRP E 50 -4.65 9.36 31.92
C TRP E 50 -5.91 8.58 31.67
N LYS E 51 -6.09 8.16 30.43
CA LYS E 51 -7.23 7.34 30.01
C LYS E 51 -6.79 6.15 29.17
N ASP E 52 -7.56 5.07 29.24
CA ASP E 52 -7.23 3.90 28.45
C ASP E 52 -7.21 4.26 26.99
N ALA E 53 -6.20 3.77 26.27
CA ALA E 53 -6.14 4.12 24.87
C ALA E 53 -5.38 3.10 24.06
N GLU E 54 -5.65 3.07 22.76
CA GLU E 54 -4.91 2.17 21.90
C GLU E 54 -4.14 2.95 20.87
N THR E 55 -2.85 2.70 20.83
CA THR E 55 -1.94 3.32 19.90
C THR E 55 -0.96 2.33 19.38
N THR E 56 -0.05 2.80 18.56
CA THR E 56 0.99 1.96 17.99
C THR E 56 2.25 2.11 18.80
N LEU E 57 2.79 0.98 19.26
CA LEU E 57 4.02 1.03 20.03
C LEU E 57 5.21 0.88 19.14
N PHE E 58 6.33 1.39 19.58
CA PHE E 58 7.54 1.29 18.82
C PHE E 58 8.10 -0.12 18.90
N CYS E 59 8.65 -0.60 17.75
CA CYS E 59 9.36 -1.87 17.56
C CYS E 59 10.60 -1.81 18.46
N ALA E 60 11.19 -0.63 18.48
CA ALA E 60 12.32 -0.32 19.34
C ALA E 60 13.46 -1.32 19.06
N SER E 61 13.92 -2.12 20.05
CA SER E 61 14.98 -3.12 19.99
C SER E 61 14.83 -3.98 21.23
N HIS E 71 20.35 -9.92 8.14
CA HIS E 71 20.77 -11.21 8.70
C HIS E 71 19.98 -11.67 9.96
N ASN E 72 19.11 -10.79 10.52
CA ASN E 72 18.23 -11.00 11.67
C ASN E 72 17.00 -10.12 11.52
N VAL E 73 15.85 -10.76 11.44
CA VAL E 73 14.62 -10.03 11.15
C VAL E 73 14.25 -9.05 12.22
N TRP E 74 14.33 -9.50 13.43
CA TRP E 74 13.94 -8.71 14.55
C TRP E 74 14.82 -7.48 14.64
N ALA E 75 16.12 -7.66 14.47
CA ALA E 75 17.09 -6.59 14.53
C ALA E 75 16.93 -5.62 13.37
N THR E 76 16.52 -6.11 12.20
CA THR E 76 16.35 -5.27 11.03
C THR E 76 15.27 -4.23 11.25
N HIS E 77 14.12 -4.67 11.78
CA HIS E 77 13.03 -3.72 12.01
C HIS E 77 13.07 -3.04 13.38
N CYS E 78 13.41 -3.78 14.46
CA CYS E 78 13.50 -3.29 15.82
C CYS E 78 14.97 -2.93 15.96
N CYS E 79 15.30 -1.86 15.26
CA CYS E 79 16.64 -1.35 15.07
C CYS E 79 16.93 -0.06 15.83
N VAL E 80 16.11 0.26 16.82
CA VAL E 80 16.28 1.47 17.60
C VAL E 80 16.70 1.12 19.02
N PRO E 81 17.88 1.57 19.49
CA PRO E 81 18.41 1.25 20.80
C PRO E 81 17.43 1.59 21.90
N THR E 82 17.40 0.73 22.90
CA THR E 82 16.53 0.86 24.04
C THR E 82 17.12 1.80 25.05
N ASP E 83 16.29 2.20 26.01
CA ASP E 83 16.75 3.05 27.09
C ASP E 83 17.78 2.29 27.93
N PRO E 84 19.05 2.73 28.03
CA PRO E 84 20.12 2.08 28.77
C PRO E 84 19.87 2.11 30.27
N ASN E 85 18.97 2.98 30.72
CA ASN E 85 18.66 3.09 32.13
C ASN E 85 17.20 3.46 32.32
N PRO E 86 16.27 2.50 32.14
CA PRO E 86 14.84 2.70 32.20
C PRO E 86 14.45 3.24 33.54
N GLN E 87 13.52 4.17 33.54
CA GLN E 87 13.05 4.72 34.80
C GLN E 87 11.68 4.21 35.10
N GLU E 88 11.33 4.21 36.38
CA GLU E 88 10.02 3.77 36.79
C GLU E 88 9.50 4.56 37.97
N ILE E 89 8.26 5.00 37.87
CA ILE E 89 7.64 5.77 38.95
C ILE E 89 6.52 5.03 39.61
N VAL E 90 6.62 4.89 40.91
CA VAL E 90 5.60 4.21 41.67
C VAL E 90 4.46 5.15 41.92
N LEU E 91 3.23 4.71 41.68
CA LEU E 91 2.13 5.61 41.91
C LEU E 91 1.45 5.30 43.23
N GLU E 92 1.84 6.05 44.25
CA GLU E 92 1.36 5.79 45.58
C GLU E 92 -0.15 5.97 45.62
N ASN E 93 -0.88 5.04 46.30
CA ASN E 93 -2.35 5.08 46.50
C ASN E 93 -3.17 4.95 45.18
N VAL E 94 -2.55 4.49 44.05
CA VAL E 94 -3.24 4.28 42.77
C VAL E 94 -3.56 2.83 42.50
N THR E 95 -4.79 2.59 42.12
CA THR E 95 -5.29 1.27 41.73
C THR E 95 -5.69 1.38 40.27
N GLU E 96 -5.38 0.36 39.48
CA GLU E 96 -5.74 0.38 38.07
C GLU E 96 -6.21 -1.00 37.60
N ASN E 97 -7.07 -1.02 36.58
CA ASN E 97 -7.60 -2.26 36.02
C ASN E 97 -6.85 -2.81 34.83
N PHE E 98 -6.34 -4.02 35.00
CA PHE E 98 -5.59 -4.68 33.94
C PHE E 98 -6.40 -5.87 33.51
N ASN E 99 -6.35 -6.22 32.23
CA ASN E 99 -7.08 -7.41 31.77
C ASN E 99 -6.36 -8.06 30.61
N MET E 100 -5.81 -9.23 30.86
CA MET E 100 -5.01 -9.94 29.88
C MET E 100 -5.72 -10.27 28.60
N TRP E 101 -7.01 -10.51 28.67
CA TRP E 101 -7.72 -10.95 27.50
C TRP E 101 -8.36 -9.81 26.74
N LYS E 102 -8.15 -8.59 27.24
CA LYS E 102 -8.66 -7.39 26.63
C LYS E 102 -7.50 -6.49 26.29
N ASN E 103 -6.30 -7.03 26.39
CA ASN E 103 -5.10 -6.27 26.20
C ASN E 103 -4.71 -6.24 24.74
N ASN E 104 -4.87 -5.08 24.13
CA ASN E 104 -4.68 -4.90 22.69
C ASN E 104 -3.24 -5.06 22.27
N MET E 105 -2.31 -5.04 23.21
CA MET E 105 -0.92 -5.19 22.85
C MET E 105 -0.64 -6.59 22.39
N VAL E 106 -1.43 -7.55 22.84
CA VAL E 106 -1.14 -8.91 22.44
C VAL E 106 -1.44 -9.01 20.97
N GLU E 107 -2.58 -8.45 20.59
CA GLU E 107 -3.02 -8.49 19.21
C GLU E 107 -2.11 -7.64 18.35
N GLN E 108 -1.67 -6.48 18.86
CA GLN E 108 -0.82 -5.66 18.04
C GLN E 108 0.50 -6.34 17.79
N MET E 109 1.08 -6.96 18.81
CA MET E 109 2.35 -7.58 18.57
C MET E 109 2.18 -8.70 17.59
N HIS E 110 1.06 -9.45 17.68
CA HIS E 110 0.80 -10.54 16.77
C HIS E 110 0.78 -10.05 15.34
N GLU E 111 0.06 -8.96 15.08
CA GLU E 111 0.01 -8.46 13.72
C GLU E 111 1.37 -8.02 13.23
N ASP E 112 2.15 -7.38 14.09
CA ASP E 112 3.45 -6.94 13.64
C ASP E 112 4.38 -8.11 13.40
N ILE E 113 4.30 -9.15 14.22
CA ILE E 113 5.18 -10.27 14.01
C ILE E 113 4.86 -10.93 12.69
N ILE E 114 3.58 -11.07 12.36
CA ILE E 114 3.23 -11.69 11.10
C ILE E 114 3.82 -10.87 9.98
N SER E 115 3.69 -9.55 10.06
CA SER E 115 4.24 -8.72 9.02
C SER E 115 5.75 -8.92 8.91
N LEU E 116 6.46 -8.98 10.04
CA LEU E 116 7.90 -9.14 10.00
C LEU E 116 8.28 -10.45 9.34
N TRP E 117 7.52 -11.50 9.66
CA TRP E 117 7.76 -12.82 9.11
C TRP E 117 7.64 -12.81 7.60
N ASP E 118 6.54 -12.24 7.10
CA ASP E 118 6.33 -12.23 5.67
C ASP E 118 7.28 -11.28 4.96
N GLN E 119 7.60 -10.14 5.58
CA GLN E 119 8.48 -9.21 4.93
C GLN E 119 9.84 -9.82 4.73
N SER E 120 10.29 -10.58 5.72
CA SER E 120 11.59 -11.23 5.65
C SER E 120 11.65 -12.29 4.57
N LEU E 121 10.60 -13.12 4.49
CA LEU E 121 10.59 -14.17 3.51
C LEU E 121 10.31 -13.72 2.09
N LYS E 122 9.50 -12.69 1.91
CA LYS E 122 9.18 -12.23 0.56
C LYS E 122 10.39 -12.15 -0.41
N PRO E 123 11.48 -11.39 -0.14
CA PRO E 123 12.65 -11.28 -1.03
C PRO E 123 13.59 -12.48 -0.92
N CYS E 124 13.10 -13.67 -1.35
CA CYS E 124 13.76 -14.97 -1.27
C CYS E 124 13.25 -15.88 -2.40
N VAL E 125 13.69 -17.14 -2.37
CA VAL E 125 13.40 -18.16 -3.36
C VAL E 125 12.02 -18.78 -3.33
N LYS E 126 11.39 -18.82 -4.48
CA LYS E 126 10.09 -19.45 -4.58
C LYS E 126 10.29 -20.91 -4.96
N LEU E 127 9.49 -21.81 -4.41
CA LEU E 127 9.61 -23.21 -4.78
C LEU E 127 8.50 -23.67 -5.71
N THR E 128 7.76 -22.73 -6.25
CA THR E 128 6.67 -23.02 -7.16
C THR E 128 6.97 -24.11 -8.20
N PRO E 129 8.09 -24.07 -8.98
CA PRO E 129 8.40 -25.03 -10.00
C PRO E 129 8.60 -26.46 -9.50
N LEU E 130 8.75 -26.63 -8.20
CA LEU E 130 8.90 -27.97 -7.64
C LEU E 130 7.58 -28.70 -7.34
N CYS E 131 6.41 -28.04 -7.56
CA CYS E 131 5.10 -28.64 -7.34
C CYS E 131 4.74 -29.49 -8.56
N VAL E 132 5.45 -30.59 -8.66
CA VAL E 132 5.35 -31.54 -9.76
C VAL E 132 5.18 -32.93 -9.24
N THR E 133 4.78 -33.85 -10.09
CA THR E 133 4.69 -35.23 -9.66
C THR E 133 6.07 -35.71 -9.26
N LEU E 134 6.15 -36.36 -8.11
CA LEU E 134 7.39 -36.92 -7.61
C LEU E 134 7.32 -38.44 -7.69
N ASN E 135 8.44 -39.11 -8.04
CA ASN E 135 8.58 -40.58 -8.06
C ASN E 135 9.33 -40.99 -6.78
N CYS E 136 8.61 -41.53 -5.75
CA CYS E 136 9.19 -41.77 -4.42
C CYS E 136 9.26 -43.25 -4.04
N THR E 137 10.43 -43.59 -3.47
CA THR E 137 10.74 -44.91 -2.91
C THR E 137 11.24 -44.81 -1.47
N ASN E 138 11.62 -45.93 -0.89
CA ASN E 138 12.06 -45.94 0.51
C ASN E 138 13.52 -45.50 0.68
N ALA E 139 13.75 -44.53 1.57
CA ALA E 139 15.09 -44.04 1.83
C ALA E 139 15.78 -44.88 2.89
N THR E 140 17.10 -44.99 2.81
CA THR E 140 17.90 -45.70 3.80
C THR E 140 18.88 -44.74 4.44
N ALA E 141 19.43 -45.13 5.59
CA ALA E 141 20.45 -44.31 6.26
C ALA E 141 21.40 -45.14 7.08
N SER E 142 22.68 -44.72 7.09
CA SER E 142 23.79 -45.33 7.86
C SER E 142 24.13 -46.75 7.38
N ASN E 143 23.15 -47.64 7.49
CA ASN E 143 23.18 -49.01 7.06
C ASN E 143 22.25 -49.13 5.85
N SER E 144 22.10 -50.33 5.31
CA SER E 144 21.23 -50.60 4.18
C SER E 144 19.74 -50.53 4.57
N SER E 145 19.46 -50.50 5.86
CA SER E 145 18.13 -50.43 6.43
C SER E 145 17.40 -49.13 6.11
N ILE E 146 16.09 -49.27 5.92
CA ILE E 146 15.19 -48.17 5.63
C ILE E 146 14.97 -47.32 6.85
N ILE E 147 15.10 -46.03 6.67
CA ILE E 147 14.88 -45.10 7.75
C ILE E 147 13.46 -44.56 7.68
N GLU E 148 12.67 -44.95 8.66
CA GLU E 148 11.27 -44.61 8.68
C GLU E 148 11.02 -43.13 8.71
N GLY E 149 10.14 -42.71 7.83
CA GLY E 149 9.71 -41.34 7.72
C GLY E 149 10.35 -40.65 6.55
N MET E 150 11.42 -41.24 5.99
CA MET E 150 12.04 -40.60 4.86
C MET E 150 11.80 -41.35 3.56
N LYS E 151 11.53 -40.58 2.52
CA LYS E 151 11.38 -41.15 1.20
C LYS E 151 12.37 -40.52 0.24
N ASN E 152 12.85 -41.33 -0.70
CA ASN E 152 13.81 -40.99 -1.75
C ASN E 152 13.03 -40.64 -3.03
N CYS E 153 12.87 -39.32 -3.32
CA CYS E 153 11.99 -38.82 -4.38
C CYS E 153 12.74 -38.15 -5.51
N SER E 154 12.35 -38.50 -6.75
CA SER E 154 12.95 -37.87 -7.93
C SER E 154 11.94 -37.07 -8.73
N PHE E 155 12.45 -36.07 -9.47
CA PHE E 155 11.64 -35.20 -10.31
C PHE E 155 12.42 -34.55 -11.48
N ASN E 156 11.67 -34.06 -12.51
CA ASN E 156 12.20 -33.35 -13.70
C ASN E 156 12.09 -31.82 -13.54
N ILE E 157 13.24 -31.12 -13.37
CA ILE E 157 13.34 -29.66 -13.16
C ILE E 157 14.18 -28.95 -14.24
N THR E 158 13.75 -27.75 -14.62
CA THR E 158 14.43 -27.00 -15.68
C THR E 158 15.88 -26.65 -15.40
N THR E 159 16.19 -26.16 -14.21
CA THR E 159 17.52 -25.68 -13.80
C THR E 159 18.03 -24.58 -14.74
N GLU E 160 19.04 -24.88 -15.57
CA GLU E 160 19.60 -23.87 -16.45
C GLU E 160 18.78 -23.70 -17.72
N LEU E 161 18.63 -22.45 -18.13
CA LEU E 161 17.94 -22.12 -19.37
C LEU E 161 16.55 -22.76 -19.48
N ARG E 162 16.31 -23.49 -20.57
CA ARG E 162 15.02 -24.14 -20.81
C ARG E 162 15.17 -25.52 -21.39
N ASP E 163 14.12 -26.32 -21.18
CA ASP E 163 13.96 -27.68 -21.70
C ASP E 163 15.04 -28.65 -21.31
N LYS E 164 15.54 -28.57 -20.08
CA LYS E 164 16.55 -29.55 -19.72
C LYS E 164 15.90 -30.72 -19.02
N ARG E 165 14.85 -30.45 -18.23
CA ARG E 165 14.14 -31.51 -17.52
C ARG E 165 15.13 -32.41 -16.83
N GLU E 166 16.04 -31.83 -16.09
CA GLU E 166 17.08 -32.62 -15.48
C GLU E 166 16.50 -33.41 -14.34
N LYS E 167 16.87 -34.67 -14.26
CA LYS E 167 16.35 -35.48 -13.18
C LYS E 167 17.17 -35.26 -11.94
N LYS E 168 16.48 -34.81 -10.91
CA LYS E 168 17.05 -34.49 -9.62
C LYS E 168 16.31 -35.24 -8.56
N ASN E 169 16.93 -35.37 -7.40
CA ASN E 169 16.23 -36.01 -6.33
C ASN E 169 16.66 -35.46 -4.98
N ALA E 170 15.89 -35.83 -3.97
CA ALA E 170 16.17 -35.46 -2.61
C ALA E 170 15.43 -36.35 -1.64
N LEU E 171 15.88 -36.35 -0.40
CA LEU E 171 15.13 -37.08 0.60
C LEU E 171 14.14 -36.11 1.21
N PHE E 172 12.95 -36.62 1.47
CA PHE E 172 11.87 -35.85 2.08
C PHE E 172 11.19 -36.57 3.21
N TYR E 173 10.60 -35.81 4.10
CA TYR E 173 9.81 -36.39 5.16
C TYR E 173 8.44 -36.75 4.64
N LYS E 174 7.89 -37.84 5.16
CA LYS E 174 6.54 -38.23 4.80
C LYS E 174 5.52 -37.17 5.18
N LEU E 175 5.76 -36.42 6.24
CA LEU E 175 4.79 -35.43 6.68
C LEU E 175 4.56 -34.31 5.68
N ASP E 176 5.52 -34.10 4.77
CA ASP E 176 5.42 -33.05 3.78
C ASP E 176 4.88 -33.52 2.43
N ILE E 177 4.61 -34.83 2.31
CA ILE E 177 4.21 -35.42 1.04
C ILE E 177 2.89 -36.18 1.04
N VAL E 178 2.07 -35.90 0.03
CA VAL E 178 0.80 -36.58 -0.11
C VAL E 178 0.71 -37.42 -1.37
N GLN E 179 0.24 -38.64 -1.22
CA GLN E 179 0.10 -39.61 -2.30
C GLN E 179 -0.98 -39.20 -3.28
N LEU E 180 -0.69 -39.35 -4.58
CA LEU E 180 -1.67 -38.99 -5.60
C LEU E 180 -2.78 -40.00 -5.83
N ASP E 181 -2.51 -41.30 -5.67
CA ASP E 181 -3.54 -42.30 -5.90
C ASP E 181 -3.26 -43.56 -5.09
N GLY E 182 -4.13 -44.54 -5.17
CA GLY E 182 -3.92 -45.79 -4.45
C GLY E 182 -2.85 -46.61 -5.12
N ASN E 183 -2.13 -47.43 -4.33
CA ASN E 183 -1.12 -48.32 -4.89
C ASN E 183 -0.16 -47.58 -5.80
N SER E 184 0.31 -46.42 -5.38
CA SER E 184 1.16 -45.65 -6.25
C SER E 184 2.33 -44.96 -5.63
N SER E 185 3.38 -44.96 -6.43
CA SER E 185 4.68 -44.35 -6.21
C SER E 185 4.69 -42.86 -6.52
N GLN E 186 3.58 -42.37 -7.08
CA GLN E 186 3.52 -40.97 -7.46
C GLN E 186 2.91 -40.10 -6.37
N TYR E 187 3.63 -39.04 -6.05
CA TYR E 187 3.31 -38.10 -4.98
C TYR E 187 3.40 -36.63 -5.35
N ARG E 188 2.75 -35.78 -4.57
CA ARG E 188 2.89 -34.33 -4.71
C ARG E 188 3.14 -33.72 -3.34
N LEU E 189 3.62 -32.48 -3.31
CA LEU E 189 3.84 -31.83 -2.03
C LEU E 189 2.50 -31.39 -1.45
N ILE E 190 2.38 -31.40 -0.14
CA ILE E 190 1.10 -31.05 0.47
C ILE E 190 0.58 -29.65 0.19
N ASN E 191 1.46 -28.69 -0.02
CA ASN E 191 0.93 -27.34 -0.24
C ASN E 191 0.47 -27.05 -1.68
N CYS E 192 0.57 -28.05 -2.62
CA CYS E 192 0.16 -27.94 -4.02
C CYS E 192 -1.35 -27.81 -4.07
N ASN E 193 -1.99 -28.19 -2.98
CA ASN E 193 -3.43 -28.13 -2.84
C ASN E 193 -3.95 -26.68 -2.70
N THR E 194 -3.13 -25.74 -2.13
CA THR E 194 -3.53 -24.36 -1.81
C THR E 194 -2.65 -23.24 -2.34
N SER E 195 -1.33 -23.37 -2.24
CA SER E 195 -0.48 -22.21 -2.52
C SER E 195 0.97 -22.52 -2.84
N ALA E 196 1.73 -21.45 -3.03
CA ALA E 196 3.15 -21.55 -3.30
C ALA E 196 3.89 -21.74 -1.99
N ILE E 197 5.06 -22.33 -2.04
CA ILE E 197 5.86 -22.48 -0.84
C ILE E 197 7.06 -21.59 -0.97
N THR E 198 7.31 -20.74 0.01
CA THR E 198 8.49 -19.88 -0.06
C THR E 198 9.60 -20.54 0.74
N GLN E 199 10.78 -20.65 0.17
CA GLN E 199 11.88 -21.25 0.91
C GLN E 199 12.45 -20.22 1.82
N ALA E 200 12.73 -20.56 3.05
CA ALA E 200 13.40 -19.53 3.85
C ALA E 200 14.85 -19.50 3.42
N CYS E 201 15.44 -18.30 3.26
CA CYS E 201 16.85 -18.14 2.89
C CYS E 201 17.73 -18.21 4.16
N PRO E 202 18.79 -19.03 4.16
CA PRO E 202 19.77 -19.22 5.23
C PRO E 202 20.45 -17.92 5.65
N LYS E 203 20.40 -16.92 4.78
CA LYS E 203 21.00 -15.62 5.01
C LYS E 203 20.37 -14.90 6.19
N VAL E 204 19.12 -15.23 6.55
CA VAL E 204 18.45 -14.51 7.62
C VAL E 204 17.94 -15.36 8.78
N SER E 205 18.29 -14.90 9.97
CA SER E 205 17.84 -15.52 11.21
C SER E 205 16.52 -14.97 11.70
N PHE E 206 15.71 -15.85 12.23
CA PHE E 206 14.44 -15.49 12.83
C PHE E 206 14.49 -15.65 14.35
N GLU E 207 15.69 -15.81 14.92
CA GLU E 207 15.87 -16.02 16.34
C GLU E 207 15.15 -14.96 17.17
N PRO E 208 14.32 -15.34 18.16
CA PRO E 208 13.51 -14.47 18.97
C PRO E 208 14.24 -13.70 20.04
N ILE E 209 15.06 -12.75 19.60
CA ILE E 209 15.79 -11.88 20.50
C ILE E 209 14.74 -11.01 21.22
N PRO E 210 14.89 -10.71 22.51
CA PRO E 210 13.93 -9.96 23.29
C PRO E 210 13.75 -8.55 22.80
N ILE E 211 12.50 -8.13 22.70
CA ILE E 211 12.18 -6.78 22.28
C ILE E 211 11.41 -6.03 23.35
N HIS E 212 11.81 -4.79 23.58
CA HIS E 212 11.15 -3.90 24.53
C HIS E 212 10.21 -3.00 23.77
N TYR E 213 8.91 -3.06 24.01
CA TYR E 213 8.04 -2.20 23.20
C TYR E 213 7.84 -0.88 23.93
N CYS E 214 7.93 0.26 23.21
CA CYS E 214 7.90 1.60 23.81
C CYS E 214 6.72 2.45 23.35
N ALA E 215 6.14 3.19 24.28
CA ALA E 215 5.03 4.07 23.95
C ALA E 215 5.51 5.36 23.28
N PRO E 216 4.72 5.95 22.35
CA PRO E 216 4.91 7.22 21.68
C PRO E 216 4.64 8.37 22.59
N ALA E 217 5.13 9.53 22.22
CA ALA E 217 4.86 10.70 23.02
C ALA E 217 3.37 10.90 23.18
N GLY E 218 2.96 11.25 24.39
CA GLY E 218 1.56 11.46 24.71
C GLY E 218 0.97 10.24 25.37
N PHE E 219 1.72 9.14 25.35
CA PHE E 219 1.33 7.87 25.93
C PHE E 219 2.33 7.33 26.93
N ALA E 220 1.85 6.44 27.78
CA ALA E 220 2.67 5.79 28.79
C ALA E 220 2.19 4.37 29.01
N ILE E 221 3.06 3.54 29.55
CA ILE E 221 2.68 2.18 29.85
C ILE E 221 2.60 1.98 31.35
N LEU E 222 1.47 1.52 31.81
CA LEU E 222 1.35 1.31 33.22
C LEU E 222 1.70 -0.13 33.45
N LYS E 223 2.34 -0.41 34.55
CA LYS E 223 2.71 -1.77 34.89
C LYS E 223 2.12 -2.17 36.25
N CYS E 224 1.65 -3.44 36.34
CA CYS E 224 1.12 -4.04 37.56
C CYS E 224 2.26 -4.74 38.31
N ASN E 225 2.45 -4.37 39.56
CA ASN E 225 3.51 -4.96 40.36
C ASN E 225 3.03 -5.92 41.47
N ASN E 226 1.80 -6.49 41.32
CA ASN E 226 1.21 -7.46 42.22
C ASN E 226 1.64 -8.87 41.77
N LYS E 227 2.46 -9.53 42.63
CA LYS E 227 3.12 -10.83 42.41
C LYS E 227 2.12 -11.97 42.24
N THR E 228 0.89 -11.74 42.68
CA THR E 228 -0.15 -12.73 42.58
C THR E 228 -1.30 -12.25 41.71
N PHE E 229 -1.07 -11.25 40.86
CA PHE E 229 -2.15 -10.74 40.01
C PHE E 229 -2.71 -11.84 39.13
N THR E 230 -4.04 -11.94 39.08
CA THR E 230 -4.73 -13.00 38.35
C THR E 230 -5.10 -12.72 36.92
N GLY E 231 -4.81 -11.55 36.41
CA GLY E 231 -5.08 -11.25 35.02
C GLY E 231 -6.35 -10.49 34.64
N THR E 232 -7.35 -10.37 35.53
CA THR E 232 -8.57 -9.63 35.16
C THR E 232 -8.98 -8.50 36.10
N GLY E 233 -8.49 -8.52 37.33
CA GLY E 233 -8.97 -7.58 38.32
C GLY E 233 -8.14 -6.31 38.45
N PRO E 234 -8.47 -5.48 39.45
CA PRO E 234 -7.75 -4.28 39.80
C PRO E 234 -6.42 -4.74 40.32
N CYS E 235 -5.38 -3.94 40.12
CA CYS E 235 -4.04 -4.12 40.63
C CYS E 235 -3.87 -2.97 41.60
N ASN E 236 -3.59 -3.28 42.87
CA ASN E 236 -3.50 -2.23 43.91
C ASN E 236 -2.09 -1.66 44.20
N ASN E 237 -1.09 -2.04 43.41
CA ASN E 237 0.30 -1.59 43.47
C ASN E 237 0.79 -1.49 42.02
N VAL E 238 0.80 -0.25 41.47
CA VAL E 238 1.12 0.02 40.07
C VAL E 238 2.20 1.08 39.95
N SER E 239 2.83 1.10 38.79
CA SER E 239 3.88 2.05 38.46
C SER E 239 3.86 2.41 36.98
N THR E 240 4.55 3.49 36.63
CA THR E 240 4.60 3.93 35.25
C THR E 240 5.96 3.81 34.61
N VAL E 241 5.97 3.22 33.41
CA VAL E 241 7.17 3.05 32.62
C VAL E 241 6.92 3.55 31.20
N GLN E 242 7.98 3.79 30.44
CA GLN E 242 7.79 4.17 29.05
C GLN E 242 7.87 2.97 28.06
N CYS E 243 8.65 1.92 28.42
CA CYS E 243 8.93 0.71 27.64
C CYS E 243 8.65 -0.52 28.49
N THR E 244 8.26 -1.62 27.84
CA THR E 244 8.06 -2.91 28.51
C THR E 244 9.43 -3.52 28.68
N HIS E 245 9.50 -4.62 29.44
CA HIS E 245 10.77 -5.30 29.56
C HIS E 245 10.96 -6.03 28.25
N GLY E 246 12.09 -6.70 28.09
CA GLY E 246 12.32 -7.36 26.84
C GLY E 246 11.62 -8.69 26.80
N ILE E 247 10.71 -8.84 25.85
CA ILE E 247 9.95 -10.06 25.69
C ILE E 247 10.41 -10.81 24.47
N LYS E 248 10.81 -12.05 24.65
CA LYS E 248 11.25 -12.85 23.53
C LYS E 248 10.02 -13.39 22.82
N PRO E 249 9.84 -13.15 21.52
CA PRO E 249 8.71 -13.58 20.73
C PRO E 249 8.86 -15.04 20.36
N VAL E 250 8.83 -15.86 21.38
CA VAL E 250 9.02 -17.29 21.26
C VAL E 250 7.75 -17.94 20.77
N VAL E 251 7.92 -18.87 19.85
CA VAL E 251 6.81 -19.61 19.29
C VAL E 251 6.77 -21.02 19.79
N SER E 252 5.62 -21.39 20.31
CA SER E 252 5.33 -22.70 20.86
C SER E 252 3.83 -22.96 20.80
N THR E 253 3.41 -24.18 21.14
CA THR E 253 2.02 -24.59 21.13
C THR E 253 1.45 -24.88 22.51
N GLN E 254 1.74 -26.08 23.01
CA GLN E 254 1.22 -26.56 24.30
C GLN E 254 1.98 -26.12 25.54
N LEU E 255 3.28 -25.90 25.38
CA LEU E 255 4.13 -25.52 26.49
C LEU E 255 4.64 -24.13 26.24
N LEU E 256 4.79 -23.34 27.30
CA LEU E 256 5.32 -22.01 27.19
C LEU E 256 6.79 -22.06 27.52
N LEU E 257 7.61 -21.69 26.55
CA LEU E 257 9.05 -21.76 26.72
C LEU E 257 9.69 -20.38 26.82
N ASN E 258 10.81 -20.32 27.58
CA ASN E 258 11.75 -19.20 27.71
C ASN E 258 11.10 -17.86 28.10
N GLY E 259 10.07 -17.87 28.99
CA GLY E 259 9.41 -16.67 29.48
C GLY E 259 9.98 -16.27 30.83
N SER E 260 9.31 -15.36 31.48
CA SER E 260 9.73 -14.90 32.79
C SER E 260 8.96 -15.68 33.83
N LEU E 261 9.66 -16.28 34.79
CA LEU E 261 9.01 -17.06 35.84
C LEU E 261 8.28 -16.20 36.82
N ALA E 262 7.24 -16.76 37.41
CA ALA E 262 6.42 -16.04 38.36
C ALA E 262 7.20 -15.58 39.57
N GLU E 263 6.90 -14.35 40.02
CA GLU E 263 7.51 -13.77 41.21
C GLU E 263 7.06 -14.49 42.48
N GLY E 264 5.80 -14.90 42.49
CA GLY E 264 5.19 -15.57 43.61
C GLY E 264 5.11 -17.06 43.30
N GLU E 265 4.09 -17.71 43.83
CA GLU E 265 3.86 -19.13 43.66
C GLU E 265 3.29 -19.36 42.27
N ILE E 266 3.01 -20.60 41.91
CA ILE E 266 2.51 -20.83 40.55
C ILE E 266 1.17 -20.13 40.44
N ILE E 267 1.03 -19.32 39.40
CA ILE E 267 -0.19 -18.57 39.25
C ILE E 267 -0.99 -19.14 38.10
N ILE E 268 -2.23 -19.45 38.36
CA ILE E 268 -3.07 -20.00 37.33
C ILE E 268 -4.02 -18.91 36.86
N ARG E 269 -3.90 -18.54 35.59
CA ARG E 269 -4.67 -17.42 35.08
C ARG E 269 -5.57 -17.80 33.93
N SER E 270 -6.82 -17.43 34.03
CA SER E 270 -7.75 -17.69 32.96
C SER E 270 -8.75 -16.56 32.97
N GLU E 271 -9.41 -16.34 31.85
CA GLU E 271 -10.42 -15.31 31.80
C GLU E 271 -11.56 -15.67 32.75
N ASN E 272 -11.87 -16.96 32.82
CA ASN E 272 -12.94 -17.46 33.66
C ASN E 272 -12.63 -18.91 34.06
N ILE E 273 -12.53 -19.17 35.36
CA ILE E 273 -12.23 -20.51 35.87
C ILE E 273 -13.33 -21.52 35.59
N THR E 274 -14.58 -21.11 35.83
CA THR E 274 -15.79 -21.91 35.66
C THR E 274 -16.05 -22.32 34.21
N ASP E 275 -15.81 -21.41 33.29
CA ASP E 275 -16.08 -21.64 31.89
C ASP E 275 -15.06 -22.58 31.25
N ASN E 276 -15.51 -23.75 30.79
CA ASN E 276 -14.57 -24.73 30.24
C ASN E 276 -14.19 -24.39 28.81
N GLY E 277 -14.76 -23.30 28.30
CA GLY E 277 -14.44 -22.84 26.96
C GLY E 277 -13.24 -21.90 26.98
N LYS E 278 -12.69 -21.63 28.16
CA LYS E 278 -11.56 -20.73 28.23
C LYS E 278 -10.26 -21.48 28.42
N THR E 279 -9.19 -20.86 27.95
CA THR E 279 -7.84 -21.37 28.08
C THR E 279 -7.22 -21.00 29.41
N ILE E 280 -6.54 -21.96 30.04
CA ILE E 280 -5.86 -21.71 31.29
C ILE E 280 -4.36 -21.61 31.09
N LEU E 281 -3.80 -20.48 31.48
CA LEU E 281 -2.38 -20.27 31.34
C LEU E 281 -1.74 -20.49 32.70
N VAL E 282 -0.85 -21.45 32.79
CA VAL E 282 -0.22 -21.73 34.06
C VAL E 282 1.15 -21.12 34.06
N HIS E 283 1.38 -20.22 35.00
CA HIS E 283 2.64 -19.52 35.07
C HIS E 283 3.47 -20.09 36.20
N LEU E 284 4.53 -20.76 35.85
CA LEU E 284 5.32 -21.45 36.85
C LEU E 284 6.27 -20.47 37.51
N ASN E 285 6.63 -20.72 38.81
CA ASN E 285 7.63 -19.95 39.56
C ASN E 285 9.04 -20.59 39.51
N GLU E 286 9.17 -21.81 38.94
CA GLU E 286 10.38 -22.60 38.76
C GLU E 286 10.33 -23.17 37.36
N SER E 287 11.47 -23.22 36.71
CA SER E 287 11.57 -23.74 35.36
C SER E 287 11.82 -25.24 35.27
N VAL E 288 11.52 -25.79 34.10
CA VAL E 288 11.85 -27.18 33.81
C VAL E 288 12.90 -27.20 32.71
N LYS E 289 14.03 -27.87 32.92
CA LYS E 289 15.05 -27.91 31.87
C LYS E 289 14.75 -28.98 30.84
N ILE E 290 14.64 -28.53 29.59
CA ILE E 290 14.35 -29.40 28.46
C ILE E 290 15.47 -29.46 27.46
N GLU E 291 15.93 -30.67 27.13
CA GLU E 291 16.96 -30.80 26.10
C GLU E 291 16.48 -31.70 24.96
N CYS E 292 16.28 -31.12 23.74
CA CYS E 292 15.74 -31.81 22.57
C CYS E 292 16.81 -31.99 21.51
N THR E 293 16.72 -33.08 20.75
CA THR E 293 17.72 -33.32 19.72
C THR E 293 17.33 -34.15 18.51
N ARG E 294 18.11 -33.94 17.46
CA ARG E 294 18.09 -34.68 16.21
C ARG E 294 19.48 -35.30 16.05
N PRO E 295 19.68 -36.55 16.52
CA PRO E 295 20.95 -37.24 16.66
C PRO E 295 21.52 -37.85 15.37
N ASN E 296 21.65 -37.03 14.36
CA ASN E 296 22.24 -37.50 13.11
C ASN E 296 22.83 -36.34 12.35
N ASN E 297 23.78 -36.62 11.43
CA ASN E 297 24.45 -35.65 10.59
C ASN E 297 23.83 -35.60 9.20
N LYS E 298 23.11 -34.52 8.89
CA LYS E 298 22.45 -34.35 7.60
C LYS E 298 23.41 -33.68 6.63
N THR E 299 23.39 -34.13 5.40
CA THR E 299 24.14 -33.49 4.34
C THR E 299 23.14 -33.08 3.30
N ARG E 300 23.31 -31.87 2.78
CA ARG E 300 22.34 -31.33 1.86
C ARG E 300 22.93 -30.97 0.52
N THR E 301 22.05 -30.91 -0.45
CA THR E 301 22.40 -30.48 -1.79
C THR E 301 21.70 -29.21 -2.15
N SER E 302 22.04 -28.72 -3.33
CA SER E 302 21.45 -27.50 -3.84
C SER E 302 21.07 -27.69 -5.29
N ILE E 303 19.79 -27.62 -5.55
CA ILE E 303 19.25 -27.84 -6.85
C ILE E 303 18.86 -26.54 -7.50
N ARG E 304 19.55 -26.21 -8.59
CA ARG E 304 19.27 -24.96 -9.25
C ARG E 304 17.84 -24.95 -9.72
N ILE E 305 17.16 -23.86 -9.50
CA ILE E 305 15.80 -23.72 -9.99
C ILE E 305 15.81 -22.94 -11.27
N GLY E 306 16.59 -21.87 -11.24
CA GLY E 306 16.69 -20.94 -12.34
C GLY E 306 17.66 -19.85 -11.94
N PRO E 307 17.84 -18.82 -12.75
CA PRO E 307 18.76 -17.75 -12.45
C PRO E 307 18.30 -17.11 -11.16
N GLY E 308 19.18 -17.02 -10.19
CA GLY E 308 18.85 -16.36 -8.94
C GLY E 308 18.05 -17.22 -7.95
N GLN E 309 17.79 -18.49 -8.30
CA GLN E 309 16.98 -19.37 -7.45
C GLN E 309 17.57 -20.77 -7.29
N ALA E 310 17.54 -21.31 -6.07
CA ALA E 310 17.97 -22.69 -5.83
C ALA E 310 17.24 -23.28 -4.65
N PHE E 311 16.97 -24.57 -4.76
CA PHE E 311 16.31 -25.39 -3.76
C PHE E 311 17.27 -26.15 -2.89
N TYR E 312 17.12 -26.01 -1.60
CA TYR E 312 18.00 -26.76 -0.73
C TYR E 312 17.27 -27.97 -0.24
N ALA E 313 17.93 -29.12 -0.32
CA ALA E 313 17.23 -30.34 0.05
C ALA E 313 18.14 -31.41 0.60
N THR E 314 17.56 -32.29 1.41
CA THR E 314 18.35 -33.34 2.00
C THR E 314 18.96 -34.26 0.96
N GLY E 315 20.27 -34.48 1.10
CA GLY E 315 21.02 -35.36 0.24
C GLY E 315 21.02 -36.75 0.86
N GLN E 316 21.53 -36.80 2.08
CA GLN E 316 21.63 -38.04 2.84
C GLN E 316 21.70 -37.80 4.35
N VAL E 317 21.31 -38.79 5.12
CA VAL E 317 21.46 -38.73 6.56
C VAL E 317 22.38 -39.83 7.07
N ILE E 318 23.37 -39.45 7.86
CA ILE E 318 24.31 -40.38 8.48
C ILE E 318 24.25 -40.25 10.00
N GLY E 319 24.00 -41.34 10.70
CA GLY E 319 23.90 -41.21 12.16
C GLY E 319 22.87 -42.16 12.74
N ASP E 320 22.23 -41.72 13.82
CA ASP E 320 21.21 -42.54 14.45
C ASP E 320 20.03 -42.55 13.50
N ILE E 321 19.21 -43.54 13.70
CA ILE E 321 18.01 -43.77 12.94
C ILE E 321 16.87 -43.04 13.58
N ARG E 322 16.87 -42.96 14.91
CA ARG E 322 15.76 -42.25 15.54
C ARG E 322 15.77 -40.86 14.96
N GLU E 323 14.63 -40.37 14.50
CA GLU E 323 14.68 -39.05 13.90
C GLU E 323 14.90 -37.95 14.92
N ALA E 324 14.22 -38.04 16.04
CA ALA E 324 14.36 -37.04 17.07
C ALA E 324 13.78 -37.59 18.37
N TYR E 325 14.22 -37.00 19.46
CA TYR E 325 13.72 -37.31 20.80
C TYR E 325 13.99 -36.12 21.72
N CYS E 326 13.39 -36.10 22.95
CA CYS E 326 13.66 -35.02 23.91
C CYS E 326 13.68 -35.48 25.40
N ASN E 327 14.71 -34.97 26.11
CA ASN E 327 15.03 -35.23 27.51
C ASN E 327 14.43 -34.18 28.47
N ILE E 328 13.42 -34.59 29.27
CA ILE E 328 12.73 -33.78 30.28
C ILE E 328 13.04 -34.42 31.63
N SER E 329 13.62 -33.68 32.56
CA SER E 329 13.96 -34.32 33.84
C SER E 329 12.73 -34.94 34.48
N GLU E 330 12.85 -36.20 34.90
CA GLU E 330 11.71 -36.93 35.46
C GLU E 330 11.24 -36.38 36.78
N SER E 331 12.17 -36.11 37.68
CA SER E 331 11.74 -35.65 38.98
C SER E 331 11.14 -34.27 38.89
N THR E 332 11.75 -33.41 38.08
CA THR E 332 11.27 -32.06 37.97
C THR E 332 9.88 -32.06 37.41
N TRP E 333 9.66 -32.82 36.35
CA TRP E 333 8.36 -32.83 35.75
C TRP E 333 7.29 -33.31 36.71
N ASN E 334 7.56 -34.39 37.44
CA ASN E 334 6.53 -34.91 38.30
C ASN E 334 6.21 -33.95 39.43
N GLU E 335 7.22 -33.29 39.98
CA GLU E 335 6.97 -32.37 41.06
C GLU E 335 6.30 -31.13 40.55
N THR E 336 6.66 -30.69 39.35
CA THR E 336 6.10 -29.49 38.80
C THR E 336 4.63 -29.66 38.60
N LEU E 337 4.22 -30.79 38.03
CA LEU E 337 2.80 -30.90 37.81
C LEU E 337 2.07 -31.03 39.13
N GLY E 338 2.66 -31.71 40.11
CA GLY E 338 1.96 -31.84 41.37
C GLY E 338 1.72 -30.47 41.99
N LYS E 339 2.72 -29.59 41.92
CA LYS E 339 2.58 -28.24 42.45
C LYS E 339 1.50 -27.45 41.72
N VAL E 340 1.41 -27.63 40.39
CA VAL E 340 0.39 -26.93 39.62
C VAL E 340 -0.95 -27.37 40.09
N VAL E 341 -1.11 -28.66 40.27
CA VAL E 341 -2.38 -29.19 40.71
C VAL E 341 -2.73 -28.73 42.11
N LYS E 342 -1.78 -28.71 43.03
CA LYS E 342 -2.13 -28.22 44.35
C LYS E 342 -2.73 -26.83 44.25
N GLN E 343 -2.18 -25.99 43.36
CA GLN E 343 -2.75 -24.68 43.15
C GLN E 343 -4.03 -24.75 42.31
N LEU E 344 -4.12 -25.68 41.39
CA LEU E 344 -5.29 -25.79 40.52
C LEU E 344 -6.51 -26.12 41.36
N ARG E 345 -6.32 -26.91 42.40
CA ARG E 345 -7.40 -27.33 43.29
C ARG E 345 -7.98 -26.20 44.11
N LYS E 346 -7.34 -25.03 44.15
CA LYS E 346 -7.94 -23.96 44.95
C LYS E 346 -8.96 -23.25 44.07
N HIS E 347 -8.94 -23.56 42.77
CA HIS E 347 -9.83 -22.95 41.81
C HIS E 347 -10.86 -24.01 41.45
N PHE E 348 -10.39 -25.25 41.53
CA PHE E 348 -11.18 -26.42 41.23
C PHE E 348 -11.11 -27.47 42.32
N PRO E 349 -11.63 -27.22 43.52
CA PRO E 349 -11.61 -28.12 44.66
C PRO E 349 -12.66 -29.20 44.51
N HIS E 350 -12.54 -30.02 43.48
CA HIS E 350 -13.62 -30.97 43.23
C HIS E 350 -13.13 -32.38 42.99
N LYS E 351 -13.50 -33.28 43.90
CA LYS E 351 -13.09 -34.68 43.77
C LYS E 351 -11.55 -34.72 43.48
N ASN E 352 -11.13 -35.39 42.37
CA ASN E 352 -9.74 -35.54 41.93
C ASN E 352 -9.53 -34.88 40.56
N ILE E 353 -8.27 -34.51 40.28
CA ILE E 353 -7.79 -33.93 39.01
C ILE E 353 -6.88 -34.85 38.26
N THR E 354 -7.17 -35.01 36.99
CA THR E 354 -6.32 -35.84 36.18
C THR E 354 -5.91 -35.10 34.92
N PHE E 355 -4.68 -35.33 34.51
CA PHE E 355 -4.14 -34.81 33.27
C PHE E 355 -4.07 -35.98 32.35
N GLN E 356 -4.84 -35.89 31.28
CA GLN E 356 -4.96 -36.96 30.33
C GLN E 356 -3.96 -36.74 29.21
N PRO E 357 -3.24 -37.77 28.76
CA PRO E 357 -2.27 -37.68 27.69
C PRO E 357 -2.97 -37.67 26.36
N SER E 358 -3.73 -36.62 26.12
CA SER E 358 -4.53 -36.54 24.91
C SER E 358 -4.68 -35.12 24.44
N SER E 359 -4.98 -35.00 23.16
CA SER E 359 -5.21 -33.74 22.51
C SER E 359 -6.02 -33.99 21.25
N GLY E 360 -6.66 -32.96 20.69
CA GLY E 360 -7.37 -33.13 19.43
C GLY E 360 -6.81 -32.22 18.34
N GLY E 361 -7.42 -32.26 17.15
CA GLY E 361 -6.94 -31.44 16.04
C GLY E 361 -5.81 -32.14 15.29
N ASP E 362 -5.16 -31.45 14.37
CA ASP E 362 -4.10 -32.06 13.57
C ASP E 362 -2.73 -31.90 14.25
N LEU E 363 -1.67 -32.35 13.57
CA LEU E 363 -0.34 -32.33 14.17
C LEU E 363 0.16 -30.95 14.55
N GLU E 364 -0.36 -29.90 13.97
CA GLU E 364 0.18 -28.60 14.31
C GLU E 364 -0.18 -28.21 15.74
N VAL E 365 -1.26 -28.80 16.26
CA VAL E 365 -1.73 -28.45 17.59
C VAL E 365 -1.79 -29.61 18.61
N THR E 366 -1.73 -30.86 18.13
CA THR E 366 -1.82 -32.01 19.04
C THR E 366 -0.55 -32.28 19.77
N THR E 367 0.52 -31.68 19.31
CA THR E 367 1.87 -31.87 19.82
C THR E 367 2.53 -30.61 20.33
N HIS E 368 3.77 -30.78 20.77
CA HIS E 368 4.57 -29.65 21.17
C HIS E 368 5.40 -29.22 19.99
N SER E 369 5.00 -28.13 19.36
CA SER E 369 5.68 -27.65 18.20
C SER E 369 6.52 -26.47 18.57
N PHE E 370 7.78 -26.54 18.22
CA PHE E 370 8.70 -25.47 18.54
C PHE E 370 9.85 -25.43 17.58
N ASN E 371 10.53 -24.30 17.54
CA ASN E 371 11.70 -24.22 16.70
C ASN E 371 12.89 -24.63 17.55
N CYS E 372 13.88 -25.26 16.92
CA CYS E 372 15.16 -25.67 17.48
C CYS E 372 16.23 -25.12 16.53
N GLY E 373 16.75 -23.96 16.85
CA GLY E 373 17.61 -23.33 15.88
C GLY E 373 16.67 -23.13 14.69
N GLY E 374 17.09 -23.56 13.50
CA GLY E 374 16.24 -23.41 12.33
C GLY E 374 15.39 -24.66 12.05
N GLU E 375 15.45 -25.63 12.94
CA GLU E 375 14.74 -26.89 12.75
C GLU E 375 13.32 -26.85 13.32
N PHE E 376 12.43 -27.64 12.72
CA PHE E 376 11.06 -27.69 13.20
C PHE E 376 10.64 -29.02 13.81
N PHE E 377 10.47 -28.98 15.14
CA PHE E 377 10.14 -30.14 15.95
C PHE E 377 8.69 -30.19 16.33
N TYR E 378 8.17 -31.41 16.32
CA TYR E 378 6.83 -31.79 16.71
C TYR E 378 6.90 -32.97 17.72
N CYS E 379 7.00 -32.70 19.04
CA CYS E 379 7.24 -33.71 20.09
C CYS E 379 5.95 -34.23 20.72
N ASN E 380 5.91 -35.53 20.95
CA ASN E 380 4.73 -36.15 21.54
C ASN E 380 4.68 -35.87 23.05
N THR E 381 3.61 -35.22 23.54
CA THR E 381 3.42 -34.79 24.93
C THR E 381 2.63 -35.80 25.75
N SER E 382 2.30 -36.94 25.14
CA SER E 382 1.56 -38.00 25.82
C SER E 382 2.40 -38.62 26.91
N GLY E 383 3.69 -38.43 26.82
CA GLY E 383 4.63 -38.96 27.80
C GLY E 383 4.79 -38.00 28.97
N LEU E 384 4.12 -36.85 28.90
CA LEU E 384 4.22 -35.83 29.93
C LEU E 384 2.94 -35.69 30.74
N PHE E 385 1.83 -35.49 30.05
CA PHE E 385 0.57 -35.24 30.73
C PHE E 385 -0.23 -36.48 31.01
N ASN E 386 0.30 -37.29 31.91
CA ASN E 386 -0.32 -38.57 32.23
C ASN E 386 -0.27 -38.87 33.70
N SER E 387 -1.15 -38.24 34.46
CA SER E 387 -1.12 -38.39 35.91
C SER E 387 -2.42 -37.98 36.62
N THR E 388 -2.76 -38.69 37.70
CA THR E 388 -3.96 -38.39 38.47
C THR E 388 -3.63 -38.07 39.93
N TRP E 389 -4.26 -37.00 40.49
CA TRP E 389 -4.10 -36.53 41.86
C TRP E 389 -5.51 -36.36 42.46
N ASP E 405 16.63 -39.56 36.23
CA ASP E 405 15.99 -40.12 35.04
C ASP E 405 15.34 -38.99 34.21
N SER E 406 14.73 -39.34 33.05
CA SER E 406 14.03 -38.40 32.17
C SER E 406 12.92 -39.11 31.43
N ILE E 407 12.02 -38.30 30.89
CA ILE E 407 10.85 -38.73 30.13
C ILE E 407 11.17 -39.40 28.78
N THR E 408 12.15 -38.84 28.07
CA THR E 408 12.60 -39.29 26.75
C THR E 408 11.46 -39.41 25.74
N LEU E 409 10.94 -38.27 25.31
CA LEU E 409 9.82 -38.26 24.38
C LEU E 409 10.32 -38.49 22.98
N PRO E 410 9.55 -39.14 22.11
CA PRO E 410 9.83 -39.23 20.69
C PRO E 410 9.48 -37.89 20.10
N CYS E 411 10.17 -37.47 19.01
CA CYS E 411 9.88 -36.23 18.29
C CYS E 411 9.90 -36.44 16.78
N ARG E 412 9.04 -35.71 16.08
CA ARG E 412 8.98 -35.72 14.62
C ARG E 412 9.52 -34.43 14.03
N ILE E 413 10.02 -34.52 12.81
CA ILE E 413 10.55 -33.38 12.06
C ILE E 413 9.77 -33.14 10.80
N LYS E 414 9.46 -31.88 10.51
CA LYS E 414 8.69 -31.52 9.30
C LYS E 414 9.31 -30.31 8.61
N GLN E 415 9.33 -30.25 7.26
CA GLN E 415 9.89 -29.10 6.57
C GLN E 415 8.91 -28.08 5.95
N ILE E 416 7.67 -28.47 5.64
CA ILE E 416 6.79 -27.44 5.06
C ILE E 416 5.92 -26.95 6.18
N ILE E 417 6.16 -25.72 6.58
CA ILE E 417 5.53 -25.20 7.75
C ILE E 417 4.48 -24.15 7.46
N ASN E 418 3.26 -24.44 7.87
CA ASN E 418 2.17 -23.50 7.67
C ASN E 418 2.11 -22.60 8.88
N MET E 419 3.15 -21.81 9.05
CA MET E 419 3.26 -21.01 10.24
C MET E 419 2.14 -20.04 10.26
N TRP E 420 1.61 -19.80 11.45
CA TRP E 420 0.47 -18.91 11.71
C TRP E 420 -0.85 -19.58 11.43
N GLN E 421 -0.81 -20.80 10.90
CA GLN E 421 -1.99 -21.57 10.60
C GLN E 421 -2.91 -20.80 9.66
N GLU E 422 -2.33 -20.13 8.68
CA GLU E 422 -3.09 -19.39 7.69
C GLU E 422 -3.18 -20.17 6.41
N VAL E 423 -4.30 -20.00 5.73
CA VAL E 423 -4.50 -20.65 4.46
C VAL E 423 -3.96 -19.77 3.36
N GLY E 424 -3.14 -20.34 2.50
CA GLY E 424 -2.57 -19.58 1.39
C GLY E 424 -1.08 -19.29 1.55
N ARG E 425 -0.49 -19.73 2.66
CA ARG E 425 0.92 -19.52 2.92
C ARG E 425 1.59 -20.76 3.47
N ALA E 426 2.82 -20.97 3.04
CA ALA E 426 3.67 -22.02 3.55
C ALA E 426 5.11 -21.62 3.38
N MET E 427 5.94 -22.11 4.27
CA MET E 427 7.35 -21.88 4.18
C MET E 427 8.10 -23.20 4.18
N TYR E 428 9.15 -23.29 3.41
CA TYR E 428 9.97 -24.49 3.41
C TYR E 428 11.26 -24.31 4.14
N ALA E 429 11.45 -25.13 5.14
CA ALA E 429 12.63 -25.07 5.97
C ALA E 429 13.75 -25.85 5.31
N PRO E 430 14.86 -25.21 4.90
CA PRO E 430 15.97 -25.83 4.24
C PRO E 430 16.53 -26.82 5.24
N PRO E 431 17.18 -27.87 4.79
CA PRO E 431 17.81 -28.84 5.65
C PRO E 431 18.98 -28.18 6.34
N ILE E 432 19.23 -28.58 7.56
CA ILE E 432 20.36 -28.11 8.33
C ILE E 432 21.40 -29.18 8.49
N GLN E 433 22.57 -28.87 8.00
CA GLN E 433 23.68 -29.79 7.95
C GLN E 433 24.23 -30.12 9.33
N GLY E 434 24.67 -31.37 9.48
CA GLY E 434 25.24 -31.85 10.74
C GLY E 434 24.11 -32.20 11.70
N ASN E 435 24.43 -32.32 13.00
CA ASN E 435 23.50 -32.72 14.07
C ASN E 435 23.09 -31.49 14.88
N ILE E 436 21.91 -31.54 15.56
CA ILE E 436 21.42 -30.42 16.40
C ILE E 436 20.87 -30.80 17.77
N THR E 437 21.18 -29.95 18.74
CA THR E 437 20.65 -30.02 20.08
C THR E 437 20.17 -28.62 20.47
N CYS E 438 19.09 -28.55 21.29
CA CYS E 438 18.55 -27.30 21.86
C CYS E 438 18.19 -27.48 23.31
N VAL E 439 18.46 -26.44 24.07
CA VAL E 439 18.08 -26.43 25.47
C VAL E 439 17.12 -25.31 25.69
N SER E 440 16.05 -25.58 26.40
CA SER E 440 15.05 -24.56 26.68
C SER E 440 14.46 -24.75 28.07
N ASN E 441 13.83 -23.67 28.59
CA ASN E 441 13.20 -23.62 29.91
C ASN E 441 11.67 -23.58 29.79
N ILE E 442 10.95 -24.58 30.39
CA ILE E 442 9.47 -24.50 30.39
C ILE E 442 9.15 -23.56 31.52
N THR E 443 8.46 -22.48 31.19
CA THR E 443 8.12 -21.47 32.14
C THR E 443 6.63 -21.44 32.39
N GLY E 444 5.90 -22.19 31.57
CA GLY E 444 4.46 -22.29 31.74
C GLY E 444 3.83 -23.37 30.89
N LEU E 445 2.56 -23.60 31.14
CA LEU E 445 1.80 -24.64 30.46
C LEU E 445 0.51 -24.07 29.90
N ILE E 446 -0.01 -24.61 28.82
CA ILE E 446 -1.36 -24.19 28.45
C ILE E 446 -2.31 -25.37 28.56
N LEU E 447 -3.36 -25.20 29.35
CA LEU E 447 -4.35 -26.25 29.57
C LEU E 447 -5.78 -25.87 29.25
N THR E 448 -6.56 -26.86 28.84
CA THR E 448 -8.00 -26.75 28.66
C THR E 448 -8.63 -27.92 29.39
N ARG E 449 -9.93 -27.89 29.62
CA ARG E 449 -10.56 -28.99 30.35
C ARG E 449 -11.91 -29.41 29.77
N ASP E 450 -12.36 -30.64 30.14
CA ASP E 450 -13.63 -31.28 29.74
C ASP E 450 -13.57 -31.70 28.28
N ASN E 455 -17.93 -36.19 37.91
CA ASN E 455 -17.45 -36.04 39.29
C ASN E 455 -16.05 -35.39 39.31
N THR E 456 -15.05 -36.04 38.68
CA THR E 456 -13.65 -35.61 38.61
C THR E 456 -13.44 -34.71 37.41
N GLU E 457 -12.30 -34.02 37.38
CA GLU E 457 -12.03 -33.16 36.23
C GLU E 457 -10.78 -33.54 35.46
N THR E 458 -10.93 -33.53 34.15
CA THR E 458 -9.85 -33.87 33.23
C THR E 458 -9.36 -32.66 32.47
N PHE E 459 -8.05 -32.49 32.51
CA PHE E 459 -7.37 -31.42 31.83
C PHE E 459 -6.48 -32.00 30.75
N ARG E 460 -6.32 -31.24 29.69
CA ARG E 460 -5.50 -31.66 28.58
C ARG E 460 -4.63 -30.50 28.12
N PRO E 461 -3.46 -30.74 27.53
CA PRO E 461 -2.69 -29.71 26.91
C PRO E 461 -3.55 -29.02 25.88
N GLY E 462 -3.53 -27.72 25.91
CA GLY E 462 -4.28 -26.89 25.03
C GLY E 462 -3.34 -25.94 24.32
N GLY E 463 -3.81 -24.75 24.02
CA GLY E 463 -2.97 -23.82 23.29
C GLY E 463 -3.04 -24.07 21.81
N GLY E 464 -1.95 -23.76 21.12
CA GLY E 464 -1.89 -23.80 19.67
C GLY E 464 -2.14 -22.42 19.06
N ASP E 465 -2.63 -21.49 19.87
CA ASP E 465 -2.89 -20.13 19.44
C ASP E 465 -1.70 -19.30 19.85
N MET E 466 -0.96 -18.82 18.87
CA MET E 466 0.30 -18.14 19.12
C MET E 466 0.15 -16.92 20.04
N ARG E 467 -1.02 -16.30 20.06
CA ARG E 467 -1.17 -15.13 20.90
C ARG E 467 -1.15 -15.48 22.38
N ASP E 468 -1.40 -16.74 22.71
CA ASP E 468 -1.44 -17.18 24.08
C ASP E 468 -0.05 -17.17 24.67
N ASN E 469 0.95 -17.19 23.80
CA ASN E 469 2.31 -17.25 24.24
C ASN E 469 2.82 -15.88 24.59
N TRP E 470 2.07 -14.84 24.21
CA TRP E 470 2.50 -13.48 24.39
C TRP E 470 1.66 -12.83 25.45
N ARG E 471 0.42 -13.28 25.55
CA ARG E 471 -0.51 -12.78 26.55
C ARG E 471 0.04 -13.02 27.93
N SER E 472 0.75 -14.13 28.08
CA SER E 472 1.37 -14.55 29.33
C SER E 472 2.55 -13.68 29.77
N GLU E 473 3.10 -12.84 28.88
CA GLU E 473 4.21 -11.95 29.21
C GLU E 473 3.75 -10.50 29.36
N LEU E 474 2.78 -10.12 28.55
CA LEU E 474 2.25 -8.76 28.51
C LEU E 474 1.17 -8.51 29.53
N TYR E 475 0.85 -9.52 30.32
CA TYR E 475 -0.23 -9.47 31.28
C TYR E 475 -0.15 -8.37 32.30
N LYS E 476 1.04 -7.89 32.57
CA LYS E 476 1.21 -6.85 33.55
C LYS E 476 1.31 -5.48 32.96
N TYR E 477 1.16 -5.33 31.64
CA TYR E 477 1.30 -4.00 31.07
C TYR E 477 0.01 -3.47 30.43
N LYS E 478 -0.21 -2.17 30.57
CA LYS E 478 -1.35 -1.50 29.94
C LYS E 478 -0.98 -0.18 29.26
N VAL E 479 -1.58 0.14 28.12
CA VAL E 479 -1.28 1.43 27.48
C VAL E 479 -2.35 2.47 27.71
N VAL E 480 -1.92 3.65 28.16
CA VAL E 480 -2.84 4.75 28.39
C VAL E 480 -2.36 6.03 27.73
N LYS E 481 -3.31 6.90 27.45
CA LYS E 481 -3.05 8.22 26.88
C LYS E 481 -3.03 9.23 28.00
N ILE E 482 -2.12 10.16 27.92
CA ILE E 482 -2.04 11.20 28.92
C ILE E 482 -2.93 12.36 28.51
N GLU E 483 -3.74 12.85 29.45
CA GLU E 483 -4.67 13.94 29.21
C GLU E 483 -4.42 15.16 30.11
N PRO E 484 -3.52 16.09 29.74
CA PRO E 484 -3.05 17.24 30.49
C PRO E 484 -4.07 18.32 30.87
N LEU E 485 -5.24 18.37 30.25
CA LEU E 485 -6.18 19.41 30.63
C LEU E 485 -7.25 18.98 31.60
N GLY E 486 -7.61 19.91 32.47
CA GLY E 486 -8.72 19.69 33.38
C GLY E 486 -9.07 20.96 34.15
N VAL E 487 -10.16 20.89 34.89
CA VAL E 487 -10.65 22.02 35.64
C VAL E 487 -11.03 21.66 37.07
N ALA E 488 -11.12 22.67 37.93
CA ALA E 488 -11.60 22.50 39.30
C ALA E 488 -12.13 23.85 39.81
N PRO E 489 -13.05 23.90 40.78
CA PRO E 489 -13.56 25.12 41.38
C PRO E 489 -12.55 25.86 42.25
N THR E 490 -12.62 27.18 42.25
CA THR E 490 -11.80 27.99 43.15
C THR E 490 -12.54 29.17 43.77
N ALA E 491 -11.81 29.87 44.63
CA ALA E 491 -12.31 31.05 45.34
C ALA E 491 -12.30 32.38 44.55
N CYS E 492 -11.39 32.57 43.57
CA CYS E 492 -11.18 33.83 42.86
C CYS E 492 -11.65 33.82 41.39
N LYS E 493 -12.08 35.00 40.97
CA LYS E 493 -12.40 35.39 39.62
C LYS E 493 -11.15 36.00 39.02
N ARG E 494 -11.02 36.01 37.70
CA ARG E 494 -9.90 36.69 37.09
C ARG E 494 -9.89 38.12 37.62
N ARG E 495 -8.70 38.60 38.02
CA ARG E 495 -8.60 39.93 38.63
C ARG E 495 -8.67 41.09 37.66
N VAL E 496 -8.14 40.93 36.46
CA VAL E 496 -8.14 42.02 35.50
C VAL E 496 -9.07 41.63 34.34
N VAL E 497 -10.21 42.35 34.22
CA VAL E 497 -11.28 42.03 33.27
C VAL E 497 -11.68 43.32 32.56
N LEU F 12 4.39 10.96 32.06
CA LEU F 12 3.43 11.25 33.13
C LEU F 12 4.09 11.95 34.33
N GLY F 13 5.19 11.37 34.88
CA GLY F 13 5.87 11.87 36.07
C GLY F 13 5.12 11.40 37.31
N ALA F 14 5.19 12.16 38.39
CA ALA F 14 4.52 11.76 39.62
C ALA F 14 3.04 11.93 39.39
N ALA F 15 2.22 11.08 40.01
CA ALA F 15 0.78 11.20 39.83
C ALA F 15 0.03 10.51 40.95
N GLY F 16 -1.27 10.84 41.07
CA GLY F 16 -2.18 10.16 42.00
C GLY F 16 -2.41 10.84 43.35
N SER F 17 -1.67 11.90 43.64
CA SER F 17 -1.82 12.60 44.90
C SER F 17 -3.09 13.44 44.99
N THR F 18 -3.51 13.74 46.22
CA THR F 18 -4.71 14.51 46.44
C THR F 18 -4.53 15.83 45.71
N MET F 19 -5.53 16.32 44.98
CA MET F 19 -5.39 17.52 44.13
C MET F 19 -4.64 18.72 44.69
N GLY F 20 -4.73 19.06 45.98
CA GLY F 20 -4.03 20.25 46.44
C GLY F 20 -2.52 20.02 46.47
N ALA F 21 -2.11 18.77 46.36
CA ALA F 21 -0.73 18.36 46.36
C ALA F 21 -0.19 18.38 44.95
N ALA F 22 -1.05 18.70 43.98
CA ALA F 22 -0.66 18.72 42.59
C ALA F 22 0.03 20.01 42.21
N SER F 23 0.08 20.95 43.14
CA SER F 23 0.72 22.21 42.83
C SER F 23 2.15 21.94 42.47
N MET F 24 2.62 22.64 41.45
CA MET F 24 3.98 22.55 40.94
C MET F 24 4.34 21.19 40.38
N THR F 25 3.34 20.37 40.05
CA THR F 25 3.63 19.09 39.41
C THR F 25 3.38 19.22 37.92
N LEU F 26 2.88 20.38 37.51
CA LEU F 26 2.49 20.61 36.13
C LEU F 26 3.71 21.01 35.32
N THR F 27 4.64 20.08 35.19
CA THR F 27 5.92 20.34 34.52
C THR F 27 6.18 19.59 33.19
N VAL F 28 5.22 18.77 32.70
CA VAL F 28 5.33 17.96 31.48
C VAL F 28 5.11 18.87 30.27
N ILE F 62 5.27 3.67 7.27
CA ILE F 62 4.24 4.72 7.27
C ILE F 62 3.64 4.93 8.68
N LYS F 63 3.61 3.89 9.55
CA LYS F 63 3.06 3.95 10.92
C LYS F 63 3.75 5.02 11.75
N GLN F 64 5.04 5.22 11.49
CA GLN F 64 5.83 6.21 12.18
C GLN F 64 5.36 7.61 11.81
N LEU F 65 4.90 7.81 10.57
CA LEU F 65 4.46 9.13 10.17
C LEU F 65 3.14 9.37 10.82
N GLN F 66 2.33 8.32 10.90
CA GLN F 66 1.03 8.50 11.48
C GLN F 66 1.18 8.87 12.94
N ALA F 67 2.11 8.21 13.62
CA ALA F 67 2.33 8.51 15.03
C ALA F 67 2.85 9.92 15.24
N ARG F 68 3.77 10.38 14.38
CA ARG F 68 4.31 11.72 14.56
C ARG F 68 3.28 12.78 14.24
N VAL F 69 2.50 12.56 13.19
CA VAL F 69 1.52 13.54 12.82
C VAL F 69 0.47 13.65 13.88
N LEU F 70 0.01 12.53 14.42
CA LEU F 70 -0.97 12.61 15.47
C LEU F 70 -0.40 13.26 16.70
N ALA F 71 0.86 12.99 17.05
CA ALA F 71 1.38 13.66 18.24
C ALA F 71 1.30 15.17 18.06
N VAL F 72 1.60 15.64 16.85
CA VAL F 72 1.51 17.06 16.57
C VAL F 72 0.09 17.53 16.65
N GLU F 73 -0.85 16.78 16.08
CA GLU F 73 -2.22 17.20 16.12
C GLU F 73 -2.74 17.29 17.54
N HIS F 74 -2.36 16.35 18.40
CA HIS F 74 -2.88 16.39 19.75
C HIS F 74 -2.30 17.59 20.48
N TYR F 75 -1.02 17.85 20.27
CA TYR F 75 -0.37 18.99 20.89
C TYR F 75 -1.07 20.27 20.50
N LEU F 76 -1.29 20.44 19.20
CA LEU F 76 -1.90 21.66 18.76
C LEU F 76 -3.32 21.75 19.25
N ARG F 77 -4.08 20.66 19.30
CA ARG F 77 -5.45 20.81 19.77
C ARG F 77 -5.49 21.40 21.17
N ASP F 78 -4.58 20.99 22.05
CA ASP F 78 -4.60 21.57 23.37
C ASP F 78 -4.17 23.01 23.32
N GLN F 79 -3.21 23.35 22.47
CA GLN F 79 -2.79 24.73 22.42
C GLN F 79 -3.88 25.63 21.85
N GLN F 80 -4.64 25.11 20.89
CA GLN F 80 -5.70 25.88 20.26
C GLN F 80 -6.82 26.17 21.25
N LEU F 81 -7.10 25.21 22.11
CA LEU F 81 -8.13 25.38 23.12
C LEU F 81 -7.66 26.39 24.17
N LEU F 82 -6.39 26.31 24.56
CA LEU F 82 -5.84 27.27 25.52
C LEU F 82 -5.81 28.64 24.87
N GLY F 83 -5.63 28.66 23.55
CA GLY F 83 -5.65 29.84 22.70
C GLY F 83 -7.01 30.54 22.69
N ILE F 84 -8.10 29.79 22.47
CA ILE F 84 -9.43 30.42 22.47
C ILE F 84 -9.81 30.91 23.86
N TRP F 85 -9.37 30.19 24.88
CA TRP F 85 -9.59 30.59 26.25
C TRP F 85 -8.53 31.62 26.57
N GLY F 86 -8.70 32.42 27.59
CA GLY F 86 -7.57 33.32 27.91
C GLY F 86 -6.46 32.59 28.71
N CYS F 87 -5.91 31.46 28.16
CA CYS F 87 -4.98 30.56 28.83
C CYS F 87 -3.68 30.36 28.08
N SER F 88 -3.54 30.91 26.89
CA SER F 88 -2.32 30.64 26.16
C SER F 88 -1.11 31.07 26.95
N GLY F 89 -0.11 30.19 26.99
CA GLY F 89 1.16 30.46 27.66
C GLY F 89 1.14 30.22 29.17
N LYS F 90 0.05 29.70 29.71
CA LYS F 90 -0.05 29.50 31.14
C LYS F 90 -0.34 28.08 31.57
N LEU F 91 0.20 27.66 32.72
CA LEU F 91 -0.16 26.37 33.28
C LEU F 91 -1.43 26.51 34.08
N ILE F 92 -1.54 27.66 34.72
CA ILE F 92 -2.69 28.00 35.52
C ILE F 92 -3.29 29.27 34.95
N CYS F 93 -4.59 29.26 34.66
CA CYS F 93 -5.34 30.42 34.17
C CYS F 93 -6.68 30.52 34.91
N THR F 94 -7.04 31.76 35.19
CA THR F 94 -8.24 32.09 35.94
C THR F 94 -9.30 32.59 34.99
N THR F 95 -10.51 32.14 35.20
CA THR F 95 -11.67 32.47 34.37
C THR F 95 -12.56 33.60 34.81
N ASN F 96 -13.56 33.83 33.96
CA ASN F 96 -14.64 34.77 34.23
C ASN F 96 -15.98 34.01 34.34
N VAL F 97 -15.90 32.70 34.46
CA VAL F 97 -17.05 31.81 34.61
C VAL F 97 -17.11 31.25 36.04
N PRO F 98 -18.18 31.51 36.81
CA PRO F 98 -18.40 31.01 38.15
C PRO F 98 -18.51 29.51 38.08
N TRP F 99 -18.13 28.80 39.11
CA TRP F 99 -18.34 27.37 39.06
C TRP F 99 -19.84 27.18 39.23
N ASN F 100 -20.44 26.36 38.40
CA ASN F 100 -21.87 26.13 38.52
C ASN F 100 -22.15 25.03 39.54
N SER F 101 -22.83 25.40 40.61
CA SER F 101 -23.14 24.53 41.75
C SER F 101 -24.04 23.36 41.40
N THR F 102 -24.63 23.41 40.21
CA THR F 102 -25.48 22.34 39.73
C THR F 102 -24.66 21.10 39.36
N TRP F 103 -23.40 21.29 38.96
CA TRP F 103 -22.60 20.18 38.46
C TRP F 103 -22.24 19.10 39.49
N SER F 104 -21.86 19.53 40.68
CA SER F 104 -21.42 18.63 41.73
C SER F 104 -21.71 19.26 43.07
N ASN F 105 -21.73 18.46 44.12
CA ASN F 105 -21.98 19.04 45.43
C ASN F 105 -20.72 19.64 45.99
N LYS F 106 -20.61 20.96 45.89
CA LYS F 106 -19.41 21.65 46.29
C LYS F 106 -19.46 21.98 47.75
N THR F 107 -18.71 21.22 48.54
CA THR F 107 -18.66 21.42 49.96
C THR F 107 -17.54 22.42 50.20
N LEU F 108 -17.80 23.63 49.74
CA LEU F 108 -16.87 24.75 49.71
C LEU F 108 -15.57 24.32 49.07
N SER F 109 -14.45 24.52 49.74
CA SER F 109 -13.15 24.19 49.19
C SER F 109 -12.72 22.75 49.42
N GLU F 110 -13.48 21.98 50.18
CA GLU F 110 -13.01 20.64 50.49
C GLU F 110 -12.98 19.75 49.26
N ILE F 111 -13.91 20.00 48.34
CA ILE F 111 -14.02 19.25 47.09
C ILE F 111 -12.78 19.42 46.22
N TRP F 112 -12.06 20.51 46.43
CA TRP F 112 -10.88 20.82 45.67
C TRP F 112 -9.69 20.02 46.15
N ASP F 113 -9.72 19.48 47.38
CA ASP F 113 -8.56 18.77 47.89
C ASP F 113 -8.93 17.57 48.77
N ASN F 114 -9.91 16.77 48.35
CA ASN F 114 -10.27 15.57 49.12
C ASN F 114 -10.16 14.27 48.32
N MET F 115 -9.53 14.37 47.16
CA MET F 115 -9.31 13.27 46.22
C MET F 115 -8.30 13.72 45.19
N THR F 116 -7.84 12.82 44.34
CA THR F 116 -6.96 13.22 43.25
C THR F 116 -7.76 13.54 42.00
N TRP F 117 -7.04 13.87 40.96
CA TRP F 117 -7.60 14.32 39.72
C TRP F 117 -8.36 13.23 39.00
N LEU F 118 -7.98 11.99 39.22
CA LEU F 118 -8.61 10.88 38.54
C LEU F 118 -10.07 10.73 38.97
N GLN F 119 -10.36 10.91 40.26
CA GLN F 119 -11.73 10.76 40.74
C GLN F 119 -12.50 11.99 40.41
N TRP F 120 -11.83 13.12 40.48
CA TRP F 120 -12.48 14.35 40.17
C TRP F 120 -12.92 14.37 38.73
N ASP F 121 -12.04 13.94 37.84
CA ASP F 121 -12.39 13.92 36.44
C ASP F 121 -13.60 13.02 36.22
N LYS F 122 -13.65 11.89 36.94
CA LYS F 122 -14.83 11.06 36.78
C LYS F 122 -16.09 11.75 37.33
N GLU F 123 -15.98 12.43 38.47
CA GLU F 123 -17.15 13.09 39.07
C GLU F 123 -17.79 14.10 38.13
N ILE F 124 -16.95 14.82 37.40
CA ILE F 124 -17.44 15.83 36.47
C ILE F 124 -17.18 15.47 35.01
N SER F 125 -17.08 14.18 34.70
CA SER F 125 -16.78 13.78 33.33
C SER F 125 -17.85 14.20 32.34
N ASN F 126 -19.07 14.36 32.80
CA ASN F 126 -20.16 14.73 31.93
C ASN F 126 -20.39 16.22 31.83
N TYR F 127 -19.48 17.01 32.40
CA TYR F 127 -19.65 18.44 32.29
C TYR F 127 -18.49 19.07 31.55
N THR F 128 -17.51 18.28 31.15
CA THR F 128 -16.32 18.89 30.56
C THR F 128 -16.63 19.72 29.34
N GLN F 129 -17.51 19.23 28.50
CA GLN F 129 -17.88 19.93 27.28
C GLN F 129 -18.75 21.17 27.55
N ILE F 130 -19.33 21.24 28.74
CA ILE F 130 -20.19 22.33 29.12
C ILE F 130 -19.29 23.40 29.63
N ILE F 131 -18.36 23.00 30.47
CA ILE F 131 -17.44 23.93 31.07
C ILE F 131 -16.62 24.54 29.99
N TYR F 132 -16.12 23.73 29.07
CA TYR F 132 -15.32 24.26 28.00
C TYR F 132 -16.12 25.22 27.15
N GLY F 133 -17.38 24.89 26.84
CA GLY F 133 -18.17 25.81 26.06
C GLY F 133 -18.38 27.12 26.78
N LEU F 134 -18.62 27.08 28.10
CA LEU F 134 -18.82 28.32 28.84
C LEU F 134 -17.58 29.16 28.87
N LEU F 135 -16.42 28.52 28.99
CA LEU F 135 -15.18 29.26 29.01
C LEU F 135 -14.98 29.95 27.67
N GLU F 136 -15.32 29.28 26.57
CA GLU F 136 -15.17 29.91 25.27
C GLU F 136 -16.12 31.09 25.13
N GLU F 137 -17.35 30.94 25.59
CA GLU F 137 -18.30 32.03 25.45
C GLU F 137 -17.88 33.23 26.23
N SER F 138 -17.35 33.00 27.43
CA SER F 138 -16.91 34.09 28.25
C SER F 138 -15.73 34.79 27.63
N GLN F 139 -14.77 34.03 27.13
CA GLN F 139 -13.60 34.66 26.52
C GLN F 139 -14.02 35.38 25.25
N ASN F 140 -15.00 34.84 24.51
CA ASN F 140 -15.42 35.49 23.29
C ASN F 140 -16.03 36.84 23.64
N GLN F 141 -16.77 36.91 24.76
CA GLN F 141 -17.32 38.18 25.17
C GLN F 141 -16.22 39.12 25.58
N GLN F 142 -15.19 38.60 26.22
CA GLN F 142 -14.07 39.44 26.64
C GLN F 142 -13.38 40.01 25.41
N GLU F 143 -13.25 39.20 24.36
CA GLU F 143 -12.59 39.66 23.15
C GLU F 143 -13.41 40.74 22.49
N LYS F 144 -14.72 40.54 22.44
CA LYS F 144 -15.54 41.56 21.83
C LYS F 144 -15.50 42.87 22.62
N ASN F 145 -15.54 42.79 23.99
CA ASN F 145 -15.53 43.97 24.85
C ASN F 145 -14.21 44.76 24.73
N GLU F 146 -13.03 44.06 24.61
CA GLU F 146 -11.72 44.70 24.42
C GLU F 146 -11.61 45.30 23.02
N THR F 147 -12.21 44.61 22.04
CA THR F 147 -12.20 45.09 20.68
C THR F 147 -12.95 46.41 20.58
N ASP F 148 -14.12 46.49 21.22
CA ASP F 148 -14.90 47.70 21.18
C ASP F 148 -14.33 48.77 22.10
N ASN F 149 -13.84 48.38 23.28
CA ASN F 149 -13.30 49.34 24.23
C ASN F 149 -11.84 49.59 23.94
N LEU F 150 -11.62 50.25 22.82
CA LEU F 150 -10.31 50.57 22.31
C LEU F 150 -9.65 51.64 23.14
N THR F 151 -8.37 51.45 23.42
CA THR F 151 -7.55 52.44 24.13
C THR F 151 -6.81 53.24 23.05
N CYS F 152 -5.69 52.69 22.51
CA CYS F 152 -4.87 53.21 21.38
C CYS F 152 -4.09 54.51 21.69
N ASP F 153 -3.20 54.86 20.77
CA ASP F 153 -2.40 56.07 20.84
C ASP F 153 -2.87 57.04 19.76
N LEU G 39 25.68 41.10 35.00
CA LEU G 39 24.97 40.93 33.72
C LEU G 39 23.91 39.84 33.88
N TRP G 40 22.93 39.84 32.96
CA TRP G 40 21.74 38.98 32.91
C TRP G 40 21.62 38.18 31.63
N VAL G 41 20.97 37.02 31.68
CA VAL G 41 20.78 36.22 30.49
C VAL G 41 19.64 36.73 29.59
N THR G 42 19.92 36.90 28.30
CA THR G 42 18.92 37.26 27.31
C THR G 42 18.79 36.14 26.30
N VAL G 43 17.56 35.76 26.04
CA VAL G 43 17.20 34.72 25.11
C VAL G 43 16.82 35.29 23.76
N TYR G 44 17.41 34.73 22.71
CA TYR G 44 17.10 35.19 21.38
C TYR G 44 16.59 34.08 20.48
N TYR G 45 15.64 34.44 19.62
CA TYR G 45 15.14 33.53 18.60
C TYR G 45 15.22 34.17 17.23
N GLY G 46 15.80 33.45 16.27
CA GLY G 46 15.98 33.95 14.91
C GLY G 46 17.46 34.29 14.69
N VAL G 47 18.32 33.74 15.51
CA VAL G 47 19.75 33.97 15.41
C VAL G 47 20.33 33.27 14.18
N PRO G 48 21.05 33.96 13.28
CA PRO G 48 21.59 33.43 12.04
C PRO G 48 22.84 32.57 12.19
N VAL G 49 22.68 31.43 12.85
CA VAL G 49 23.77 30.46 13.02
C VAL G 49 23.34 29.08 12.56
N TRP G 50 24.30 28.19 12.36
CA TRP G 50 24.01 26.85 11.87
C TRP G 50 24.99 25.77 12.29
N LYS G 51 24.59 24.53 12.01
CA LYS G 51 25.40 23.33 12.24
C LYS G 51 25.45 22.39 11.04
N ASP G 52 26.52 21.62 10.94
CA ASP G 52 26.63 20.62 9.89
C ASP G 52 25.42 19.72 10.02
N ALA G 53 24.76 19.39 8.92
CA ALA G 53 23.58 18.57 9.09
C ALA G 53 23.24 17.69 7.91
N GLU G 54 22.45 16.67 8.16
CA GLU G 54 22.02 15.80 7.10
C GLU G 54 20.50 15.81 6.98
N THR G 55 20.03 15.84 5.75
CA THR G 55 18.61 15.79 5.43
C THR G 55 18.40 15.33 4.02
N THR G 56 17.16 15.39 3.57
CA THR G 56 16.82 15.00 2.20
C THR G 56 16.62 16.25 1.37
N LEU G 57 17.34 16.35 0.27
CA LEU G 57 17.20 17.50 -0.60
C LEU G 57 16.17 17.23 -1.67
N PHE G 58 15.58 18.30 -2.17
CA PHE G 58 14.60 18.19 -3.23
C PHE G 58 15.31 18.17 -4.57
N CYS G 59 14.85 17.34 -5.52
CA CYS G 59 15.38 17.28 -6.88
C CYS G 59 14.55 18.19 -7.78
N ALA G 60 15.16 19.27 -8.26
CA ALA G 60 14.39 20.19 -9.07
C ALA G 60 14.87 20.21 -10.54
N SER G 61 13.88 20.34 -11.45
CA SER G 61 13.99 20.47 -12.90
C SER G 61 12.69 21.13 -13.39
N HIS G 71 9.56 12.01 -23.20
CA HIS G 71 9.21 11.22 -22.03
C HIS G 71 10.52 10.79 -21.29
N ASN G 72 11.16 11.79 -20.65
CA ASN G 72 12.40 11.70 -19.87
C ASN G 72 12.15 11.30 -18.41
N VAL G 73 12.96 10.37 -17.91
CA VAL G 73 12.81 9.87 -16.54
C VAL G 73 13.18 10.90 -15.49
N TRP G 74 14.18 11.72 -15.78
CA TRP G 74 14.66 12.67 -14.82
C TRP G 74 13.64 13.74 -14.69
N ALA G 75 13.07 14.12 -15.84
CA ALA G 75 12.07 15.17 -15.86
C ALA G 75 10.79 14.74 -15.18
N THR G 76 10.44 13.45 -15.34
CA THR G 76 9.25 12.90 -14.74
C THR G 76 9.38 12.77 -13.24
N HIS G 77 10.53 12.27 -12.79
CA HIS G 77 10.82 12.09 -11.38
C HIS G 77 10.99 13.43 -10.63
N CYS G 78 11.86 14.33 -11.18
CA CYS G 78 12.20 15.63 -10.60
C CYS G 78 11.20 16.61 -11.22
N CYS G 79 9.95 16.37 -10.85
CA CYS G 79 8.79 17.09 -11.34
C CYS G 79 8.68 18.49 -10.78
N VAL G 80 9.45 18.73 -9.73
CA VAL G 80 9.50 20.00 -9.05
C VAL G 80 10.27 21.01 -9.91
N PRO G 81 9.68 22.17 -10.25
CA PRO G 81 10.30 23.22 -11.04
C PRO G 81 11.51 23.80 -10.35
N THR G 82 12.46 24.30 -11.12
CA THR G 82 13.60 24.97 -10.54
C THR G 82 13.21 26.38 -10.22
N ASP G 83 14.05 27.03 -9.44
CA ASP G 83 13.84 28.42 -9.13
C ASP G 83 14.08 29.21 -10.43
N PRO G 84 13.09 29.95 -10.96
CA PRO G 84 13.16 30.70 -12.21
C PRO G 84 14.18 31.84 -12.14
N ASN G 85 14.55 32.22 -10.92
CA ASN G 85 15.52 33.28 -10.72
C ASN G 85 16.25 33.02 -9.42
N PRO G 86 17.20 32.07 -9.41
CA PRO G 86 17.90 31.61 -8.24
C PRO G 86 18.58 32.75 -7.56
N GLN G 87 18.53 32.79 -6.24
CA GLN G 87 19.19 33.85 -5.52
C GLN G 87 20.41 33.33 -4.82
N GLU G 88 21.34 34.22 -4.59
CA GLU G 88 22.54 33.89 -3.85
C GLU G 88 22.92 35.02 -2.95
N ILE G 89 23.13 34.70 -1.69
CA ILE G 89 23.49 35.74 -0.74
C ILE G 89 24.90 35.60 -0.25
N VAL G 90 25.72 36.57 -0.55
CA VAL G 90 27.10 36.49 -0.14
C VAL G 90 27.18 36.73 1.34
N LEU G 91 27.92 35.90 2.05
CA LEU G 91 28.00 36.12 3.46
C LEU G 91 29.28 36.88 3.75
N GLU G 92 29.15 38.12 4.12
CA GLU G 92 30.34 38.90 4.36
C GLU G 92 30.93 38.46 5.69
N ASN G 93 32.28 38.43 5.80
CA ASN G 93 33.05 38.07 7.00
C ASN G 93 32.69 36.67 7.55
N VAL G 94 32.44 35.68 6.67
CA VAL G 94 32.11 34.28 7.01
C VAL G 94 33.07 33.32 6.39
N THR G 95 33.54 32.41 7.20
CA THR G 95 34.41 31.37 6.73
C THR G 95 33.71 30.08 7.04
N GLU G 96 34.03 29.03 6.30
CA GLU G 96 33.41 27.71 6.53
C GLU G 96 34.33 26.58 6.09
N ASN G 97 34.17 25.41 6.71
CA ASN G 97 34.94 24.21 6.37
C ASN G 97 34.21 23.23 5.49
N PHE G 98 34.76 23.04 4.31
CA PHE G 98 34.16 22.18 3.30
C PHE G 98 35.02 20.93 3.12
N ASN G 99 34.37 19.83 2.74
CA ASN G 99 35.10 18.59 2.48
C ASN G 99 34.38 17.76 1.43
N MET G 100 34.90 17.76 0.22
CA MET G 100 34.27 17.10 -0.91
C MET G 100 34.24 15.59 -0.80
N TRP G 101 35.02 15.04 0.11
CA TRP G 101 35.11 13.62 0.25
C TRP G 101 34.13 13.12 1.31
N LYS G 102 33.48 14.07 2.02
CA LYS G 102 32.60 13.68 3.12
C LYS G 102 31.32 14.53 3.28
N ASN G 103 30.80 15.14 2.22
CA ASN G 103 29.62 16.01 2.43
C ASN G 103 28.24 15.37 2.31
N ASN G 104 28.18 14.10 2.02
CA ASN G 104 26.95 13.32 1.89
C ASN G 104 25.98 13.79 0.80
N MET G 105 26.39 14.73 -0.05
CA MET G 105 25.47 15.13 -1.09
C MET G 105 25.61 14.16 -2.23
N VAL G 106 26.82 13.63 -2.35
CA VAL G 106 27.15 12.67 -3.36
C VAL G 106 26.48 11.37 -3.04
N GLU G 107 26.55 10.97 -1.78
CA GLU G 107 25.92 9.75 -1.36
C GLU G 107 24.41 9.84 -1.49
N GLN G 108 23.83 10.98 -1.16
CA GLN G 108 22.41 11.07 -1.32
C GLN G 108 21.99 11.03 -2.76
N MET G 109 22.74 11.71 -3.66
CA MET G 109 22.24 11.62 -5.01
C MET G 109 22.48 10.23 -5.51
N HIS G 110 23.53 9.55 -5.04
CA HIS G 110 23.75 8.21 -5.52
C HIS G 110 22.50 7.41 -5.28
N GLU G 111 21.97 7.45 -4.06
CA GLU G 111 20.80 6.62 -3.82
C GLU G 111 19.65 6.98 -4.74
N ASP G 112 19.44 8.27 -5.00
CA ASP G 112 18.37 8.65 -5.91
C ASP G 112 18.64 8.30 -7.37
N ILE G 113 19.90 8.30 -7.78
CA ILE G 113 20.23 7.94 -9.15
C ILE G 113 19.90 6.48 -9.33
N ILE G 114 20.26 5.66 -8.35
CA ILE G 114 20.03 4.22 -8.43
C ILE G 114 18.54 3.94 -8.38
N SER G 115 17.85 4.61 -7.48
CA SER G 115 16.43 4.42 -7.32
C SER G 115 15.68 4.76 -8.59
N LEU G 116 16.00 5.90 -9.21
CA LEU G 116 15.28 6.22 -10.42
C LEU G 116 15.60 5.27 -11.52
N TRP G 117 16.87 4.92 -11.68
CA TRP G 117 17.25 4.01 -12.72
C TRP G 117 16.45 2.73 -12.61
N ASP G 118 16.43 2.17 -11.41
CA ASP G 118 15.76 0.91 -11.24
C ASP G 118 14.26 1.06 -11.36
N GLN G 119 13.70 2.12 -10.79
CA GLN G 119 12.25 2.28 -10.81
C GLN G 119 11.75 2.49 -12.23
N SER G 120 12.55 3.17 -13.04
CA SER G 120 12.19 3.45 -14.42
C SER G 120 12.16 2.17 -15.22
N LEU G 121 13.04 1.24 -14.90
CA LEU G 121 13.12 -0.03 -15.61
C LEU G 121 12.12 -1.07 -15.11
N LYS G 122 11.64 -0.95 -13.87
CA LYS G 122 10.70 -1.95 -13.38
C LYS G 122 9.48 -2.20 -14.28
N PRO G 123 8.67 -1.19 -14.70
CA PRO G 123 7.48 -1.40 -15.53
C PRO G 123 7.79 -1.55 -17.02
N CYS G 124 8.58 -2.59 -17.36
CA CYS G 124 9.09 -2.87 -18.71
C CYS G 124 9.15 -4.38 -18.94
N VAL G 125 9.50 -4.76 -20.16
CA VAL G 125 9.56 -6.15 -20.58
C VAL G 125 10.69 -6.95 -19.96
N LYS G 126 10.34 -8.10 -19.42
CA LYS G 126 11.36 -8.96 -18.83
C LYS G 126 11.85 -9.87 -19.93
N LEU G 127 13.11 -10.22 -19.92
CA LEU G 127 13.63 -11.13 -20.92
C LEU G 127 13.86 -12.52 -20.38
N THR G 128 13.28 -12.82 -19.25
CA THR G 128 13.38 -14.12 -18.65
C THR G 128 13.20 -15.28 -19.68
N PRO G 129 12.15 -15.30 -20.56
CA PRO G 129 11.90 -16.36 -21.53
C PRO G 129 12.97 -16.47 -22.61
N LEU G 130 13.91 -15.53 -22.66
CA LEU G 130 14.98 -15.62 -23.64
C LEU G 130 16.17 -16.46 -23.19
N CYS G 131 16.18 -16.98 -21.95
CA CYS G 131 17.26 -17.81 -21.41
C CYS G 131 17.12 -19.22 -21.98
N VAL G 132 17.43 -19.33 -23.25
CA VAL G 132 17.34 -20.55 -24.03
C VAL G 132 18.66 -20.81 -24.71
N THR G 133 18.86 -22.04 -25.17
CA THR G 133 20.08 -22.33 -25.91
C THR G 133 20.07 -21.54 -27.19
N LEU G 134 21.20 -20.91 -27.52
CA LEU G 134 21.37 -20.17 -28.75
C LEU G 134 22.39 -20.91 -29.65
N ASN G 135 22.27 -20.85 -31.01
CA ASN G 135 23.25 -21.44 -31.95
C ASN G 135 24.51 -20.54 -32.17
N CYS G 136 24.30 -19.21 -32.28
CA CYS G 136 25.28 -18.12 -32.46
C CYS G 136 26.41 -18.39 -33.48
N THR G 137 26.03 -18.51 -34.75
CA THR G 137 26.99 -18.75 -35.84
C THR G 137 27.53 -17.39 -36.34
N ASN G 138 28.56 -17.35 -37.22
CA ASN G 138 29.14 -16.07 -37.70
C ASN G 138 28.16 -15.30 -38.59
N ALA G 139 27.74 -14.07 -38.16
CA ALA G 139 26.77 -13.19 -38.86
C ALA G 139 27.43 -12.43 -40.00
N THR G 140 26.72 -12.20 -41.11
CA THR G 140 27.30 -11.41 -42.20
C THR G 140 26.52 -10.14 -42.50
N ALA G 141 27.19 -8.99 -42.32
CA ALA G 141 26.58 -7.68 -42.60
C ALA G 141 26.53 -7.39 -44.08
N SER G 142 27.61 -7.76 -44.75
CA SER G 142 27.78 -7.56 -46.16
C SER G 142 28.94 -8.40 -46.62
N ASN G 143 28.84 -9.02 -47.79
CA ASN G 143 29.95 -9.79 -48.32
C ASN G 143 30.47 -10.85 -47.33
N SER G 144 31.68 -10.64 -46.83
CA SER G 144 32.40 -11.54 -45.93
C SER G 144 31.82 -11.65 -44.50
N SER G 145 31.97 -12.84 -43.89
CA SER G 145 31.49 -13.21 -42.55
C SER G 145 32.50 -12.96 -41.43
N ILE G 146 33.49 -12.17 -41.78
CA ILE G 146 34.63 -11.76 -40.97
C ILE G 146 34.37 -10.88 -39.75
N ILE G 147 33.14 -10.42 -39.52
CA ILE G 147 32.93 -9.62 -38.33
C ILE G 147 32.86 -10.55 -37.14
N GLU G 148 33.87 -10.48 -36.27
CA GLU G 148 33.89 -11.41 -35.15
C GLU G 148 32.85 -11.07 -34.12
N GLY G 149 32.65 -9.77 -33.93
CA GLY G 149 31.78 -9.27 -32.89
C GLY G 149 30.34 -9.75 -32.94
N MET G 150 29.77 -9.95 -34.13
CA MET G 150 28.37 -10.36 -34.19
C MET G 150 28.13 -11.82 -34.54
N LYS G 151 27.22 -12.41 -33.78
CA LYS G 151 26.83 -13.78 -34.03
C LYS G 151 25.33 -13.85 -34.33
N ASN G 152 24.95 -14.73 -35.26
CA ASN G 152 23.58 -15.01 -35.68
C ASN G 152 23.05 -16.16 -34.84
N CYS G 153 22.25 -15.81 -33.80
CA CYS G 153 21.79 -16.73 -32.79
C CYS G 153 20.36 -17.12 -33.10
N SER G 154 20.15 -18.40 -33.28
CA SER G 154 18.82 -18.89 -33.54
C SER G 154 18.43 -19.66 -32.33
N PHE G 155 17.14 -19.66 -32.03
CA PHE G 155 16.61 -20.34 -30.88
C PHE G 155 15.10 -20.62 -30.92
N ASN G 156 14.64 -21.57 -30.07
CA ASN G 156 13.23 -21.94 -29.87
C ASN G 156 12.67 -21.20 -28.65
N ILE G 157 11.76 -20.20 -28.86
CA ILE G 157 11.19 -19.35 -27.79
C ILE G 157 9.67 -19.36 -27.77
N THR G 158 9.10 -19.40 -26.58
CA THR G 158 7.65 -19.39 -26.38
C THR G 158 7.10 -18.06 -26.85
N THR G 159 5.98 -18.09 -27.55
CA THR G 159 5.36 -16.86 -28.05
C THR G 159 4.18 -16.41 -27.20
N GLU G 160 3.37 -15.50 -27.74
CA GLU G 160 2.28 -14.89 -26.99
C GLU G 160 1.24 -15.92 -26.50
N LEU G 161 1.08 -17.04 -27.20
CA LEU G 161 0.20 -18.05 -26.66
C LEU G 161 1.10 -19.05 -25.98
N ARG G 162 0.67 -19.51 -24.82
CA ARG G 162 1.45 -20.40 -23.98
C ARG G 162 1.67 -21.81 -24.53
N ASP G 163 0.87 -22.21 -25.50
CA ASP G 163 0.97 -23.51 -26.11
C ASP G 163 1.60 -23.46 -27.48
N LYS G 164 2.21 -22.33 -27.84
CA LYS G 164 2.85 -22.22 -29.13
C LYS G 164 4.29 -21.78 -28.96
N ARG G 165 5.17 -22.35 -29.76
CA ARG G 165 6.57 -21.98 -29.71
C ARG G 165 7.06 -21.74 -31.11
N GLU G 166 7.99 -20.81 -31.27
CA GLU G 166 8.53 -20.49 -32.58
C GLU G 166 10.05 -20.44 -32.66
N LYS G 167 10.58 -20.72 -33.84
CA LYS G 167 12.00 -20.57 -34.07
C LYS G 167 12.25 -19.13 -34.53
N LYS G 168 13.08 -18.45 -33.76
CA LYS G 168 13.40 -17.06 -33.96
C LYS G 168 14.89 -16.83 -33.99
N ASN G 169 15.31 -15.69 -34.50
CA ASN G 169 16.73 -15.38 -34.44
C ASN G 169 16.96 -13.90 -34.29
N ALA G 170 18.16 -13.58 -33.84
CA ALA G 170 18.62 -12.20 -33.65
C ALA G 170 20.14 -12.17 -33.65
N LEU G 171 20.71 -11.00 -33.86
CA LEU G 171 22.15 -10.94 -33.81
C LEU G 171 22.58 -10.40 -32.44
N PHE G 172 23.62 -11.01 -31.89
CA PHE G 172 24.17 -10.62 -30.61
C PHE G 172 25.65 -10.34 -30.67
N TYR G 173 26.10 -9.48 -29.78
CA TYR G 173 27.51 -9.18 -29.66
C TYR G 173 28.21 -10.26 -28.89
N LYS G 174 29.48 -10.52 -29.21
CA LYS G 174 30.25 -11.50 -28.44
C LYS G 174 30.27 -11.19 -26.96
N LEU G 175 30.32 -9.92 -26.63
CA LEU G 175 30.43 -9.49 -25.24
C LEU G 175 29.15 -9.72 -24.44
N ASP G 176 28.05 -10.01 -25.12
CA ASP G 176 26.77 -10.28 -24.50
C ASP G 176 26.45 -11.77 -24.34
N ILE G 177 27.29 -12.67 -24.88
CA ILE G 177 26.97 -14.09 -24.80
C ILE G 177 28.11 -14.92 -24.24
N VAL G 178 27.78 -16.09 -23.73
CA VAL G 178 28.76 -17.02 -23.22
C VAL G 178 28.59 -18.42 -23.76
N GLN G 179 29.72 -19.07 -24.04
CA GLN G 179 29.71 -20.43 -24.53
C GLN G 179 29.45 -21.40 -23.39
N LEU G 180 28.45 -22.25 -23.59
CA LEU G 180 28.02 -23.22 -22.59
C LEU G 180 28.86 -24.47 -22.53
N ASP G 181 29.36 -24.87 -23.68
CA ASP G 181 30.11 -26.10 -23.82
C ASP G 181 31.16 -25.89 -24.91
N GLY G 182 32.43 -25.95 -24.55
CA GLY G 182 33.46 -25.59 -25.49
C GLY G 182 33.39 -26.35 -26.79
N ASN G 183 33.32 -25.58 -27.88
CA ASN G 183 33.26 -26.05 -29.26
C ASN G 183 31.98 -26.83 -29.63
N SER G 184 30.94 -26.75 -28.81
CA SER G 184 29.67 -27.44 -29.12
C SER G 184 28.63 -26.51 -29.75
N SER G 185 29.01 -25.26 -29.95
CA SER G 185 28.15 -24.22 -30.51
C SER G 185 26.83 -24.02 -29.77
N GLN G 186 26.89 -24.03 -28.46
CA GLN G 186 25.71 -23.79 -27.63
C GLN G 186 26.02 -22.59 -26.76
N TYR G 187 25.21 -21.56 -26.88
CA TYR G 187 25.40 -20.30 -26.17
C TYR G 187 24.21 -19.83 -25.36
N ARG G 188 24.48 -18.99 -24.38
CA ARG G 188 23.42 -18.33 -23.64
C ARG G 188 23.77 -16.89 -23.39
N LEU G 189 22.78 -16.11 -22.96
CA LEU G 189 23.06 -14.74 -22.63
C LEU G 189 23.86 -14.76 -21.33
N ILE G 190 24.83 -13.87 -21.21
CA ILE G 190 25.72 -13.87 -20.04
C ILE G 190 25.10 -13.71 -18.67
N ASN G 191 23.96 -13.05 -18.56
CA ASN G 191 23.40 -12.91 -17.22
C ASN G 191 22.33 -13.94 -16.81
N CYS G 192 22.05 -14.98 -17.66
CA CYS G 192 21.08 -16.07 -17.39
C CYS G 192 21.70 -17.05 -16.42
N ASN G 193 22.96 -16.79 -16.12
CA ASN G 193 23.75 -17.51 -15.16
C ASN G 193 23.28 -17.18 -13.72
N THR G 194 22.92 -15.88 -13.44
CA THR G 194 22.57 -15.39 -12.09
C THR G 194 21.24 -14.67 -11.90
N SER G 195 20.67 -14.02 -12.92
CA SER G 195 19.46 -13.24 -12.70
C SER G 195 18.65 -12.92 -13.94
N ALA G 196 17.60 -12.16 -13.74
CA ALA G 196 16.77 -11.71 -14.84
C ALA G 196 17.43 -10.53 -15.54
N ILE G 197 17.14 -10.37 -16.82
CA ILE G 197 17.62 -9.23 -17.56
C ILE G 197 16.38 -8.45 -17.94
N THR G 198 16.34 -7.17 -17.63
CA THR G 198 15.15 -6.39 -18.00
C THR G 198 15.42 -5.55 -19.21
N GLN G 199 14.52 -5.57 -20.17
CA GLN G 199 14.66 -4.74 -21.34
C GLN G 199 14.15 -3.38 -21.05
N ALA G 200 14.95 -2.38 -21.31
CA ALA G 200 14.51 -1.03 -21.07
C ALA G 200 13.37 -0.71 -22.04
N CYS G 201 12.38 0.08 -21.60
CA CYS G 201 11.27 0.54 -22.43
C CYS G 201 11.81 1.52 -23.51
N PRO G 202 11.51 1.31 -24.79
CA PRO G 202 12.01 2.09 -25.92
C PRO G 202 11.51 3.52 -25.93
N LYS G 203 10.44 3.77 -25.19
CA LYS G 203 9.83 5.09 -25.11
C LYS G 203 10.42 5.93 -23.99
N VAL G 204 11.27 5.32 -23.16
CA VAL G 204 11.77 6.00 -21.99
C VAL G 204 13.17 6.55 -22.18
N SER G 205 13.29 7.86 -21.99
CA SER G 205 14.58 8.50 -22.15
C SER G 205 15.32 8.70 -20.85
N PHE G 206 16.57 8.25 -20.87
CA PHE G 206 17.43 8.38 -19.71
C PHE G 206 18.44 9.49 -19.92
N GLU G 207 18.23 10.29 -20.98
CA GLU G 207 19.14 11.36 -21.31
C GLU G 207 19.31 12.26 -20.09
N PRO G 208 20.53 12.53 -19.61
CA PRO G 208 20.79 13.40 -18.49
C PRO G 208 20.29 14.81 -18.78
N ILE G 209 19.68 15.44 -17.78
CA ILE G 209 19.22 16.80 -17.92
C ILE G 209 19.81 17.44 -16.69
N PRO G 210 20.04 18.74 -16.60
CA PRO G 210 20.61 19.33 -15.41
C PRO G 210 19.66 19.22 -14.25
N ILE G 211 20.18 18.81 -13.12
CA ILE G 211 19.44 18.70 -11.88
C ILE G 211 19.95 19.61 -10.81
N HIS G 212 19.05 20.33 -10.16
CA HIS G 212 19.43 21.21 -9.08
C HIS G 212 18.97 20.61 -7.77
N TYR G 213 19.83 20.54 -6.75
CA TYR G 213 19.33 20.04 -5.48
C TYR G 213 18.99 21.22 -4.60
N CYS G 214 17.81 21.20 -3.92
CA CYS G 214 17.30 22.32 -3.11
C CYS G 214 17.05 21.94 -1.66
N ALA G 215 17.42 22.85 -0.75
CA ALA G 215 17.22 22.62 0.68
C ALA G 215 15.76 22.75 1.11
N PRO G 216 15.30 21.99 2.11
CA PRO G 216 14.03 22.12 2.81
C PRO G 216 14.08 23.30 3.76
N ALA G 217 12.92 23.82 4.14
CA ALA G 217 12.93 24.89 5.13
C ALA G 217 13.61 24.39 6.39
N GLY G 218 14.40 25.26 7.01
CA GLY G 218 15.15 24.94 8.20
C GLY G 218 16.60 24.59 7.87
N PHE G 219 16.87 24.42 6.58
CA PHE G 219 18.18 24.09 6.04
C PHE G 219 18.68 25.05 4.99
N ALA G 220 19.98 25.05 4.82
CA ALA G 220 20.59 25.90 3.81
C ALA G 220 21.77 25.24 3.16
N ILE G 221 22.07 25.62 1.92
CA ILE G 221 23.26 25.07 1.31
C ILE G 221 24.28 26.17 1.19
N LEU G 222 25.44 25.91 1.73
CA LEU G 222 26.48 26.90 1.65
C LEU G 222 27.37 26.56 0.50
N LYS G 223 27.78 27.56 -0.24
CA LYS G 223 28.63 27.36 -1.39
C LYS G 223 30.00 28.05 -1.22
N CYS G 224 31.08 27.32 -1.56
CA CYS G 224 32.47 27.77 -1.54
C CYS G 224 32.78 28.47 -2.88
N ASN G 225 33.26 29.69 -2.80
CA ASN G 225 33.59 30.45 -3.99
C ASN G 225 35.11 30.67 -4.25
N ASN G 226 35.97 29.81 -3.65
CA ASN G 226 37.42 29.83 -3.77
C ASN G 226 37.89 28.91 -4.91
N LYS G 227 38.45 29.52 -5.98
CA LYS G 227 38.91 28.85 -7.21
C LYS G 227 40.11 27.95 -6.94
N THR G 228 40.76 28.12 -5.80
CA THR G 228 41.92 27.35 -5.40
C THR G 228 41.58 26.52 -4.18
N PHE G 229 40.29 26.25 -3.95
CA PHE G 229 39.89 25.47 -2.80
C PHE G 229 40.56 24.10 -2.65
N THR G 230 40.63 23.32 -3.74
CA THR G 230 41.23 21.95 -3.80
C THR G 230 40.41 20.81 -3.19
N GLY G 231 39.24 21.11 -2.67
CA GLY G 231 38.33 20.09 -2.13
C GLY G 231 38.22 19.97 -0.62
N THR G 232 39.23 20.39 0.12
CA THR G 232 39.11 20.32 1.57
C THR G 232 39.67 21.55 2.24
N GLY G 233 39.12 21.85 3.40
CA GLY G 233 39.65 22.92 4.22
C GLY G 233 38.71 24.11 4.23
N PRO G 234 39.12 25.21 4.85
CA PRO G 234 38.33 26.39 4.97
C PRO G 234 38.24 27.11 3.65
N CYS G 235 37.11 27.81 3.44
CA CYS G 235 36.87 28.73 2.36
C CYS G 235 36.62 30.03 3.06
N ASN G 236 37.28 31.08 2.61
CA ASN G 236 37.08 32.40 3.23
C ASN G 236 36.12 33.34 2.46
N ASN G 237 35.44 32.79 1.45
CA ASN G 237 34.46 33.44 0.57
C ASN G 237 33.32 32.43 0.36
N VAL G 238 32.24 32.58 1.13
CA VAL G 238 31.09 31.67 1.22
C VAL G 238 29.79 32.39 0.98
N SER G 239 28.93 31.80 0.17
CA SER G 239 27.62 32.36 -0.10
C SER G 239 26.54 31.35 0.20
N THR G 240 25.34 31.84 0.46
CA THR G 240 24.23 30.93 0.73
C THR G 240 23.24 30.86 -0.40
N VAL G 241 22.87 29.64 -0.75
CA VAL G 241 21.91 29.43 -1.80
C VAL G 241 20.80 28.50 -1.33
N GLN G 242 19.68 28.55 -2.04
CA GLN G 242 18.61 27.60 -1.79
C GLN G 242 18.82 26.29 -2.57
N CYS G 243 19.34 26.39 -3.81
CA CYS G 243 19.54 25.32 -4.77
C CYS G 243 20.97 25.36 -5.30
N THR G 244 21.48 24.18 -5.63
CA THR G 244 22.81 24.04 -6.23
C THR G 244 22.70 24.39 -7.69
N HIS G 245 23.84 24.51 -8.36
CA HIS G 245 23.84 24.71 -9.79
C HIS G 245 23.35 23.42 -10.39
N GLY G 246 22.96 23.45 -11.65
CA GLY G 246 22.47 22.21 -12.20
C GLY G 246 23.62 21.30 -12.55
N ILE G 247 23.45 20.02 -12.24
CA ILE G 247 24.39 19.00 -12.60
C ILE G 247 23.72 17.95 -13.45
N LYS G 248 24.26 17.66 -14.61
CA LYS G 248 23.68 16.60 -15.40
C LYS G 248 24.18 15.28 -14.84
N PRO G 249 23.34 14.28 -14.59
CA PRO G 249 23.70 12.98 -14.07
C PRO G 249 24.32 12.10 -15.15
N VAL G 250 25.49 12.52 -15.62
CA VAL G 250 26.21 11.82 -16.65
C VAL G 250 27.04 10.73 -16.03
N VAL G 251 26.94 9.53 -16.57
CA VAL G 251 27.67 8.40 -16.04
C VAL G 251 28.72 7.96 -17.04
N SER G 252 29.95 7.91 -16.59
CA SER G 252 31.10 7.54 -17.38
C SER G 252 32.21 6.98 -16.52
N THR G 253 33.21 6.42 -17.18
CA THR G 253 34.42 5.97 -16.50
C THR G 253 35.64 6.64 -17.09
N GLN G 254 36.73 6.69 -16.32
CA GLN G 254 38.04 7.20 -16.74
C GLN G 254 38.05 8.70 -17.03
N LEU G 255 37.28 9.13 -17.98
CA LEU G 255 37.18 10.53 -18.26
C LEU G 255 35.85 11.05 -17.80
N LEU G 256 35.90 12.25 -17.24
CA LEU G 256 34.73 12.94 -16.74
C LEU G 256 34.18 13.77 -17.88
N LEU G 257 32.95 13.49 -18.26
CA LEU G 257 32.33 14.17 -19.37
C LEU G 257 31.21 15.11 -18.96
N ASN G 258 31.04 16.21 -19.72
CA ASN G 258 29.97 17.22 -19.69
C ASN G 258 29.78 17.90 -18.31
N GLY G 259 30.88 18.17 -17.57
CA GLY G 259 30.84 18.87 -16.29
C GLY G 259 31.17 20.34 -16.50
N SER G 260 31.36 21.03 -15.41
CA SER G 260 31.72 22.43 -15.46
C SER G 260 33.24 22.53 -15.55
N LEU G 261 33.76 23.69 -15.91
CA LEU G 261 35.22 23.87 -15.95
C LEU G 261 35.74 24.64 -14.77
N ALA G 262 37.00 24.38 -14.44
CA ALA G 262 37.67 25.06 -13.33
C ALA G 262 37.74 26.55 -13.59
N GLU G 263 37.53 27.36 -12.54
CA GLU G 263 37.60 28.81 -12.64
C GLU G 263 38.99 29.34 -12.95
N GLY G 264 40.00 28.69 -12.40
CA GLY G 264 41.38 29.05 -12.53
C GLY G 264 42.09 28.02 -13.38
N GLU G 265 43.27 27.62 -12.95
CA GLU G 265 44.09 26.65 -13.64
C GLU G 265 43.63 25.25 -13.28
N ILE G 266 44.27 24.23 -13.85
CA ILE G 266 43.80 22.88 -13.61
C ILE G 266 43.94 22.55 -12.13
N ILE G 267 42.86 22.04 -11.56
CA ILE G 267 42.85 21.76 -10.15
C ILE G 267 42.92 20.28 -9.91
N ILE G 268 43.89 19.87 -9.13
CA ILE G 268 44.02 18.47 -8.84
C ILE G 268 43.50 18.28 -7.43
N ARG G 269 42.42 17.53 -7.30
CA ARG G 269 41.79 17.35 -6.00
C ARG G 269 41.86 15.92 -5.54
N SER G 270 42.43 15.71 -4.38
CA SER G 270 42.52 14.36 -3.85
C SER G 270 42.59 14.38 -2.36
N GLU G 271 42.20 13.29 -1.76
CA GLU G 271 42.34 13.14 -0.33
C GLU G 271 43.70 12.54 -0.09
N ASN G 272 44.51 13.11 0.80
CA ASN G 272 45.81 12.49 1.11
C ASN G 272 46.56 12.10 -0.16
N ILE G 273 46.85 13.08 -1.02
CA ILE G 273 47.44 12.84 -2.33
C ILE G 273 48.71 12.03 -2.32
N THR G 274 49.43 12.04 -1.21
CA THR G 274 50.67 11.32 -1.11
C THR G 274 50.47 9.81 -1.01
N ASP G 275 49.24 9.36 -0.74
CA ASP G 275 48.94 7.94 -0.67
C ASP G 275 48.63 7.37 -2.07
N ASN G 276 48.81 6.06 -2.24
CA ASN G 276 48.48 5.38 -3.51
C ASN G 276 47.13 4.68 -3.40
N GLY G 277 46.52 4.78 -2.23
CA GLY G 277 45.22 4.18 -1.94
C GLY G 277 44.08 5.15 -2.25
N LYS G 278 44.40 6.30 -2.79
CA LYS G 278 43.42 7.32 -3.07
C LYS G 278 43.34 7.68 -4.54
N THR G 279 42.13 8.00 -4.98
CA THR G 279 41.85 8.42 -6.35
C THR G 279 42.01 9.92 -6.50
N ILE G 280 42.58 10.34 -7.61
CA ILE G 280 42.81 11.74 -7.91
C ILE G 280 41.86 12.27 -8.96
N LEU G 281 41.15 13.35 -8.65
CA LEU G 281 40.25 13.91 -9.63
C LEU G 281 40.88 15.16 -10.23
N VAL G 282 41.06 15.14 -11.54
CA VAL G 282 41.67 16.28 -12.19
C VAL G 282 40.61 17.06 -12.91
N HIS G 283 40.48 18.32 -12.52
CA HIS G 283 39.46 19.16 -13.08
C HIS G 283 40.08 20.16 -14.03
N LEU G 284 39.75 20.03 -15.30
CA LEU G 284 40.35 20.84 -16.32
C LEU G 284 39.69 22.21 -16.37
N ASN G 285 40.44 23.24 -16.82
CA ASN G 285 39.95 24.61 -17.02
C ASN G 285 39.49 24.89 -18.48
N GLU G 286 39.67 23.91 -19.40
CA GLU G 286 39.30 23.96 -20.82
C GLU G 286 38.73 22.59 -21.15
N SER G 287 37.72 22.53 -22.01
CA SER G 287 37.17 21.24 -22.40
C SER G 287 37.88 20.68 -23.64
N VAL G 288 38.00 19.36 -23.71
CA VAL G 288 38.55 18.71 -24.90
C VAL G 288 37.39 18.16 -25.69
N LYS G 289 37.31 18.48 -26.98
CA LYS G 289 36.16 17.98 -27.73
C LYS G 289 36.36 16.54 -28.11
N ILE G 290 35.38 15.70 -27.84
CA ILE G 290 35.44 14.31 -28.25
C ILE G 290 34.23 13.91 -29.07
N GLU G 291 34.47 13.27 -30.20
CA GLU G 291 33.36 12.80 -31.04
C GLU G 291 33.45 11.28 -31.17
N CYS G 292 32.32 10.56 -31.00
CA CYS G 292 32.21 9.11 -31.08
C CYS G 292 31.10 8.69 -32.03
N THR G 293 31.35 7.63 -32.79
CA THR G 293 30.32 7.14 -33.69
C THR G 293 30.31 5.65 -33.94
N ARG G 294 29.13 5.19 -34.33
CA ARG G 294 28.87 3.84 -34.80
C ARG G 294 28.39 4.00 -36.24
N PRO G 295 29.30 3.92 -37.23
CA PRO G 295 29.10 4.28 -38.62
C PRO G 295 28.35 3.26 -39.48
N ASN G 296 27.18 2.87 -39.02
CA ASN G 296 26.36 1.95 -39.79
C ASN G 296 24.89 2.07 -39.39
N ASN G 297 23.98 1.56 -40.24
CA ASN G 297 22.53 1.58 -40.05
C ASN G 297 22.01 0.23 -39.55
N LYS G 298 21.62 0.18 -38.25
CA LYS G 298 21.13 -1.03 -37.63
C LYS G 298 19.62 -1.13 -37.84
N THR G 299 19.17 -2.31 -38.22
CA THR G 299 17.75 -2.58 -38.37
C THR G 299 17.41 -3.64 -37.36
N ARG G 300 16.31 -3.44 -36.67
CA ARG G 300 15.95 -4.34 -35.59
C ARG G 300 14.62 -4.99 -35.81
N THR G 301 14.48 -6.15 -35.20
CA THR G 301 13.26 -6.91 -35.20
C THR G 301 12.57 -6.85 -33.88
N SER G 302 11.40 -7.46 -33.82
CA SER G 302 10.61 -7.50 -32.60
C SER G 302 10.02 -8.89 -32.41
N ILE G 303 10.43 -9.54 -31.35
CA ILE G 303 9.97 -10.88 -31.06
C ILE G 303 8.99 -10.86 -29.92
N ARG G 304 7.76 -11.26 -30.19
CA ARG G 304 6.74 -11.20 -29.15
C ARG G 304 6.92 -12.39 -28.24
N ILE G 305 6.98 -12.13 -26.94
CA ILE G 305 7.21 -13.14 -25.93
C ILE G 305 6.18 -13.19 -24.81
N GLY G 306 5.04 -12.54 -25.01
CA GLY G 306 4.01 -12.51 -23.99
C GLY G 306 2.88 -11.56 -24.35
N PRO G 307 1.86 -11.42 -23.50
CA PRO G 307 0.66 -10.62 -23.70
C PRO G 307 0.91 -9.13 -23.64
N GLY G 308 1.49 -8.66 -24.74
CA GLY G 308 1.90 -7.27 -24.95
C GLY G 308 3.40 -7.03 -24.73
N GLN G 309 4.19 -8.10 -24.64
CA GLN G 309 5.62 -7.92 -24.40
C GLN G 309 6.47 -8.40 -25.55
N ALA G 310 7.44 -7.60 -25.94
CA ALA G 310 8.33 -8.00 -27.03
C ALA G 310 9.74 -7.56 -26.80
N PHE G 311 10.62 -8.39 -27.32
CA PHE G 311 12.05 -8.22 -27.33
C PHE G 311 12.55 -7.56 -28.58
N TYR G 312 13.33 -6.51 -28.42
CA TYR G 312 13.87 -5.84 -29.58
C TYR G 312 15.28 -6.28 -29.79
N ALA G 313 15.62 -6.56 -31.04
CA ALA G 313 16.97 -7.03 -31.28
C ALA G 313 17.50 -6.78 -32.66
N THR G 314 18.80 -6.76 -32.77
CA THR G 314 19.41 -6.55 -34.06
C THR G 314 19.01 -7.62 -35.05
N GLY G 315 18.57 -7.19 -36.22
CA GLY G 315 18.22 -8.08 -37.30
C GLY G 315 19.40 -8.14 -38.25
N GLN G 316 19.85 -6.95 -38.64
CA GLN G 316 20.98 -6.81 -39.54
C GLN G 316 21.65 -5.43 -39.39
N VAL G 317 22.92 -5.34 -39.75
CA VAL G 317 23.59 -4.05 -39.76
C VAL G 317 24.15 -3.70 -41.13
N ILE G 318 23.74 -2.57 -41.69
CA ILE G 318 24.22 -2.17 -43.01
C ILE G 318 25.13 -0.95 -42.95
N GLY G 319 26.35 -1.08 -43.43
CA GLY G 319 27.25 0.06 -43.35
C GLY G 319 28.67 -0.37 -43.13
N ASP G 320 29.46 0.50 -42.50
CA ASP G 320 30.85 0.25 -42.25
C ASP G 320 30.93 -0.86 -41.22
N ILE G 321 31.55 -1.95 -41.61
CA ILE G 321 31.62 -3.14 -40.78
C ILE G 321 32.54 -3.03 -39.57
N ARG G 322 33.29 -1.94 -39.49
CA ARG G 322 34.22 -1.75 -38.39
C ARG G 322 33.52 -1.31 -37.10
N GLU G 323 34.25 -1.43 -36.00
CA GLU G 323 33.77 -1.10 -34.67
C GLU G 323 33.57 0.39 -34.52
N ALA G 324 33.11 0.81 -33.34
CA ALA G 324 32.83 2.21 -33.12
C ALA G 324 34.14 2.93 -32.95
N TYR G 325 34.16 4.18 -33.33
CA TYR G 325 35.37 4.95 -33.14
C TYR G 325 35.13 6.26 -32.44
N CYS G 326 36.12 6.70 -31.62
CA CYS G 326 36.16 7.99 -30.96
C CYS G 326 37.38 8.76 -31.43
N ASN G 327 37.19 10.06 -31.63
CA ASN G 327 38.22 10.96 -32.12
C ASN G 327 38.46 12.14 -31.16
N ILE G 328 39.71 12.24 -30.69
CA ILE G 328 40.27 13.29 -29.82
C ILE G 328 41.34 14.01 -30.62
N SER G 329 41.29 15.33 -30.73
CA SER G 329 42.34 15.99 -31.52
C SER G 329 43.69 15.71 -30.87
N GLU G 330 44.72 15.45 -31.68
CA GLU G 330 46.00 15.12 -31.07
C GLU G 330 46.64 16.28 -30.38
N SER G 331 46.60 17.45 -31.01
CA SER G 331 47.27 18.56 -30.39
C SER G 331 46.60 18.96 -29.11
N THR G 332 45.29 18.82 -29.06
CA THR G 332 44.59 19.19 -27.86
C THR G 332 44.93 18.24 -26.76
N TRP G 333 44.95 16.93 -27.06
CA TRP G 333 45.25 15.99 -26.01
C TRP G 333 46.64 16.24 -25.44
N ASN G 334 47.64 16.44 -26.31
CA ASN G 334 48.97 16.63 -25.78
C ASN G 334 49.07 17.90 -24.98
N GLU G 335 48.41 18.97 -25.41
CA GLU G 335 48.48 20.18 -24.63
C GLU G 335 47.79 19.98 -23.31
N THR G 336 46.67 19.28 -23.32
CA THR G 336 45.90 19.09 -22.13
C THR G 336 46.70 18.31 -21.13
N LEU G 337 47.34 17.24 -21.59
CA LEU G 337 48.09 16.45 -20.66
C LEU G 337 49.29 17.21 -20.17
N GLY G 338 49.96 17.97 -21.02
CA GLY G 338 51.10 18.72 -20.55
C GLY G 338 50.68 19.69 -19.45
N LYS G 339 49.54 20.35 -19.62
CA LYS G 339 49.05 21.28 -18.61
C LYS G 339 48.74 20.56 -17.30
N VAL G 340 48.19 19.34 -17.38
CA VAL G 340 47.90 18.60 -16.16
C VAL G 340 49.18 18.31 -15.46
N VAL G 341 50.20 17.90 -16.21
CA VAL G 341 51.47 17.58 -15.61
C VAL G 341 52.08 18.80 -14.95
N LYS G 342 52.01 19.96 -15.58
CA LYS G 342 52.59 21.13 -14.95
C LYS G 342 52.02 21.36 -13.55
N GLN G 343 50.73 21.07 -13.35
CA GLN G 343 50.16 21.24 -12.03
C GLN G 343 50.45 20.02 -11.14
N LEU G 344 50.57 18.85 -11.76
CA LEU G 344 50.83 17.60 -11.05
C LEU G 344 52.21 17.65 -10.41
N ARG G 345 53.14 18.34 -11.07
CA ARG G 345 54.52 18.54 -10.62
C ARG G 345 54.60 19.31 -9.32
N LYS G 346 53.52 19.97 -8.92
CA LYS G 346 53.54 20.71 -7.67
C LYS G 346 53.38 19.76 -6.51
N HIS G 347 52.87 18.56 -6.77
CA HIS G 347 52.66 17.59 -5.72
C HIS G 347 53.76 16.58 -5.78
N PHE G 348 54.28 16.38 -6.99
CA PHE G 348 55.32 15.43 -7.23
C PHE G 348 56.47 16.04 -8.03
N PRO G 349 57.24 16.98 -7.46
CA PRO G 349 58.30 17.72 -8.11
C PRO G 349 59.57 16.88 -8.19
N HIS G 350 59.53 15.78 -8.92
CA HIS G 350 60.66 14.88 -8.91
C HIS G 350 61.14 14.47 -10.30
N LYS G 351 61.11 13.17 -10.57
CA LYS G 351 61.49 12.57 -11.85
C LYS G 351 60.27 12.66 -12.75
N ASN G 352 60.48 12.68 -14.10
CA ASN G 352 59.42 12.77 -15.11
C ASN G 352 58.42 11.61 -15.00
N ILE G 353 57.12 11.98 -15.00
CA ILE G 353 55.93 11.14 -14.78
C ILE G 353 55.55 10.26 -15.93
N THR G 354 55.25 9.00 -15.62
CA THR G 354 54.84 8.12 -16.68
C THR G 354 53.35 7.82 -16.61
N PHE G 355 52.72 7.88 -17.76
CA PHE G 355 51.31 7.59 -17.92
C PHE G 355 51.17 6.27 -18.63
N GLN G 356 50.50 5.37 -17.94
CA GLN G 356 50.26 4.02 -18.40
C GLN G 356 48.76 3.77 -18.61
N PRO G 357 48.37 2.77 -19.40
CA PRO G 357 47.02 2.29 -19.59
C PRO G 357 46.49 1.70 -18.32
N SER G 358 45.20 1.44 -18.27
CA SER G 358 44.61 0.87 -17.09
C SER G 358 45.24 -0.48 -16.85
N SER G 359 45.25 -0.90 -15.59
CA SER G 359 45.91 -2.13 -15.15
C SER G 359 45.24 -3.46 -15.45
N GLY G 360 43.94 -3.47 -15.69
CA GLY G 360 43.26 -4.73 -15.95
C GLY G 360 42.07 -4.92 -15.02
N GLY G 361 41.21 -5.86 -15.38
CA GLY G 361 39.99 -6.11 -14.63
C GLY G 361 38.85 -6.23 -15.61
N ASP G 362 37.63 -6.17 -15.13
CA ASP G 362 36.46 -6.28 -15.99
C ASP G 362 36.41 -5.10 -16.94
N LEU G 363 35.79 -5.28 -18.09
CA LEU G 363 35.69 -4.19 -19.04
C LEU G 363 35.05 -2.96 -18.39
N GLU G 364 34.13 -3.15 -17.46
CA GLU G 364 33.46 -2.00 -16.84
C GLU G 364 34.44 -1.07 -16.12
N VAL G 365 35.60 -1.57 -15.73
CA VAL G 365 36.56 -0.77 -15.01
C VAL G 365 37.86 -0.53 -15.78
N THR G 366 38.08 -1.21 -16.92
CA THR G 366 39.32 -0.99 -17.65
C THR G 366 39.20 -0.06 -18.83
N THR G 367 37.98 0.17 -19.32
CA THR G 367 37.78 1.03 -20.48
C THR G 367 36.97 2.26 -20.19
N HIS G 368 36.76 3.08 -21.22
CA HIS G 368 36.01 4.31 -21.10
C HIS G 368 34.59 4.05 -21.50
N SER G 369 33.68 4.09 -20.52
CA SER G 369 32.25 3.80 -20.81
C SER G 369 31.53 5.06 -21.31
N PHE G 370 30.53 4.90 -22.18
CA PHE G 370 29.79 6.06 -22.74
C PHE G 370 28.29 5.81 -22.67
N ASN G 371 27.53 6.74 -22.08
CA ASN G 371 26.04 6.61 -22.10
C ASN G 371 25.54 7.35 -23.34
N CYS G 372 25.97 6.91 -24.53
CA CYS G 372 25.62 7.62 -25.76
C CYS G 372 24.31 7.10 -26.34
N GLY G 373 23.31 7.97 -26.38
CA GLY G 373 22.02 7.55 -26.86
C GLY G 373 21.55 6.39 -26.00
N GLY G 374 21.14 5.32 -26.65
CA GLY G 374 20.67 4.11 -26.00
C GLY G 374 21.70 2.98 -26.04
N GLU G 375 22.92 3.25 -26.48
CA GLU G 375 23.92 2.19 -26.61
C GLU G 375 25.14 2.45 -25.76
N PHE G 376 25.69 1.39 -25.24
CA PHE G 376 26.80 1.52 -24.35
C PHE G 376 28.12 1.23 -25.01
N PHE G 377 28.94 2.26 -25.02
CA PHE G 377 30.24 2.26 -25.62
C PHE G 377 31.29 1.91 -24.60
N TYR G 378 32.19 1.02 -24.99
CA TYR G 378 33.33 0.55 -24.20
C TYR G 378 34.64 0.76 -24.98
N CYS G 379 35.20 1.99 -24.87
CA CYS G 379 36.25 2.52 -25.74
C CYS G 379 37.65 2.39 -25.15
N ASN G 380 38.59 2.02 -25.99
CA ASN G 380 39.98 1.89 -25.56
C ASN G 380 40.56 3.28 -25.31
N THR G 381 41.45 3.44 -24.29
CA THR G 381 42.17 4.69 -24.00
C THR G 381 43.64 4.58 -24.32
N SER G 382 44.05 3.44 -24.84
CA SER G 382 45.45 3.27 -25.18
C SER G 382 45.77 4.34 -26.20
N GLY G 383 46.92 4.95 -26.06
CA GLY G 383 47.34 6.01 -26.95
C GLY G 383 47.11 7.36 -26.29
N LEU G 384 46.31 7.40 -25.24
CA LEU G 384 46.07 8.64 -24.51
C LEU G 384 46.95 8.66 -23.26
N PHE G 385 47.24 7.46 -22.76
CA PHE G 385 47.99 7.27 -21.54
C PHE G 385 49.18 6.37 -21.76
N ASN G 386 50.00 6.73 -22.73
CA ASN G 386 51.21 6.02 -23.08
C ASN G 386 52.32 7.02 -23.33
N SER G 387 52.80 7.65 -22.27
CA SER G 387 53.78 8.72 -22.42
C SER G 387 54.59 9.05 -21.18
N THR G 388 55.69 9.78 -21.37
CA THR G 388 56.50 10.25 -20.25
C THR G 388 56.57 11.79 -20.29
N TRP G 389 56.33 12.45 -19.15
CA TRP G 389 56.31 13.90 -18.99
C TRP G 389 57.12 14.30 -17.75
N ASP G 405 46.17 14.36 -37.75
CA ASP G 405 45.98 15.36 -36.69
C ASP G 405 45.08 14.90 -35.51
N SER G 406 44.41 13.73 -35.63
CA SER G 406 43.49 13.16 -34.64
C SER G 406 43.96 11.82 -34.09
N ILE G 407 43.49 11.52 -32.89
CA ILE G 407 43.73 10.26 -32.24
C ILE G 407 42.47 9.43 -32.35
N THR G 408 42.54 8.29 -33.02
CA THR G 408 41.36 7.47 -33.17
C THR G 408 41.44 6.27 -32.26
N LEU G 409 40.40 6.07 -31.49
CA LEU G 409 40.36 4.98 -30.55
C LEU G 409 39.24 4.00 -30.93
N PRO G 410 39.50 2.69 -31.00
CA PRO G 410 38.54 1.64 -31.32
C PRO G 410 37.64 1.53 -30.13
N CYS G 411 36.34 1.16 -30.35
CA CYS G 411 35.37 1.02 -29.27
C CYS G 411 34.31 -0.07 -29.53
N ARG G 412 34.11 -0.91 -28.50
CA ARG G 412 33.13 -1.98 -28.58
C ARG G 412 31.77 -1.55 -28.04
N ILE G 413 30.73 -2.23 -28.50
CA ILE G 413 29.37 -1.93 -28.07
C ILE G 413 28.74 -3.13 -27.40
N LYS G 414 28.02 -2.90 -26.30
CA LYS G 414 27.30 -3.98 -25.65
C LYS G 414 25.83 -3.64 -25.48
N GLN G 415 24.96 -4.66 -25.53
CA GLN G 415 23.56 -4.41 -25.25
C GLN G 415 23.20 -4.83 -23.83
N ILE G 416 23.95 -5.76 -23.21
CA ILE G 416 23.58 -6.17 -21.86
C ILE G 416 24.56 -5.59 -20.87
N ILE G 417 24.06 -4.75 -19.99
CA ILE G 417 24.93 -4.08 -19.04
C ILE G 417 24.44 -4.21 -17.62
N ASN G 418 25.34 -3.91 -16.69
CA ASN G 418 24.98 -3.82 -15.29
C ASN G 418 25.58 -2.51 -14.82
N MET G 419 24.85 -1.43 -15.02
CA MET G 419 25.39 -0.10 -14.83
C MET G 419 25.90 0.18 -13.45
N TRP G 420 25.20 -0.32 -12.46
CA TRP G 420 25.58 -0.04 -11.08
C TRP G 420 26.23 -1.19 -10.36
N GLN G 421 26.67 -2.21 -11.10
CA GLN G 421 27.34 -3.36 -10.52
C GLN G 421 26.53 -4.00 -9.42
N GLU G 422 25.24 -4.15 -9.65
CA GLU G 422 24.34 -4.75 -8.69
C GLU G 422 24.26 -6.24 -8.95
N VAL G 423 24.35 -7.02 -7.90
CA VAL G 423 24.34 -8.47 -8.04
C VAL G 423 23.05 -8.97 -8.65
N GLY G 424 21.95 -8.38 -8.24
CA GLY G 424 20.63 -8.79 -8.68
C GLY G 424 20.13 -8.10 -9.95
N ARG G 425 20.97 -7.35 -10.67
CA ARG G 425 20.43 -6.65 -11.83
C ARG G 425 21.23 -6.76 -13.11
N ALA G 426 20.47 -6.73 -14.19
CA ALA G 426 21.00 -6.63 -15.53
C ALA G 426 19.98 -5.93 -16.39
N MET G 427 20.46 -5.16 -17.35
CA MET G 427 19.58 -4.47 -18.27
C MET G 427 19.95 -4.75 -19.70
N TYR G 428 18.94 -4.89 -20.53
CA TYR G 428 19.17 -5.02 -21.94
C TYR G 428 18.75 -3.74 -22.62
N ALA G 429 19.64 -3.21 -23.41
CA ALA G 429 19.40 -2.01 -24.14
C ALA G 429 18.85 -2.34 -25.52
N PRO G 430 17.65 -1.88 -25.89
CA PRO G 430 17.11 -2.09 -27.19
C PRO G 430 18.13 -1.42 -28.08
N PRO G 431 18.37 -1.90 -29.29
CA PRO G 431 19.28 -1.33 -30.25
C PRO G 431 18.73 -0.05 -30.83
N ILE G 432 19.63 0.83 -31.25
CA ILE G 432 19.25 2.05 -31.97
C ILE G 432 19.09 1.76 -33.43
N GLN G 433 17.95 2.08 -34.00
CA GLN G 433 17.80 1.86 -35.42
C GLN G 433 18.54 2.97 -36.13
N GLY G 434 19.19 2.65 -37.24
CA GLY G 434 19.94 3.65 -37.98
C GLY G 434 21.33 3.80 -37.36
N ASN G 435 22.02 4.96 -37.61
CA ASN G 435 23.39 5.21 -37.15
C ASN G 435 23.39 6.19 -35.97
N ILE G 436 24.50 6.19 -35.16
CA ILE G 436 24.70 7.10 -34.01
C ILE G 436 26.00 7.90 -34.02
N THR G 437 25.85 9.19 -33.71
CA THR G 437 26.93 10.14 -33.51
C THR G 437 26.69 10.75 -32.12
N CYS G 438 27.74 10.79 -31.28
CA CYS G 438 27.75 11.27 -29.91
C CYS G 438 28.90 12.26 -29.74
N VAL G 439 28.58 13.44 -29.24
CA VAL G 439 29.57 14.49 -29.08
C VAL G 439 29.58 14.97 -27.65
N SER G 440 30.75 15.09 -27.05
CA SER G 440 30.81 15.54 -25.67
C SER G 440 32.07 16.35 -25.29
N ASN G 441 31.99 17.01 -24.12
CA ASN G 441 33.03 17.83 -23.48
C ASN G 441 33.82 17.00 -22.46
N ILE G 442 35.16 16.80 -22.64
CA ILE G 442 35.97 16.10 -21.61
C ILE G 442 36.38 17.21 -20.67
N THR G 443 35.89 17.13 -19.44
CA THR G 443 36.11 18.20 -18.48
C THR G 443 37.02 17.76 -17.37
N GLY G 444 37.36 16.49 -17.33
CA GLY G 444 38.27 16.02 -16.30
C GLY G 444 38.68 14.58 -16.44
N LEU G 445 39.55 14.18 -15.55
CA LEU G 445 40.09 12.83 -15.56
C LEU G 445 40.00 12.17 -14.20
N ILE G 446 39.84 10.86 -14.19
CA ILE G 446 39.93 10.14 -12.93
C ILE G 446 41.22 9.37 -12.99
N LEU G 447 42.17 9.73 -12.15
CA LEU G 447 43.44 9.07 -12.22
C LEU G 447 43.80 8.39 -10.93
N THR G 448 44.54 7.31 -11.04
CA THR G 448 45.05 6.66 -9.86
C THR G 448 46.55 6.66 -10.00
N ARG G 449 47.25 6.47 -8.89
CA ARG G 449 48.70 6.51 -8.88
C ARG G 449 49.27 5.26 -8.22
N ASP G 450 50.45 4.80 -8.70
CA ASP G 450 51.24 3.69 -8.16
C ASP G 450 52.68 3.82 -8.64
N ASN G 455 63.16 7.01 -8.17
CA ASN G 455 62.14 6.48 -9.06
C ASN G 455 61.16 7.63 -9.37
N THR G 456 60.14 7.35 -10.21
CA THR G 456 59.09 8.28 -10.64
C THR G 456 57.73 7.77 -10.29
N GLU G 457 56.74 8.57 -10.61
CA GLU G 457 55.37 8.23 -10.34
C GLU G 457 54.69 7.63 -11.57
N THR G 458 53.82 6.65 -11.34
CA THR G 458 53.04 6.09 -12.44
C THR G 458 51.58 6.39 -12.27
N PHE G 459 50.99 6.94 -13.31
CA PHE G 459 49.57 7.25 -13.29
C PHE G 459 48.85 6.43 -14.31
N ARG G 460 47.61 6.07 -13.96
CA ARG G 460 46.77 5.30 -14.86
C ARG G 460 45.35 5.85 -14.89
N PRO G 461 44.62 5.65 -15.99
CA PRO G 461 43.22 5.95 -16.15
C PRO G 461 42.42 4.85 -15.46
N GLY G 462 42.49 4.87 -14.14
CA GLY G 462 41.84 3.90 -13.30
C GLY G 462 40.49 4.45 -12.90
N GLY G 463 39.98 4.08 -11.75
CA GLY G 463 38.68 4.60 -11.44
C GLY G 463 38.15 4.19 -10.09
N GLY G 464 37.01 4.75 -9.76
CA GLY G 464 36.31 4.54 -8.50
C GLY G 464 34.96 3.85 -8.66
N ASP G 465 34.03 4.30 -7.85
CA ASP G 465 32.67 3.80 -7.67
C ASP G 465 31.59 4.66 -8.33
N MET G 466 32.00 5.52 -9.24
CA MET G 466 31.14 6.47 -9.95
C MET G 466 30.58 7.55 -9.04
N ARG G 467 31.20 7.75 -7.88
CA ARG G 467 30.82 8.86 -7.03
C ARG G 467 31.73 9.98 -7.45
N ASP G 468 32.85 9.61 -8.09
CA ASP G 468 33.84 10.54 -8.60
C ASP G 468 33.19 11.50 -9.57
N ASN G 469 32.22 10.97 -10.29
CA ASN G 469 31.48 11.67 -11.31
C ASN G 469 30.63 12.77 -10.75
N TRP G 470 30.32 12.68 -9.47
CA TRP G 470 29.49 13.66 -8.82
C TRP G 470 30.28 14.51 -7.86
N ARG G 471 31.35 13.94 -7.25
CA ARG G 471 32.17 14.70 -6.31
C ARG G 471 32.83 15.83 -7.05
N SER G 472 33.10 15.60 -8.33
CA SER G 472 33.73 16.58 -9.20
C SER G 472 32.91 17.84 -9.38
N GLU G 473 31.60 17.79 -9.11
CA GLU G 473 30.76 18.98 -9.18
C GLU G 473 30.36 19.40 -7.77
N LEU G 474 30.03 18.42 -6.95
CA LEU G 474 29.59 18.68 -5.58
C LEU G 474 30.73 18.68 -4.61
N TYR G 475 31.64 19.62 -4.82
CA TYR G 475 32.78 19.78 -3.94
C TYR G 475 32.71 21.08 -3.20
N LYS G 476 31.95 22.02 -3.75
CA LYS G 476 31.86 23.34 -3.19
C LYS G 476 30.60 23.53 -2.38
N TYR G 477 29.85 22.46 -2.15
CA TYR G 477 28.62 22.64 -1.40
C TYR G 477 28.63 21.92 -0.07
N LYS G 478 27.99 22.55 0.91
CA LYS G 478 27.78 21.96 2.22
C LYS G 478 26.36 22.16 2.72
N VAL G 479 25.79 21.14 3.36
CA VAL G 479 24.44 21.26 3.90
C VAL G 479 24.46 21.51 5.39
N VAL G 480 23.79 22.57 5.81
CA VAL G 480 23.72 22.89 7.22
C VAL G 480 22.30 23.11 7.66
N LYS G 481 22.08 22.94 8.96
CA LYS G 481 20.78 23.18 9.56
C LYS G 481 20.84 24.46 10.34
N ILE G 482 19.77 25.21 10.30
CA ILE G 482 19.70 26.46 11.00
C ILE G 482 19.37 26.21 12.46
N GLU G 483 20.06 26.90 13.36
CA GLU G 483 19.83 26.80 14.81
C GLU G 483 19.43 28.18 15.40
N PRO G 484 18.15 28.59 15.32
CA PRO G 484 17.61 29.89 15.67
C PRO G 484 17.71 30.32 17.13
N LEU G 485 17.92 29.40 18.06
CA LEU G 485 18.01 29.80 19.45
C LEU G 485 19.40 29.96 19.98
N GLY G 486 19.52 30.91 20.88
CA GLY G 486 20.75 31.11 21.60
C GLY G 486 20.57 32.15 22.68
N VAL G 487 21.62 32.34 23.47
CA VAL G 487 21.58 33.29 24.55
C VAL G 487 22.82 34.17 24.54
N ALA G 488 22.73 35.30 25.21
CA ALA G 488 23.88 36.19 25.38
C ALA G 488 23.64 37.04 26.63
N PRO G 489 24.67 37.56 27.29
CA PRO G 489 24.55 38.47 28.40
C PRO G 489 24.10 39.85 28.00
N THR G 490 23.34 40.46 28.90
CA THR G 490 22.90 41.85 28.83
C THR G 490 22.97 42.59 30.12
N ALA G 491 22.70 43.87 30.04
CA ALA G 491 22.56 44.71 31.23
C ALA G 491 21.16 44.61 31.89
N CYS G 492 20.14 44.19 31.10
CA CYS G 492 18.71 44.13 31.45
C CYS G 492 18.22 42.83 32.10
N LYS G 493 17.61 42.98 33.27
CA LYS G 493 16.98 41.89 34.00
C LYS G 493 15.51 41.87 33.62
N ARG G 494 14.87 40.72 33.66
CA ARG G 494 13.42 40.71 33.44
C ARG G 494 12.76 41.57 34.51
N ARG G 495 11.79 42.38 34.10
CA ARG G 495 11.05 43.21 35.03
C ARG G 495 9.87 42.47 35.60
N VAL G 496 9.51 42.82 36.84
CA VAL G 496 8.34 42.24 37.51
C VAL G 496 7.00 42.67 36.91
N VAL G 497 6.83 43.98 36.59
CA VAL G 497 5.64 44.60 36.00
C VAL G 497 4.43 44.39 36.92
N LEU H 9 22.15 40.31 2.90
CA LEU H 9 21.42 40.85 4.05
C LEU H 9 20.32 39.87 4.54
N GLY H 10 19.54 39.29 3.60
CA GLY H 10 18.41 38.39 3.88
C GLY H 10 18.89 37.04 4.37
N PHE H 11 17.99 36.31 5.01
CA PHE H 11 18.27 34.99 5.54
C PHE H 11 19.58 35.01 6.35
N LEU H 12 20.60 34.30 5.92
CA LEU H 12 21.86 34.24 6.65
C LEU H 12 22.83 35.34 6.29
N GLY H 13 22.41 36.29 5.49
CA GLY H 13 23.30 37.38 5.08
C GLY H 13 23.92 38.11 6.26
N ALA H 14 23.21 38.20 7.38
CA ALA H 14 23.73 38.87 8.57
C ALA H 14 24.56 37.94 9.46
N ALA H 15 24.75 36.69 9.05
CA ALA H 15 25.45 35.72 9.87
C ALA H 15 26.86 36.13 10.27
N GLY H 16 27.57 36.85 9.41
CA GLY H 16 28.93 37.27 9.72
C GLY H 16 29.00 38.62 10.40
N SER H 17 27.84 39.21 10.68
CA SER H 17 27.80 40.50 11.29
C SER H 17 28.06 40.33 12.77
N THR H 18 28.37 41.42 13.43
CA THR H 18 28.63 41.32 14.84
C THR H 18 27.39 41.02 15.59
N MET H 19 27.55 40.61 16.82
CA MET H 19 26.43 40.25 17.67
C MET H 19 25.40 41.37 17.71
N GLY H 20 25.87 42.62 17.86
CA GLY H 20 25.05 43.82 17.91
C GLY H 20 24.32 44.13 16.61
N ALA H 21 25.04 44.12 15.49
CA ALA H 21 24.45 44.40 14.18
C ALA H 21 23.47 43.31 13.76
N ALA H 22 23.82 42.11 14.14
CA ALA H 22 23.03 40.97 13.87
C ALA H 22 21.85 41.10 14.77
N SER H 23 20.80 40.39 14.45
CA SER H 23 19.55 40.43 15.19
C SER H 23 18.62 41.50 14.63
N MET H 24 19.13 42.35 13.72
CA MET H 24 18.20 43.28 13.10
C MET H 24 17.40 42.53 12.04
N THR H 25 17.81 41.29 11.83
CA THR H 25 17.29 40.31 10.92
C THR H 25 16.69 39.11 11.65
N LEU H 26 16.37 39.20 12.95
CA LEU H 26 15.82 38.02 13.63
C LEU H 26 14.51 37.60 13.00
N THR H 27 13.73 38.57 12.53
CA THR H 27 12.45 38.25 11.95
C THR H 27 12.58 37.48 10.68
N VAL H 28 13.61 37.82 9.93
CA VAL H 28 13.81 37.22 8.65
C VAL H 28 14.24 35.80 8.84
N GLN H 29 15.18 35.60 9.73
CA GLN H 29 15.65 34.26 9.91
C GLN H 29 14.54 33.38 10.46
N ALA H 30 13.68 33.92 11.33
CA ALA H 30 12.59 33.14 11.92
C ALA H 30 11.50 32.79 10.90
N ARG H 31 11.14 33.69 9.99
CA ARG H 31 10.05 33.36 9.09
C ARG H 31 10.47 32.32 8.08
N ASN H 32 11.77 32.25 7.83
CA ASN H 32 12.29 31.36 6.81
C ASN H 32 12.44 29.92 7.32
N LEU H 33 12.03 29.68 8.57
CA LEU H 33 12.09 28.35 9.13
C LEU H 33 10.89 27.51 8.70
N LEU H 34 9.80 28.15 8.29
CA LEU H 34 8.63 27.40 7.86
C LEU H 34 8.61 27.38 6.35
N SER H 35 7.91 26.41 5.77
CA SER H 35 7.84 26.29 4.31
C SER H 35 6.89 27.33 3.67
N GLY H 36 7.30 28.61 3.75
CA GLY H 36 6.58 29.79 3.29
C GLY H 36 6.49 30.81 4.41
N ASP H 57 3.50 11.38 -5.43
CA ASP H 57 3.24 10.57 -6.61
C ASP H 57 3.59 9.09 -6.35
N THR H 58 4.84 8.85 -5.86
CA THR H 58 5.43 7.55 -5.50
C THR H 58 6.35 7.71 -4.31
N HIS H 59 7.22 6.72 -4.08
CA HIS H 59 8.11 6.64 -2.92
C HIS H 59 8.91 7.90 -2.60
N TRP H 60 9.43 8.60 -3.61
CA TRP H 60 10.21 9.79 -3.30
C TRP H 60 9.39 10.82 -2.51
N GLY H 61 8.07 10.77 -2.63
CA GLY H 61 7.20 11.69 -1.96
C GLY H 61 7.14 11.40 -0.47
N ILE H 62 7.53 10.19 -0.07
CA ILE H 62 7.49 9.80 1.32
C ILE H 62 8.67 10.43 1.95
N LYS H 63 9.82 10.36 1.30
CA LYS H 63 10.96 11.01 1.92
C LYS H 63 10.68 12.50 2.10
N GLN H 64 10.00 13.11 1.11
CA GLN H 64 9.69 14.53 1.25
C GLN H 64 8.66 14.76 2.37
N LEU H 65 7.70 13.84 2.53
CA LEU H 65 6.72 13.95 3.59
C LEU H 65 7.38 13.83 4.95
N GLN H 66 8.36 12.92 5.07
CA GLN H 66 9.05 12.75 6.33
C GLN H 66 9.80 14.01 6.68
N ALA H 67 10.41 14.65 5.68
CA ALA H 67 11.13 15.87 5.93
C ALA H 67 10.21 16.97 6.42
N ARG H 68 9.01 17.06 5.86
CA ARG H 68 8.08 18.08 6.30
C ARG H 68 7.63 17.84 7.72
N VAL H 69 7.40 16.58 8.08
CA VAL H 69 6.98 16.30 9.43
C VAL H 69 8.06 16.69 10.42
N LEU H 70 9.31 16.36 10.09
CA LEU H 70 10.39 16.73 10.99
C LEU H 70 10.56 18.23 11.06
N ALA H 71 10.40 18.94 9.94
CA ALA H 71 10.55 20.38 10.01
C ALA H 71 9.55 20.95 11.00
N VAL H 72 8.34 20.40 11.00
CA VAL H 72 7.35 20.87 11.94
C VAL H 72 7.76 20.54 13.35
N GLU H 73 8.23 19.33 13.60
CA GLU H 73 8.63 19.03 14.95
C GLU H 73 9.72 19.95 15.43
N HIS H 74 10.70 20.26 14.59
CA HIS H 74 11.78 21.09 15.05
C HIS H 74 11.27 22.47 15.40
N TYR H 75 10.38 23.00 14.58
CA TYR H 75 9.82 24.30 14.86
C TYR H 75 9.13 24.27 16.20
N LEU H 76 8.30 23.27 16.42
CA LEU H 76 7.56 23.21 17.66
C LEU H 76 8.46 23.00 18.84
N ARG H 77 9.54 22.22 18.73
CA ARG H 77 10.39 22.04 19.89
C ARG H 77 11.01 23.36 20.33
N ASP H 78 11.36 24.23 19.37
CA ASP H 78 11.89 25.52 19.78
C ASP H 78 10.80 26.35 20.43
N GLN H 79 9.57 26.22 19.95
CA GLN H 79 8.47 26.95 20.56
C GLN H 79 8.21 26.43 21.97
N GLN H 80 8.39 25.12 22.19
CA GLN H 80 8.17 24.57 23.52
C GLN H 80 9.19 25.15 24.47
N LEU H 81 10.44 25.32 24.01
CA LEU H 81 11.44 25.91 24.86
C LEU H 81 11.12 27.36 25.19
N LEU H 82 10.66 28.11 24.20
CA LEU H 82 10.33 29.50 24.49
C LEU H 82 9.17 29.54 25.47
N GLY H 83 8.24 28.61 25.34
CA GLY H 83 7.12 28.54 26.25
C GLY H 83 7.57 28.30 27.68
N ILE H 84 8.35 27.24 27.89
CA ILE H 84 8.82 26.91 29.25
C ILE H 84 9.73 27.97 29.84
N TRP H 85 10.44 28.72 29.02
CA TRP H 85 11.30 29.77 29.52
C TRP H 85 10.56 31.10 29.75
N GLY H 86 9.28 31.16 29.38
CA GLY H 86 8.49 32.39 29.47
C GLY H 86 8.76 33.44 28.38
N CYS H 87 9.25 33.02 27.19
CA CYS H 87 9.64 33.86 26.06
C CYS H 87 8.72 33.65 24.86
N SER H 88 7.56 33.07 25.11
CA SER H 88 6.65 32.83 24.03
C SER H 88 6.17 34.15 23.44
N GLY H 89 6.16 34.24 22.12
CA GLY H 89 5.67 35.43 21.46
C GLY H 89 6.71 36.55 21.32
N LYS H 90 7.96 36.31 21.72
CA LYS H 90 8.96 37.36 21.61
C LYS H 90 10.18 36.84 20.86
N LEU H 91 10.88 37.72 20.14
CA LEU H 91 12.12 37.28 19.48
C LEU H 91 13.29 37.58 20.40
N ILE H 92 13.14 38.61 21.23
CA ILE H 92 14.14 39.00 22.21
C ILE H 92 13.43 38.96 23.57
N CYS H 93 13.97 38.19 24.53
CA CYS H 93 13.40 37.96 25.85
C CYS H 93 14.44 37.97 26.97
N THR H 94 14.14 38.65 28.06
CA THR H 94 15.05 38.62 29.18
C THR H 94 14.46 37.75 30.25
N THR H 95 15.33 37.25 31.11
CA THR H 95 14.95 36.43 32.26
C THR H 95 15.53 36.90 33.58
N ASN H 96 15.27 36.11 34.62
CA ASN H 96 15.73 36.40 35.97
C ASN H 96 16.99 35.61 36.34
N VAL H 97 17.55 34.94 35.35
CA VAL H 97 18.76 34.18 35.52
C VAL H 97 19.93 35.12 35.26
N PRO H 98 20.85 35.27 36.20
CA PRO H 98 22.03 36.11 36.11
C PRO H 98 23.01 35.47 35.18
N TRP H 99 23.87 36.26 34.60
CA TRP H 99 24.92 35.71 33.79
C TRP H 99 26.05 35.25 34.69
N ASN H 100 26.52 34.05 34.48
CA ASN H 100 27.63 33.50 35.23
C ASN H 100 28.92 33.77 34.47
N SER H 101 29.86 34.47 35.11
CA SER H 101 31.14 34.84 34.51
C SER H 101 31.95 33.62 34.12
N THR H 102 31.56 32.47 34.64
CA THR H 102 32.13 31.18 34.33
C THR H 102 31.87 30.87 32.88
N TRP H 103 30.65 31.19 32.42
CA TRP H 103 30.27 30.89 31.06
C TRP H 103 31.08 31.77 30.14
N SER H 104 31.20 33.02 30.55
CA SER H 104 32.00 34.01 29.85
C SER H 104 32.33 35.18 30.73
N ASN H 105 33.60 35.55 30.74
CA ASN H 105 34.04 36.69 31.52
C ASN H 105 34.33 37.91 30.67
N LYS H 106 33.80 37.93 29.45
CA LYS H 106 33.97 39.07 28.58
C LYS H 106 32.95 40.12 28.90
N THR H 107 33.26 41.38 28.63
CA THR H 107 32.28 42.42 28.86
C THR H 107 31.39 42.65 27.68
N LEU H 108 30.42 43.53 27.86
CA LEU H 108 29.44 43.75 26.83
C LEU H 108 29.97 44.40 25.58
N SER H 109 30.97 45.27 25.67
CA SER H 109 31.43 45.91 24.46
C SER H 109 32.12 44.91 23.55
N GLU H 110 32.83 43.97 24.13
CA GLU H 110 33.48 42.99 23.28
C GLU H 110 32.44 42.06 22.69
N ILE H 111 31.49 41.66 23.54
CA ILE H 111 30.49 40.75 23.09
C ILE H 111 29.59 41.30 22.03
N TRP H 112 29.10 42.50 22.19
CA TRP H 112 28.18 43.00 21.20
C TRP H 112 28.84 43.70 20.00
N ASP H 113 30.00 44.33 20.15
CA ASP H 113 30.58 45.03 19.02
C ASP H 113 31.68 44.32 18.22
N ASN H 114 32.46 43.42 18.82
CA ASN H 114 33.54 42.81 18.03
C ASN H 114 33.24 41.39 17.59
N MET H 115 32.61 40.63 18.48
CA MET H 115 32.30 39.22 18.25
C MET H 115 31.05 39.01 17.40
N THR H 116 31.02 37.92 16.62
CA THR H 116 29.85 37.53 15.83
C THR H 116 29.07 36.40 16.51
N TRP H 117 27.85 36.11 16.02
CA TRP H 117 27.06 35.01 16.60
C TRP H 117 27.61 33.64 16.31
N LEU H 118 28.32 33.47 15.21
CA LEU H 118 28.87 32.15 14.95
C LEU H 118 29.98 31.89 15.97
N GLN H 119 30.77 32.93 16.25
CA GLN H 119 31.86 32.77 17.19
C GLN H 119 31.35 32.53 18.59
N TRP H 120 30.29 33.25 18.95
CA TRP H 120 29.70 33.14 20.25
C TRP H 120 29.11 31.78 20.47
N ASP H 121 28.42 31.27 19.46
CA ASP H 121 27.82 29.97 19.62
C ASP H 121 28.90 28.96 19.94
N LYS H 122 30.06 29.07 19.29
CA LYS H 122 31.12 28.16 19.63
C LYS H 122 31.69 28.43 21.03
N GLU H 123 31.89 29.71 21.38
CA GLU H 123 32.51 30.05 22.65
C GLU H 123 31.80 29.51 23.87
N ILE H 124 30.48 29.51 23.86
CA ILE H 124 29.76 29.00 25.01
C ILE H 124 28.97 27.75 24.68
N SER H 125 29.42 26.97 23.71
CA SER H 125 28.67 25.79 23.33
C SER H 125 28.51 24.79 24.45
N ASN H 126 29.46 24.74 25.37
CA ASN H 126 29.42 23.76 26.44
C ASN H 126 28.66 24.22 27.66
N TYR H 127 27.99 25.36 27.55
CA TYR H 127 27.18 25.83 28.63
C TYR H 127 25.71 25.91 28.22
N THR H 128 25.39 25.58 26.98
CA THR H 128 24.03 25.78 26.51
C THR H 128 23.00 24.99 27.31
N GLN H 129 23.33 23.77 27.63
CA GLN H 129 22.44 22.87 28.35
C GLN H 129 22.27 23.29 29.81
N ILE H 130 23.19 24.10 30.31
CA ILE H 130 23.15 24.54 31.68
C ILE H 130 22.23 25.72 31.74
N ILE H 131 22.42 26.63 30.79
CA ILE H 131 21.62 27.82 30.77
C ILE H 131 20.19 27.40 30.53
N TYR H 132 19.95 26.51 29.57
CA TYR H 132 18.59 26.11 29.32
C TYR H 132 17.95 25.50 30.56
N GLY H 133 18.67 24.65 31.29
CA GLY H 133 18.08 24.09 32.50
C GLY H 133 17.75 25.17 33.52
N LEU H 134 18.64 26.16 33.66
CA LEU H 134 18.39 27.25 34.58
C LEU H 134 17.21 28.08 34.17
N LEU H 135 17.03 28.30 32.88
CA LEU H 135 15.92 29.09 32.41
C LEU H 135 14.61 28.39 32.76
N GLU H 136 14.57 27.07 32.60
CA GLU H 136 13.34 26.36 32.90
C GLU H 136 13.01 26.43 34.38
N GLU H 137 14.04 26.30 35.23
CA GLU H 137 13.77 26.31 36.65
C GLU H 137 13.36 27.69 37.09
N SER H 138 13.99 28.71 36.53
CA SER H 138 13.69 30.06 36.93
C SER H 138 12.24 30.38 36.60
N GLN H 139 11.77 29.95 35.42
CA GLN H 139 10.39 30.22 35.07
C GLN H 139 9.46 29.48 36.00
N ASN H 140 9.81 28.26 36.41
CA ASN H 140 8.93 27.55 37.31
C ASN H 140 8.85 28.26 38.65
N GLN H 141 9.98 28.79 39.13
CA GLN H 141 9.97 29.48 40.40
C GLN H 141 9.18 30.77 40.31
N GLN H 142 9.27 31.43 39.17
CA GLN H 142 8.52 32.65 39.00
C GLN H 142 7.05 32.35 39.09
N GLU H 143 6.61 31.29 38.41
CA GLU H 143 5.22 30.92 38.40
C GLU H 143 4.74 30.51 39.79
N LYS H 144 5.62 29.85 40.53
CA LYS H 144 5.29 29.44 41.88
C LYS H 144 4.96 30.67 42.70
N ASN H 145 5.76 31.73 42.56
CA ASN H 145 5.53 32.96 43.29
C ASN H 145 4.34 33.76 42.76
N GLU H 146 4.08 33.68 41.46
CA GLU H 146 2.94 34.35 40.84
C GLU H 146 1.60 33.77 41.27
N THR H 147 1.58 32.47 41.46
CA THR H 147 0.35 31.78 41.80
C THR H 147 -0.27 32.35 43.07
N ASP H 148 -1.56 32.63 42.98
CA ASP H 148 -2.34 33.22 44.06
C ASP H 148 -2.71 32.22 45.15
N ASN H 149 -2.12 32.37 46.33
CA ASN H 149 -2.36 31.42 47.42
C ASN H 149 -3.63 31.73 48.20
N LEU H 150 -4.75 31.53 47.52
CA LEU H 150 -6.09 31.73 48.05
C LEU H 150 -6.37 33.11 48.66
N THR H 151 -5.97 34.20 47.98
CA THR H 151 -6.25 35.55 48.52
C THR H 151 -7.73 35.79 48.91
N CYS H 152 -8.69 35.27 48.10
CA CYS H 152 -10.13 35.45 48.22
C CYS H 152 -10.73 34.61 49.38
N ASP H 153 -9.94 33.71 49.94
CA ASP H 153 -10.41 32.82 51.01
C ASP H 153 -11.69 32.13 50.55
#